data_2QG1
# 
_entry.id   2QG1 
# 
_audit_conform.dict_name       mmcif_pdbx.dic 
_audit_conform.dict_version    5.377 
_audit_conform.dict_location   http://mmcif.pdb.org/dictionaries/ascii/mmcif_pdbx.dic 
# 
loop_
_database_2.database_id 
_database_2.database_code 
_database_2.pdbx_database_accession 
_database_2.pdbx_DOI 
PDB   2QG1         pdb_00002qg1 10.2210/pdb2qg1/pdb 
RCSB  RCSB043552   ?            ?                   
WWPDB D_1000043552 ?            ?                   
# 
loop_
_pdbx_database_related.db_name 
_pdbx_database_related.db_id 
_pdbx_database_related.details 
_pdbx_database_related.content_type 
PDB 2HE2 'Crystal structure of the 3rd PDZ domain of human discs large homologue 2, DLG2 (CASP Target)' unspecified 
PDB 1TP3 'PDZ3 domain of PSD-95 protein complexed with KKETPV peptide ligand'                           unspecified 
# 
_pdbx_database_status.status_code                     REL 
_pdbx_database_status.entry_id                        2QG1 
_pdbx_database_status.recvd_initial_deposition_date   2007-06-28 
_pdbx_database_status.deposit_site                    RCSB 
_pdbx_database_status.process_site                    RCSB 
_pdbx_database_status.status_code_sf                  REL 
_pdbx_database_status.status_code_mr                  ? 
_pdbx_database_status.SG_entry                        Y 
_pdbx_database_status.pdb_format_compatible           Y 
_pdbx_database_status.status_code_cs                  ? 
_pdbx_database_status.methods_development_category    ? 
_pdbx_database_status.status_code_nmr_data            ? 
# 
loop_
_audit_author.name 
_audit_author.pdbx_ordinal 
'Papagrigoriou, E.'                    1  
'Salah, E.'                            2  
'Phillips, C.'                         3  
'Savitsky, P.'                         4  
'Boisguerin, P.'                       5  
'Oschkinat, H.'                        6  
'Gileadi, C.'                          7  
'Yang, X.'                             8  
'Elkins, J.M.'                         9  
'Ugochukwu, E.'                        10 
'Bunkoczi, G.'                         11 
'Uppenberg, J.'                        12 
'Sundstrom, M.'                        13 
'Arrowsmith, C.H.'                     14 
'Weigelt, J.'                          15 
'Edwards, A.'                          16 
'von Delft, F.'                        17 
'Doyle, D.'                            18 
'Structural Genomics Consortium (SGC)' 19 
# 
_citation.id                        primary 
_citation.title                     'Crystal structure of the 11th PDZ domain of MPDZ (MUPP1).' 
_citation.journal_abbrev            'To be Published' 
_citation.journal_volume            ? 
_citation.page_first                ? 
_citation.page_last                 ? 
_citation.year                      ? 
_citation.journal_id_ASTM           ? 
_citation.country                   ? 
_citation.journal_id_ISSN           ? 
_citation.journal_id_CSD            0353 
_citation.book_publisher            ? 
_citation.pdbx_database_id_PubMed   ? 
_citation.pdbx_database_id_DOI      ? 
# 
loop_
_citation_author.citation_id 
_citation_author.name 
_citation_author.ordinal 
_citation_author.identifier_ORCID 
primary 'Papagrigoriou, E.' 1  ? 
primary 'Salah, E.'         2  ? 
primary 'Phillips, C.'      3  ? 
primary 'Savitsky, P.'      4  ? 
primary 'Boisguerin, P.'    5  ? 
primary 'Oschkinat, H.'     6  ? 
primary 'Gileadi, C.'       7  ? 
primary 'Yang, X.'          8  ? 
primary 'Elkins, J.M.'      9  ? 
primary 'Ugochukwu, E.'     10 ? 
primary 'Bunkoczi, G.'      11 ? 
primary 'Uppenberg, J.'     12 ? 
primary 'Doyle, D.'         13 ? 
# 
_cell.entry_id           2QG1 
_cell.length_a           33.409 
_cell.length_b           36.919 
_cell.length_c           63.609 
_cell.angle_alpha        90.00 
_cell.angle_beta         90.00 
_cell.angle_gamma        90.00 
_cell.Z_PDB              4 
_cell.pdbx_unique_axis   ? 
_cell.length_a_esd       ? 
_cell.length_b_esd       ? 
_cell.length_c_esd       ? 
_cell.angle_alpha_esd    ? 
_cell.angle_beta_esd     ? 
_cell.angle_gamma_esd    ? 
# 
_symmetry.entry_id                         2QG1 
_symmetry.space_group_name_H-M             'P 21 21 21' 
_symmetry.pdbx_full_space_group_name_H-M   ? 
_symmetry.cell_setting                     ? 
_symmetry.Int_Tables_number                19 
_symmetry.space_group_name_Hall            ? 
# 
loop_
_entity.id 
_entity.type 
_entity.src_method 
_entity.pdbx_description 
_entity.formula_weight 
_entity.pdbx_number_of_molecules 
_entity.pdbx_ec 
_entity.pdbx_mutation 
_entity.pdbx_fragment 
_entity.details 
1 polymer     man 'Multiple PDZ domain protein' 9574.009 1   ? E1727G '11th PDZ domain' ? 
2 non-polymer syn 1,2-ETHANEDIOL                62.068   2   ? ?      ?                 ? 
3 water       nat water                         18.015   120 ? ?      ?                 ? 
# 
_entity_name_com.entity_id   1 
_entity_name_com.name        'Multi-PDZ domain protein 1, MPDZ' 
# 
_entity_poly.entity_id                      1 
_entity_poly.type                           'polypeptide(L)' 
_entity_poly.nstd_linkage                   no 
_entity_poly.nstd_monomer                   no 
_entity_poly.pdbx_seq_one_letter_code       
;SMSDTLTIGLQKKPGKGLGLSIVGKRNDTGVFVSDIVKGGIADADGRLMQGDQILMVNGEDVRNATQEAVAALLKCSLGT
VTLEVGRISTYV
;
_entity_poly.pdbx_seq_one_letter_code_can   
;SMSDTLTIGLQKKPGKGLGLSIVGKRNDTGVFVSDIVKGGIADADGRLMQGDQILMVNGEDVRNATQEAVAALLKCSLGT
VTLEVGRISTYV
;
_entity_poly.pdbx_strand_id                 A 
_entity_poly.pdbx_target_identifier         ? 
# 
loop_
_entity_poly_seq.entity_id 
_entity_poly_seq.num 
_entity_poly_seq.mon_id 
_entity_poly_seq.hetero 
1 1  SER n 
1 2  MET n 
1 3  SER n 
1 4  ASP n 
1 5  THR n 
1 6  LEU n 
1 7  THR n 
1 8  ILE n 
1 9  GLY n 
1 10 LEU n 
1 11 GLN n 
1 12 LYS n 
1 13 LYS n 
1 14 PRO n 
1 15 GLY n 
1 16 LYS n 
1 17 GLY n 
1 18 LEU n 
1 19 GLY n 
1 20 LEU n 
1 21 SER n 
1 22 ILE n 
1 23 VAL n 
1 24 GLY n 
1 25 LYS n 
1 26 ARG n 
1 27 ASN n 
1 28 ASP n 
1 29 THR n 
1 30 GLY n 
1 31 VAL n 
1 32 PHE n 
1 33 VAL n 
1 34 SER n 
1 35 ASP n 
1 36 ILE n 
1 37 VAL n 
1 38 LYS n 
1 39 GLY n 
1 40 GLY n 
1 41 ILE n 
1 42 ALA n 
1 43 ASP n 
1 44 ALA n 
1 45 ASP n 
1 46 GLY n 
1 47 ARG n 
1 48 LEU n 
1 49 MET n 
1 50 GLN n 
1 51 GLY n 
1 52 ASP n 
1 53 GLN n 
1 54 ILE n 
1 55 LEU n 
1 56 MET n 
1 57 VAL n 
1 58 ASN n 
1 59 GLY n 
1 60 GLU n 
1 61 ASP n 
1 62 VAL n 
1 63 ARG n 
1 64 ASN n 
1 65 ALA n 
1 66 THR n 
1 67 GLN n 
1 68 GLU n 
1 69 ALA n 
1 70 VAL n 
1 71 ALA n 
1 72 ALA n 
1 73 LEU n 
1 74 LEU n 
1 75 LYS n 
1 76 CYS n 
1 77 SER n 
1 78 LEU n 
1 79 GLY n 
1 80 THR n 
1 81 VAL n 
1 82 THR n 
1 83 LEU n 
1 84 GLU n 
1 85 VAL n 
1 86 GLY n 
1 87 ARG n 
1 88 ILE n 
1 89 SER n 
1 90 THR n 
1 91 TYR n 
1 92 VAL n 
# 
_entity_src_gen.entity_id                          1 
_entity_src_gen.pdbx_src_id                        1 
_entity_src_gen.pdbx_alt_source_flag               sample 
_entity_src_gen.pdbx_seq_type                      ? 
_entity_src_gen.pdbx_beg_seq_num                   ? 
_entity_src_gen.pdbx_end_seq_num                   ? 
_entity_src_gen.gene_src_common_name               human 
_entity_src_gen.gene_src_genus                     Homo 
_entity_src_gen.pdbx_gene_src_gene                 'MPDZ, MUPP1' 
_entity_src_gen.gene_src_species                   ? 
_entity_src_gen.gene_src_strain                    ? 
_entity_src_gen.gene_src_tissue                    ? 
_entity_src_gen.gene_src_tissue_fraction           ? 
_entity_src_gen.gene_src_details                   ? 
_entity_src_gen.pdbx_gene_src_fragment             ? 
_entity_src_gen.pdbx_gene_src_scientific_name      'Homo sapiens' 
_entity_src_gen.pdbx_gene_src_ncbi_taxonomy_id     9606 
_entity_src_gen.pdbx_gene_src_variant              ? 
_entity_src_gen.pdbx_gene_src_cell_line            ? 
_entity_src_gen.pdbx_gene_src_atcc                 ? 
_entity_src_gen.pdbx_gene_src_organ                ? 
_entity_src_gen.pdbx_gene_src_organelle            ? 
_entity_src_gen.pdbx_gene_src_cell                 ? 
_entity_src_gen.pdbx_gene_src_cellular_location    ? 
_entity_src_gen.host_org_common_name               ? 
_entity_src_gen.pdbx_host_org_scientific_name      'Escherichia coli' 
_entity_src_gen.pdbx_host_org_ncbi_taxonomy_id     562 
_entity_src_gen.host_org_genus                     Escherichia 
_entity_src_gen.pdbx_host_org_gene                 ? 
_entity_src_gen.pdbx_host_org_organ                ? 
_entity_src_gen.host_org_species                   ? 
_entity_src_gen.pdbx_host_org_tissue               ? 
_entity_src_gen.pdbx_host_org_tissue_fraction      ? 
_entity_src_gen.pdbx_host_org_strain               'BL21(DE3)-R3-pRARE2' 
_entity_src_gen.pdbx_host_org_variant              ? 
_entity_src_gen.pdbx_host_org_cell_line            ? 
_entity_src_gen.pdbx_host_org_atcc                 ? 
_entity_src_gen.pdbx_host_org_culture_collection   ? 
_entity_src_gen.pdbx_host_org_cell                 ? 
_entity_src_gen.pdbx_host_org_organelle            ? 
_entity_src_gen.pdbx_host_org_cellular_location    ? 
_entity_src_gen.pdbx_host_org_vector_type          Plasmid 
_entity_src_gen.pdbx_host_org_vector               ? 
_entity_src_gen.host_org_details                   ? 
_entity_src_gen.expression_system_id               ? 
_entity_src_gen.plasmid_name                       pNIC28-Bsa4 
_entity_src_gen.plasmid_details                    ? 
_entity_src_gen.pdbx_description                   ? 
# 
_struct_ref.id                         1 
_struct_ref.db_name                    UNP 
_struct_ref.db_code                    MPDZ_HUMAN 
_struct_ref.pdbx_db_accession          O75970 
_struct_ref.entity_id                  1 
_struct_ref.pdbx_seq_one_letter_code   
;DTLTIELQKKPGKGLGLSIVGKRNDTGVFVSDIVKGGIADADGRLMQGDQILMVNGEDVRNATQEAVAALLKCSLGTVTL
EVGRI
;
_struct_ref.pdbx_align_begin           1722 
_struct_ref.pdbx_db_isoform            ? 
# 
_struct_ref_seq.align_id                      1 
_struct_ref_seq.ref_id                        1 
_struct_ref_seq.pdbx_PDB_id_code              2QG1 
_struct_ref_seq.pdbx_strand_id                A 
_struct_ref_seq.seq_align_beg                 4 
_struct_ref_seq.pdbx_seq_align_beg_ins_code   ? 
_struct_ref_seq.seq_align_end                 88 
_struct_ref_seq.pdbx_seq_align_end_ins_code   ? 
_struct_ref_seq.pdbx_db_accession             O75970 
_struct_ref_seq.db_align_beg                  1722 
_struct_ref_seq.pdbx_db_align_beg_ins_code    ? 
_struct_ref_seq.db_align_end                  1806 
_struct_ref_seq.pdbx_db_align_end_ins_code    ? 
_struct_ref_seq.pdbx_auth_seq_align_beg       1722 
_struct_ref_seq.pdbx_auth_seq_align_end       1806 
# 
loop_
_struct_ref_seq_dif.align_id 
_struct_ref_seq_dif.pdbx_pdb_id_code 
_struct_ref_seq_dif.mon_id 
_struct_ref_seq_dif.pdbx_pdb_strand_id 
_struct_ref_seq_dif.seq_num 
_struct_ref_seq_dif.pdbx_pdb_ins_code 
_struct_ref_seq_dif.pdbx_seq_db_name 
_struct_ref_seq_dif.pdbx_seq_db_accession_code 
_struct_ref_seq_dif.db_mon_id 
_struct_ref_seq_dif.pdbx_seq_db_seq_num 
_struct_ref_seq_dif.details 
_struct_ref_seq_dif.pdbx_auth_seq_num 
_struct_ref_seq_dif.pdbx_ordinal 
1 2QG1 SER A 1  ? UNP O75970 ?   ?    'cloning artifact'    1719 1 
1 2QG1 MET A 2  ? UNP O75970 ?   ?    'cloning artifact'    1720 2 
1 2QG1 SER A 3  ? UNP O75970 ?   ?    'cloning artifact'    1721 3 
1 2QG1 GLY A 9  ? UNP O75970 GLU 1727 'engineered mutation' 1727 4 
1 2QG1 SER A 89 ? UNP O75970 ?   ?    'cloning artifact'    1807 5 
1 2QG1 THR A 90 ? UNP O75970 ?   ?    'cloning artifact'    1808 6 
1 2QG1 TYR A 91 ? UNP O75970 ?   ?    'cloning artifact'    1809 7 
1 2QG1 VAL A 92 ? UNP O75970 ?   ?    'cloning artifact'    1810 8 
# 
loop_
_chem_comp.id 
_chem_comp.type 
_chem_comp.mon_nstd_flag 
_chem_comp.name 
_chem_comp.pdbx_synonyms 
_chem_comp.formula 
_chem_comp.formula_weight 
ALA 'L-peptide linking' y ALANINE         ?                 'C3 H7 N O2'     89.093  
ARG 'L-peptide linking' y ARGININE        ?                 'C6 H15 N4 O2 1' 175.209 
ASN 'L-peptide linking' y ASPARAGINE      ?                 'C4 H8 N2 O3'    132.118 
ASP 'L-peptide linking' y 'ASPARTIC ACID' ?                 'C4 H7 N O4'     133.103 
CYS 'L-peptide linking' y CYSTEINE        ?                 'C3 H7 N O2 S'   121.158 
EDO non-polymer         . 1,2-ETHANEDIOL  'ETHYLENE GLYCOL' 'C2 H6 O2'       62.068  
GLN 'L-peptide linking' y GLUTAMINE       ?                 'C5 H10 N2 O3'   146.144 
GLU 'L-peptide linking' y 'GLUTAMIC ACID' ?                 'C5 H9 N O4'     147.129 
GLY 'peptide linking'   y GLYCINE         ?                 'C2 H5 N O2'     75.067  
HOH non-polymer         . WATER           ?                 'H2 O'           18.015  
ILE 'L-peptide linking' y ISOLEUCINE      ?                 'C6 H13 N O2'    131.173 
LEU 'L-peptide linking' y LEUCINE         ?                 'C6 H13 N O2'    131.173 
LYS 'L-peptide linking' y LYSINE          ?                 'C6 H15 N2 O2 1' 147.195 
MET 'L-peptide linking' y METHIONINE      ?                 'C5 H11 N O2 S'  149.211 
PHE 'L-peptide linking' y PHENYLALANINE   ?                 'C9 H11 N O2'    165.189 
PRO 'L-peptide linking' y PROLINE         ?                 'C5 H9 N O2'     115.130 
SER 'L-peptide linking' y SERINE          ?                 'C3 H7 N O3'     105.093 
THR 'L-peptide linking' y THREONINE       ?                 'C4 H9 N O3'     119.119 
TYR 'L-peptide linking' y TYROSINE        ?                 'C9 H11 N O3'    181.189 
VAL 'L-peptide linking' y VALINE          ?                 'C5 H11 N O2'    117.146 
# 
_exptl.entry_id          2QG1 
_exptl.method            'X-RAY DIFFRACTION' 
_exptl.crystals_number   1 
# 
_exptl_crystal.id                    1 
_exptl_crystal.density_meas          ? 
_exptl_crystal.density_Matthews      2.05 
_exptl_crystal.density_percent_sol   39.96 
_exptl_crystal.description           ? 
_exptl_crystal.F_000                 ? 
_exptl_crystal.preparation           ? 
# 
_exptl_crystal_grow.crystal_id      1 
_exptl_crystal_grow.method          'VAPOR DIFFUSION, SITTING DROP' 
_exptl_crystal_grow.temp            293 
_exptl_crystal_grow.temp_details    ? 
_exptl_crystal_grow.pH              4.0 
_exptl_crystal_grow.pdbx_details    '0.8M (NH4)2SO4, 0.1M Citrate pH 4.0, VAPOR DIFFUSION, SITTING DROP, temperature 293K' 
_exptl_crystal_grow.pdbx_pH_range   . 
# 
_diffrn.id                     1 
_diffrn.ambient_temp           100 
_diffrn.ambient_temp_details   ? 
_diffrn.crystal_id             1 
# 
_diffrn_detector.diffrn_id              1 
_diffrn_detector.detector               CCD 
_diffrn_detector.type                   'MARMOSAIC 225 mm CCD' 
_diffrn_detector.pdbx_collection_date   2007-02-11 
_diffrn_detector.details                ? 
# 
_diffrn_radiation.diffrn_id                        1 
_diffrn_radiation.wavelength_id                    1 
_diffrn_radiation.pdbx_monochromatic_or_laue_m_l   M 
_diffrn_radiation.monochromator                    ? 
_diffrn_radiation.pdbx_diffrn_protocol             'SINGLE WAVELENGTH' 
_diffrn_radiation.pdbx_scattering_type             x-ray 
# 
_diffrn_radiation_wavelength.id           1 
_diffrn_radiation_wavelength.wavelength   0.9182 
_diffrn_radiation_wavelength.wt           1.0 
# 
_diffrn_source.diffrn_id                   1 
_diffrn_source.source                      SYNCHROTRON 
_diffrn_source.type                        'SLS BEAMLINE X10SA' 
_diffrn_source.pdbx_synchrotron_site       SLS 
_diffrn_source.pdbx_synchrotron_beamline   X10SA 
_diffrn_source.pdbx_wavelength             ? 
_diffrn_source.pdbx_wavelength_list        0.9182 
# 
_reflns.entry_id                     2QG1 
_reflns.observed_criterion_sigma_F   0 
_reflns.observed_criterion_sigma_I   0 
_reflns.d_resolution_high            1.4 
_reflns.d_resolution_low             31.80 
_reflns.number_all                   15501 
_reflns.number_obs                   15501 
_reflns.percent_possible_obs         96.6 
_reflns.pdbx_Rmerge_I_obs            0.073 
_reflns.pdbx_Rsym_value              0.073 
_reflns.pdbx_netI_over_sigmaI        13.5 
_reflns.B_iso_Wilson_estimate        ? 
_reflns.pdbx_redundancy              4.6 
_reflns.R_free_details               ? 
_reflns.limit_h_max                  ? 
_reflns.limit_h_min                  ? 
_reflns.limit_k_max                  ? 
_reflns.limit_k_min                  ? 
_reflns.limit_l_max                  ? 
_reflns.limit_l_min                  ? 
_reflns.observed_criterion_F_max     ? 
_reflns.observed_criterion_F_min     ? 
_reflns.pdbx_chi_squared             ? 
_reflns.pdbx_scaling_rejects         ? 
_reflns.pdbx_diffrn_id               1 
_reflns.pdbx_ordinal                 1 
# 
_reflns_shell.d_res_high             1.40 
_reflns_shell.d_res_low              1.48 
_reflns_shell.percent_possible_all   94.7 
_reflns_shell.Rmerge_I_obs           0.394 
_reflns_shell.pdbx_Rsym_value        0.394 
_reflns_shell.meanI_over_sigI_obs    2.6 
_reflns_shell.pdbx_redundancy        3.8 
_reflns_shell.percent_possible_obs   ? 
_reflns_shell.number_unique_all      8319 
_reflns_shell.number_measured_all    ? 
_reflns_shell.number_measured_obs    ? 
_reflns_shell.number_unique_obs      ? 
_reflns_shell.pdbx_chi_squared       ? 
_reflns_shell.pdbx_diffrn_id         ? 
_reflns_shell.pdbx_ordinal           1 
# 
_refine.entry_id                                 2QG1 
_refine.ls_number_reflns_obs                     14686 
_refine.ls_number_reflns_all                     14686 
_refine.pdbx_ls_sigma_I                          ? 
_refine.pdbx_ls_sigma_F                          0 
_refine.pdbx_data_cutoff_high_absF               ? 
_refine.pdbx_data_cutoff_low_absF                ? 
_refine.pdbx_data_cutoff_high_rms_absF           ? 
_refine.ls_d_res_low                             31.80 
_refine.ls_d_res_high                            1.40 
_refine.ls_percent_reflns_obs                    96.16 
_refine.ls_R_factor_obs                          0.17252 
_refine.ls_R_factor_all                          0.17252 
_refine.ls_R_factor_R_work                       0.16937 
_refine.ls_R_factor_R_free                       0.23418 
_refine.ls_R_factor_R_free_error                 ? 
_refine.ls_R_factor_R_free_error_details         ? 
_refine.ls_percent_reflns_R_free                 5.0 
_refine.ls_number_reflns_R_free                  780 
_refine.ls_number_parameters                     ? 
_refine.ls_number_restraints                     ? 
_refine.occupancy_min                            ? 
_refine.occupancy_max                            ? 
_refine.correlation_coeff_Fo_to_Fc               0.969 
_refine.correlation_coeff_Fo_to_Fc_free          0.952 
_refine.B_iso_mean                               14.930 
_refine.aniso_B[1][1]                            0.72 
_refine.aniso_B[2][2]                            -1.84 
_refine.aniso_B[3][3]                            1.12 
_refine.aniso_B[1][2]                            0.00 
_refine.aniso_B[1][3]                            0.00 
_refine.aniso_B[2][3]                            0.00 
_refine.solvent_model_details                    'BABINET MODEL WITH MASK' 
_refine.solvent_model_param_ksol                 ? 
_refine.solvent_model_param_bsol                 ? 
_refine.pdbx_solvent_vdw_probe_radii             1.20 
_refine.pdbx_solvent_ion_probe_radii             0.80 
_refine.pdbx_solvent_shrinkage_radii             0.80 
_refine.pdbx_ls_cross_valid_method               THROUGHOUT 
_refine.details                                  'HYDROGENS HAVE BEEN ADDED IN THE RIDING POSITIONS' 
_refine.pdbx_starting_model                      'PDB entries 2HE2, 1TP3' 
_refine.pdbx_method_to_determine_struct          'MOLECULAR REPLACEMENT' 
_refine.pdbx_isotropic_thermal_model             ? 
_refine.pdbx_stereochemistry_target_values       'MAXIMUM LIKELIHOOD' 
_refine.pdbx_stereochem_target_val_spec_case     ? 
_refine.pdbx_R_Free_selection_details            RANDOM 
_refine.pdbx_overall_ESU_R                       0.080 
_refine.pdbx_overall_ESU_R_Free                  0.079 
_refine.overall_SU_ML                            0.064 
_refine.overall_SU_B                             3.633 
_refine.ls_redundancy_reflns_obs                 ? 
_refine.B_iso_min                                ? 
_refine.B_iso_max                                ? 
_refine.overall_SU_R_Cruickshank_DPI             ? 
_refine.overall_SU_R_free                        ? 
_refine.ls_wR_factor_R_free                      ? 
_refine.ls_wR_factor_R_work                      ? 
_refine.overall_FOM_free_R_set                   ? 
_refine.overall_FOM_work_R_set                   ? 
_refine.pdbx_refine_id                           'X-RAY DIFFRACTION' 
_refine.pdbx_diffrn_id                           1 
_refine.pdbx_TLS_residual_ADP_flag               ? 
_refine.pdbx_overall_phase_error                 ? 
_refine.pdbx_overall_SU_R_free_Cruickshank_DPI   ? 
_refine.pdbx_overall_SU_R_Blow_DPI               ? 
_refine.pdbx_overall_SU_R_free_Blow_DPI          ? 
# 
_refine_hist.pdbx_refine_id                   'X-RAY DIFFRACTION' 
_refine_hist.cycle_id                         LAST 
_refine_hist.pdbx_number_atoms_protein        667 
_refine_hist.pdbx_number_atoms_nucleic_acid   0 
_refine_hist.pdbx_number_atoms_ligand         16 
_refine_hist.number_atoms_solvent             121 
_refine_hist.number_atoms_total               804 
_refine_hist.d_res_high                       1.40 
_refine_hist.d_res_low                        31.80 
# 
loop_
_refine_ls_restr.type 
_refine_ls_restr.dev_ideal 
_refine_ls_restr.dev_ideal_target 
_refine_ls_restr.weight 
_refine_ls_restr.number 
_refine_ls_restr.pdbx_refine_id 
_refine_ls_restr.pdbx_restraint_function 
r_bond_refined_d         0.014  0.022  ? 687  'X-RAY DIFFRACTION' ? 
r_bond_other_d           0.001  0.020  ? 472  'X-RAY DIFFRACTION' ? 
r_angle_refined_deg      1.489  2.003  ? 927  'X-RAY DIFFRACTION' ? 
r_angle_other_deg        0.865  3.000  ? 1167 'X-RAY DIFFRACTION' ? 
r_dihedral_angle_1_deg   5.724  5.000  ? 100  'X-RAY DIFFRACTION' ? 
r_dihedral_angle_2_deg   37.514 25.000 ? 24   'X-RAY DIFFRACTION' ? 
r_dihedral_angle_3_deg   12.690 15.000 ? 127  'X-RAY DIFFRACTION' ? 
r_dihedral_angle_4_deg   15.867 15.000 ? 5    'X-RAY DIFFRACTION' ? 
r_chiral_restr           0.086  0.200  ? 115  'X-RAY DIFFRACTION' ? 
r_gen_planes_refined     0.005  0.020  ? 771  'X-RAY DIFFRACTION' ? 
r_gen_planes_other       0.001  0.020  ? 122  'X-RAY DIFFRACTION' ? 
r_nbd_refined            0.208  0.200  ? 123  'X-RAY DIFFRACTION' ? 
r_nbd_other              0.194  0.200  ? 491  'X-RAY DIFFRACTION' ? 
r_nbtor_refined          0.162  0.200  ? 320  'X-RAY DIFFRACTION' ? 
r_nbtor_other            0.090  0.200  ? 407  'X-RAY DIFFRACTION' ? 
r_xyhbond_nbd_refined    0.162  0.200  ? 74   'X-RAY DIFFRACTION' ? 
r_symmetry_vdw_refined   0.259  0.200  ? 15   'X-RAY DIFFRACTION' ? 
r_symmetry_vdw_other     0.230  0.200  ? 44   'X-RAY DIFFRACTION' ? 
r_symmetry_hbond_refined 0.222  0.200  ? 22   'X-RAY DIFFRACTION' ? 
r_mcbond_it              5.557  5.000  ? 483  'X-RAY DIFFRACTION' ? 
r_mcbond_other           3.847  5.000  ? 195  'X-RAY DIFFRACTION' ? 
r_mcangle_it             6.359  7.000  ? 727  'X-RAY DIFFRACTION' ? 
r_scbond_it              7.792  9.000  ? 244  'X-RAY DIFFRACTION' ? 
r_scangle_it             9.261  11.000 ? 194  'X-RAY DIFFRACTION' ? 
r_rigid_bond_restr       4.205  3.000  ? 1226 'X-RAY DIFFRACTION' ? 
r_sphericity_free        12.968 3.000  ? 121  'X-RAY DIFFRACTION' ? 
r_sphericity_bonded      6.723  3.000  ? 1155 'X-RAY DIFFRACTION' ? 
# 
_refine_ls_shell.pdbx_total_number_of_bins_used   20 
_refine_ls_shell.d_res_high                       1.400 
_refine_ls_shell.d_res_low                        1.436 
_refine_ls_shell.number_reflns_R_work             1047 
_refine_ls_shell.R_factor_R_work                  0.212 
_refine_ls_shell.percent_reflns_obs               94.46 
_refine_ls_shell.R_factor_R_free                  0.404 
_refine_ls_shell.R_factor_R_free_error            ? 
_refine_ls_shell.percent_reflns_R_free            ? 
_refine_ls_shell.number_reflns_R_free             45 
_refine_ls_shell.number_reflns_all                ? 
_refine_ls_shell.R_factor_all                     ? 
_refine_ls_shell.number_reflns_obs                ? 
_refine_ls_shell.redundancy_reflns_obs            ? 
_refine_ls_shell.pdbx_refine_id                   'X-RAY DIFFRACTION' 
# 
_struct.entry_id                  2QG1 
_struct.title                     'Crystal structure of the 11th PDZ domain of MPDZ (MUPP1)' 
_struct.pdbx_model_details        ? 
_struct.pdbx_CASP_flag            ? 
_struct.pdbx_model_type_details   ? 
# 
_struct_keywords.entry_id        2QG1 
_struct_keywords.pdbx_keywords   'SIGNALING PROTEIN' 
_struct_keywords.text            'MPDZ, MUPP1, Structural Genomics, Structural Genomics Consortium, SGC, SIGNALING PROTEIN' 
# 
loop_
_struct_asym.id 
_struct_asym.pdbx_blank_PDB_chainid_flag 
_struct_asym.pdbx_modified 
_struct_asym.entity_id 
_struct_asym.details 
A N N 1 ? 
B N N 2 ? 
C N N 2 ? 
D N N 3 ? 
# 
loop_
_struct_conf.conf_type_id 
_struct_conf.id 
_struct_conf.pdbx_PDB_helix_id 
_struct_conf.beg_label_comp_id 
_struct_conf.beg_label_asym_id 
_struct_conf.beg_label_seq_id 
_struct_conf.pdbx_beg_PDB_ins_code 
_struct_conf.end_label_comp_id 
_struct_conf.end_label_asym_id 
_struct_conf.end_label_seq_id 
_struct_conf.pdbx_end_PDB_ins_code 
_struct_conf.beg_auth_comp_id 
_struct_conf.beg_auth_asym_id 
_struct_conf.beg_auth_seq_id 
_struct_conf.end_auth_comp_id 
_struct_conf.end_auth_asym_id 
_struct_conf.end_auth_seq_id 
_struct_conf.pdbx_PDB_helix_class 
_struct_conf.details 
_struct_conf.pdbx_PDB_helix_length 
HELX_P HELX_P1 1 GLY A 40 ? GLY A 46 ? GLY A 1758 GLY A 1764 1 ? 7  
HELX_P HELX_P2 2 THR A 66 ? SER A 77 ? THR A 1784 SER A 1795 1 ? 12 
# 
_struct_conf_type.id          HELX_P 
_struct_conf_type.criteria    ? 
_struct_conf_type.reference   ? 
# 
loop_
_struct_sheet.id 
_struct_sheet.type 
_struct_sheet.number_strands 
_struct_sheet.details 
A ? 4 ? 
B ? 2 ? 
# 
loop_
_struct_sheet_order.sheet_id 
_struct_sheet_order.range_id_1 
_struct_sheet_order.range_id_2 
_struct_sheet_order.offset 
_struct_sheet_order.sense 
A 1 2 ? anti-parallel 
A 2 3 ? anti-parallel 
A 3 4 ? anti-parallel 
B 1 2 ? anti-parallel 
# 
loop_
_struct_sheet_range.sheet_id 
_struct_sheet_range.id 
_struct_sheet_range.beg_label_comp_id 
_struct_sheet_range.beg_label_asym_id 
_struct_sheet_range.beg_label_seq_id 
_struct_sheet_range.pdbx_beg_PDB_ins_code 
_struct_sheet_range.end_label_comp_id 
_struct_sheet_range.end_label_asym_id 
_struct_sheet_range.end_label_seq_id 
_struct_sheet_range.pdbx_end_PDB_ins_code 
_struct_sheet_range.beg_auth_comp_id 
_struct_sheet_range.beg_auth_asym_id 
_struct_sheet_range.beg_auth_seq_id 
_struct_sheet_range.end_auth_comp_id 
_struct_sheet_range.end_auth_asym_id 
_struct_sheet_range.end_auth_seq_id 
A 1 THR A 5  ? GLN A 11 ? THR A 1723 GLN A 1729 
A 2 THR A 80 ? GLY A 86 ? THR A 1798 GLY A 1804 
A 3 GLN A 53 ? VAL A 57 ? GLN A 1771 VAL A 1775 
A 4 GLU A 60 ? ASP A 61 ? GLU A 1778 ASP A 1779 
B 1 LEU A 20 ? VAL A 23 ? LEU A 1738 VAL A 1741 
B 2 PHE A 32 ? ILE A 36 ? PHE A 1750 ILE A 1754 
# 
loop_
_pdbx_struct_sheet_hbond.sheet_id 
_pdbx_struct_sheet_hbond.range_id_1 
_pdbx_struct_sheet_hbond.range_id_2 
_pdbx_struct_sheet_hbond.range_1_label_atom_id 
_pdbx_struct_sheet_hbond.range_1_label_comp_id 
_pdbx_struct_sheet_hbond.range_1_label_asym_id 
_pdbx_struct_sheet_hbond.range_1_label_seq_id 
_pdbx_struct_sheet_hbond.range_1_PDB_ins_code 
_pdbx_struct_sheet_hbond.range_1_auth_atom_id 
_pdbx_struct_sheet_hbond.range_1_auth_comp_id 
_pdbx_struct_sheet_hbond.range_1_auth_asym_id 
_pdbx_struct_sheet_hbond.range_1_auth_seq_id 
_pdbx_struct_sheet_hbond.range_2_label_atom_id 
_pdbx_struct_sheet_hbond.range_2_label_comp_id 
_pdbx_struct_sheet_hbond.range_2_label_asym_id 
_pdbx_struct_sheet_hbond.range_2_label_seq_id 
_pdbx_struct_sheet_hbond.range_2_PDB_ins_code 
_pdbx_struct_sheet_hbond.range_2_auth_atom_id 
_pdbx_struct_sheet_hbond.range_2_auth_comp_id 
_pdbx_struct_sheet_hbond.range_2_auth_asym_id 
_pdbx_struct_sheet_hbond.range_2_auth_seq_id 
A 1 2 N ILE A 8  ? N ILE A 1726 O LEU A 83 ? O LEU A 1801 
A 2 3 O GLU A 84 ? O GLU A 1802 N LEU A 55 ? N LEU A 1773 
A 3 4 N VAL A 57 ? N VAL A 1775 O GLU A 60 ? O GLU A 1778 
B 1 2 N VAL A 23 ? N VAL A 1741 O PHE A 32 ? O PHE A 1750 
# 
loop_
_struct_site.id 
_struct_site.pdbx_evidence_code 
_struct_site.pdbx_auth_asym_id 
_struct_site.pdbx_auth_comp_id 
_struct_site.pdbx_auth_seq_id 
_struct_site.pdbx_auth_ins_code 
_struct_site.pdbx_num_residues 
_struct_site.details 
AC1 Software A EDO 1 ? 6  'BINDING SITE FOR RESIDUE EDO A 1' 
AC2 Software A EDO 2 ? 10 'BINDING SITE FOR RESIDUE EDO A 2' 
# 
loop_
_struct_site_gen.id 
_struct_site_gen.site_id 
_struct_site_gen.pdbx_num_res 
_struct_site_gen.label_comp_id 
_struct_site_gen.label_asym_id 
_struct_site_gen.label_seq_id 
_struct_site_gen.pdbx_auth_ins_code 
_struct_site_gen.auth_comp_id 
_struct_site_gen.auth_asym_id 
_struct_site_gen.auth_seq_id 
_struct_site_gen.label_atom_id 
_struct_site_gen.label_alt_id 
_struct_site_gen.symmetry 
_struct_site_gen.details 
1  AC1 6  HOH D .  ? HOH A 115  . ? 3_645 ? 
2  AC1 6  HOH D .  ? HOH A 148  . ? 3_645 ? 
3  AC1 6  LYS A 25 ? LYS A 1743 . ? 1_555 ? 
4  AC1 6  ARG A 26 ? ARG A 1744 . ? 1_555 ? 
5  AC1 6  ASN A 27 ? ASN A 1745 . ? 1_555 ? 
6  AC1 6  ASP A 28 ? ASP A 1746 . ? 1_555 ? 
7  AC2 10 HOH D .  ? HOH A 40   . ? 1_555 ? 
8  AC2 10 HOH D .  ? HOH A 65   . ? 3_655 ? 
9  AC2 10 HOH D .  ? HOH A 171  . ? 1_555 ? 
10 AC2 10 MET A 49 ? MET A 1767 . ? 1_555 ? 
11 AC2 10 GLN A 50 ? GLN A 1768 . ? 1_555 ? 
12 AC2 10 GLY A 51 ? GLY A 1769 . ? 1_555 ? 
13 AC2 10 ASP A 52 ? ASP A 1770 . ? 1_555 ? 
14 AC2 10 GLN A 67 ? GLN A 1785 . ? 3_655 ? 
15 AC2 10 ARG A 87 ? ARG A 1805 . ? 1_555 ? 
16 AC2 10 ILE A 88 ? ILE A 1806 . ? 1_555 ? 
# 
_atom_sites.entry_id                    2QG1 
_atom_sites.fract_transf_matrix[1][1]   -0.00695161 
_atom_sites.fract_transf_matrix[1][2]   -0.01067561 
_atom_sites.fract_transf_matrix[1][3]   0.02708562 
_atom_sites.fract_transf_matrix[2][1]   -0.02146680 
_atom_sites.fract_transf_matrix[2][2]   0.01648786 
_atom_sites.fract_transf_matrix[2][3]   0.00098905 
_atom_sites.fract_transf_matrix[3][1]   -0.00886444 
_atom_sites.fract_transf_matrix[3][2]   -0.01114140 
_atom_sites.fract_transf_matrix[3][3]   -0.00666639 
_atom_sites.fract_transf_vector[1]      0.224710 
_atom_sites.fract_transf_vector[2]      0.480325 
_atom_sites.fract_transf_vector[3]      0.194101 
# 
loop_
_atom_type.symbol 
C 
N 
O 
S 
# 
loop_
_atom_site.group_PDB 
_atom_site.id 
_atom_site.type_symbol 
_atom_site.label_atom_id 
_atom_site.label_alt_id 
_atom_site.label_comp_id 
_atom_site.label_asym_id 
_atom_site.label_entity_id 
_atom_site.label_seq_id 
_atom_site.pdbx_PDB_ins_code 
_atom_site.Cartn_x 
_atom_site.Cartn_y 
_atom_site.Cartn_z 
_atom_site.occupancy 
_atom_site.B_iso_or_equiv 
_atom_site.pdbx_formal_charge 
_atom_site.auth_seq_id 
_atom_site.auth_comp_id 
_atom_site.auth_asym_id 
_atom_site.auth_atom_id 
_atom_site.pdbx_PDB_model_num 
ATOM   1   N N   . ASP A 1 4  ? -15.095 0.978   -1.342  1.00 23.24 ? 1722 ASP A N   1 
ATOM   2   C CA  . ASP A 1 4  ? -14.497 2.334   -1.054  1.00 22.80 ? 1722 ASP A CA  1 
ATOM   3   C C   . ASP A 1 4  ? -13.037 2.403   -1.492  1.00 18.17 ? 1722 ASP A C   1 
ATOM   4   O O   . ASP A 1 4  ? -12.175 1.856   -0.843  1.00 23.96 ? 1722 ASP A O   1 
ATOM   5   C CB  . ASP A 1 4  ? -14.575 2.681   0.420   1.00 25.63 ? 1722 ASP A CB  1 
ATOM   6   C CG  . ASP A 1 4  ? -14.562 4.169   0.653   1.00 39.24 ? 1722 ASP A CG  1 
ATOM   7   O OD1 . ASP A 1 4  ? -13.875 4.886   -0.107  1.00 40.75 ? 1722 ASP A OD1 1 
ATOM   8   O OD2 . ASP A 1 4  ? -15.267 4.620   1.575   1.00 37.02 ? 1722 ASP A OD2 1 
ATOM   9   N N   . THR A 1 5  ? -12.786 3.179   -2.525  1.00 21.57 ? 1723 THR A N   1 
ATOM   10  C CA  . THR A 1 5  ? -11.567 3.118   -3.301  1.00 16.85 ? 1723 THR A CA  1 
ATOM   11  C C   . THR A 1 5  ? -11.014 4.529   -3.459  1.00 17.82 ? 1723 THR A C   1 
ATOM   12  O O   . THR A 1 5  ? -11.782 5.491   -3.686  1.00 18.10 ? 1723 THR A O   1 
ATOM   13  C CB  . THR A 1 5  ? -11.835 2.484   -4.672  1.00 19.34 ? 1723 THR A CB  1 
ATOM   14  O OG1 . THR A 1 5  ? -12.545 1.256   -4.509  1.00 26.71 ? 1723 THR A OG1 1 
ATOM   15  C CG2 . THR A 1 5  ? -10.534 2.211   -5.391  1.00 21.01 ? 1723 THR A CG2 1 
ATOM   16  N N   . LEU A 1 6  ? -9.692  4.653   -3.390  1.00 14.75 ? 1724 LEU A N   1 
ATOM   17  C CA  . LEU A 1 6  ? -9.031  5.956   -3.398  1.00 13.93 ? 1724 LEU A CA  1 
ATOM   18  C C   . LEU A 1 6  ? -7.724  5.850   -4.178  1.00 13.24 ? 1724 LEU A C   1 
ATOM   19  O O   . LEU A 1 6  ? -7.074  4.814   -4.143  1.00 15.82 ? 1724 LEU A O   1 
ATOM   20  C CB  . LEU A 1 6  ? -8.662  6.404   -1.994  1.00 23.86 ? 1724 LEU A CB  1 
ATOM   21  C CG  . LEU A 1 6  ? -9.721  6.470   -0.918  1.00 29.71 ? 1724 LEU A CG  1 
ATOM   22  C CD1 . LEU A 1 6  ? -9.022  6.798   0.399   1.00 46.06 ? 1724 LEU A CD1 1 
ATOM   23  C CD2 . LEU A 1 6  ? -10.715 7.551   -1.286  1.00 42.48 ? 1724 LEU A CD2 1 
ATOM   24  N N   . THR A 1 7  ? -7.345  6.915   -4.868  1.00 14.37 ? 1725 THR A N   1 
ATOM   25  C CA  . THR A 1 7  ? -6.005  6.992   -5.443  1.00 11.56 ? 1725 THR A CA  1 
ATOM   26  C C   . THR A 1 7  ? -5.105  7.794   -4.517  1.00 15.27 ? 1725 THR A C   1 
ATOM   27  O O   . THR A 1 7  ? -5.524  8.826   -3.960  1.00 17.78 ? 1725 THR A O   1 
ATOM   28  C CB  . THR A 1 7  ? -6.035  7.568   -6.877  1.00 15.63 ? 1725 THR A CB  1 
ATOM   29  O OG1 . THR A 1 7  ? -4.725  7.512   -7.448  1.00 18.00 ? 1725 THR A OG1 1 
ATOM   30  C CG2 . THR A 1 7  ? -6.587  8.958   -6.948  1.00 18.09 ? 1725 THR A CG2 1 
ATOM   31  N N   . ILE A 1 8  ? -3.879  7.312   -4.328  1.00 14.96 ? 1726 ILE A N   1 
ATOM   32  C CA  . ILE A 1 8  ? -2.912  7.972   -3.448  1.00 17.09 ? 1726 ILE A CA  1 
ATOM   33  C C   . ILE A 1 8  ? -1.559  8.041   -4.148  1.00 13.95 ? 1726 ILE A C   1 
ATOM   34  O O   . ILE A 1 8  ? -1.078  7.035   -4.608  1.00 19.99 ? 1726 ILE A O   1 
ATOM   35  C CB  . ILE A 1 8  ? -2.757  7.230   -2.081  1.00 19.60 ? 1726 ILE A CB  1 
ATOM   36  C CG1 . ILE A 1 8  ? -4.127  7.202   -1.351  1.00 21.75 ? 1726 ILE A CG1 1 
ATOM   37  C CG2 . ILE A 1 8  ? -1.636  7.865   -1.252  1.00 22.24 ? 1726 ILE A CG2 1 
ATOM   38  C CD1 . ILE A 1 8  ? -4.183  6.447   -0.041  1.00 21.15 ? 1726 ILE A CD1 1 
ATOM   39  N N   . GLY A 1 9  ? -0.948  9.227   -4.199  1.00 17.90 ? 1727 GLY A N   1 
ATOM   40  C CA  . GLY A 1 9  ? 0.352   9.409   -4.838  1.00 16.41 ? 1727 GLY A CA  1 
ATOM   41  C C   . GLY A 1 9  ? 1.416   9.749   -3.795  1.00 21.94 ? 1727 GLY A C   1 
ATOM   42  O O   . GLY A 1 9  ? 1.338   10.796  -3.141  1.00 26.76 ? 1727 GLY A O   1 
ATOM   43  N N   . LEU A 1 10 ? 2.406   8.862   -3.626  1.00 19.74 ? 1728 LEU A N   1 
ATOM   44  C CA  . LEU A 1 10 ? 3.488   9.079   -2.664  1.00 16.50 ? 1728 LEU A CA  1 
ATOM   45  C C   . LEU A 1 10 ? 4.759   9.318   -3.430  1.00 19.07 ? 1728 LEU A C   1 
ATOM   46  O O   . LEU A 1 10 ? 5.084   8.552   -4.317  1.00 23.16 ? 1728 LEU A O   1 
ATOM   47  C CB  . LEU A 1 10 ? 3.663   7.866   -1.739  1.00 16.05 ? 1728 LEU A CB  1 
ATOM   48  C CG  . LEU A 1 10 ? 2.431   7.435   -0.917  1.00 17.59 ? 1728 LEU A CG  1 
ATOM   49  C CD1 . LEU A 1 10 ? 2.704   6.190   -0.080  1.00 23.36 ? 1728 LEU A CD1 1 
ATOM   50  C CD2 . LEU A 1 10 ? 1.924   8.555   -0.024  1.00 19.71 ? 1728 LEU A CD2 1 
ATOM   51  N N   . GLN A 1 11 ? 5.457   10.399  -3.099  1.00 23.30 ? 1729 GLN A N   1 
ATOM   52  C CA  . GLN A 1 11 ? 6.728   10.713  -3.743  1.00 24.03 ? 1729 GLN A CA  1 
ATOM   53  C C   . GLN A 1 11 ? 7.799   9.982   -2.979  1.00 24.43 ? 1729 GLN A C   1 
ATOM   54  O O   . GLN A 1 11 ? 8.108   10.331  -1.822  1.00 28.19 ? 1729 GLN A O   1 
ATOM   55  C CB  . GLN A 1 11 ? 6.995   12.225  -3.718  1.00 31.74 ? 1729 GLN A CB  1 
ATOM   56  C CG  . GLN A 1 11 ? 6.046   13.026  -4.599  1.00 36.79 ? 1729 GLN A CG  1 
ATOM   57  C CD  . GLN A 1 11 ? 5.957   12.454  -5.996  1.00 29.31 ? 1729 GLN A CD  1 
ATOM   58  N N   . LYS A 1 12 ? 8.330   8.937   -3.601  1.00 21.76 ? 1730 LYS A N   1 
ATOM   59  C CA  . LYS A 1 12 ? 9.433   8.189   -3.038  1.00 22.05 ? 1730 LYS A CA  1 
ATOM   60  C C   . LYS A 1 12 ? 10.697  9.013   -3.184  1.00 23.44 ? 1730 LYS A C   1 
ATOM   61  O O   . LYS A 1 12 ? 10.961  9.555   -4.267  1.00 23.56 ? 1730 LYS A O   1 
ATOM   62  C CB  . LYS A 1 12 ? 9.614   6.902   -3.805  1.00 25.62 ? 1730 LYS A CB  1 
ATOM   63  C CG  . LYS A 1 12 ? 10.564  5.939   -3.169  1.00 35.89 ? 1730 LYS A CG  1 
ATOM   64  C CD  . LYS A 1 12 ? 10.084  4.545   -3.449  1.00 36.63 ? 1730 LYS A CD  1 
ATOM   65  C CE  . LYS A 1 12 ? 10.938  3.541   -2.790  1.00 34.31 ? 1730 LYS A CE  1 
ATOM   66  N NZ  . LYS A 1 12 ? 11.045  2.387   -3.695  1.00 25.53 ? 1730 LYS A NZ  1 
ATOM   67  N N   . LYS A 1 13 ? 11.475  9.064   -2.109  1.00 22.72 ? 1731 LYS A N   1 
ATOM   68  C CA  A LYS A 1 13 ? 12.714  9.848   -2.039  0.70 24.06 ? 1731 LYS A CA  1 
ATOM   69  C CA  B LYS A 1 13 ? 12.716  9.835   -2.085  0.30 23.60 ? 1731 LYS A CA  1 
ATOM   70  C C   . LYS A 1 13 ? 13.899  8.895   -1.899  1.00 23.08 ? 1731 LYS A C   1 
ATOM   71  O O   . LYS A 1 13 ? 13.805  7.922   -1.170  1.00 25.41 ? 1731 LYS A O   1 
ATOM   72  C CB  A LYS A 1 13 ? 12.677  10.751  -0.812  0.70 28.50 ? 1731 LYS A CB  1 
ATOM   73  C CB  B LYS A 1 13 ? 12.674  10.866  -0.962  0.30 26.87 ? 1731 LYS A CB  1 
ATOM   74  C CG  A LYS A 1 13 ? 11.550  11.777  -0.780  0.70 27.71 ? 1731 LYS A CG  1 
ATOM   75  C CG  B LYS A 1 13 ? 11.804  12.079  -1.283  0.30 26.63 ? 1731 LYS A CG  1 
ATOM   76  C CD  A LYS A 1 13 ? 11.682  12.809  -1.910  0.70 23.19 ? 1731 LYS A CD  1 
ATOM   77  C CD  B LYS A 1 13 ? 10.766  12.343  -0.192  0.30 20.51 ? 1731 LYS A CD  1 
ATOM   78  C CE  A LYS A 1 13 ? 10.715  13.988  -1.706  0.70 30.20 ? 1731 LYS A CE  1 
ATOM   79  C CE  B LYS A 1 13 ? 9.544   13.043  -0.751  0.30 15.55 ? 1731 LYS A CE  1 
ATOM   80  N NZ  A LYS A 1 13 ? 11.154  15.206  -2.450  0.70 31.00 ? 1731 LYS A NZ  1 
ATOM   81  N NZ  B LYS A 1 13 ? 8.334   12.850  0.101   0.30 17.82 ? 1731 LYS A NZ  1 
ATOM   82  N N   . PRO A 1 14 ? 15.024  9.186   -2.577  1.00 21.23 ? 1732 PRO A N   1 
ATOM   83  C CA  . PRO A 1 14 ? 16.205  8.352   -2.388  1.00 23.73 ? 1732 PRO A CA  1 
ATOM   84  C C   . PRO A 1 14 ? 16.681  8.281   -0.927  1.00 17.87 ? 1732 PRO A C   1 
ATOM   85  O O   . PRO A 1 14 ? 16.587  9.265   -0.201  1.00 27.67 ? 1732 PRO A O   1 
ATOM   86  C CB  . PRO A 1 14 ? 17.260  9.012   -3.281  1.00 23.90 ? 1732 PRO A CB  1 
ATOM   87  C CG  . PRO A 1 14 ? 16.514  9.811   -4.263  1.00 25.57 ? 1732 PRO A CG  1 
ATOM   88  C CD  . PRO A 1 14 ? 15.245  10.250  -3.564  1.00 22.17 ? 1732 PRO A CD  1 
ATOM   89  N N   . GLY A 1 15 ? 17.133  7.099   -0.518  1.00 23.32 ? 1733 GLY A N   1 
ATOM   90  C CA  . GLY A 1 15 ? 17.647  6.831   0.825   1.00 25.60 ? 1733 GLY A CA  1 
ATOM   91  C C   . GLY A 1 15 ? 16.631  6.590   1.915   1.00 25.41 ? 1733 GLY A C   1 
ATOM   92  O O   . GLY A 1 15 ? 17.005  6.373   3.072   1.00 31.29 ? 1733 GLY A O   1 
ATOM   93  N N   . LYS A 1 16 ? 15.348  6.643   1.559   1.00 25.91 ? 1734 LYS A N   1 
ATOM   94  C CA  . LYS A 1 16 ? 14.239  6.486   2.502   1.00 29.99 ? 1734 LYS A CA  1 
ATOM   95  C C   . LYS A 1 16 ? 13.183  5.610   1.867   1.00 27.51 ? 1734 LYS A C   1 
ATOM   96  O O   . LYS A 1 16 ? 13.091  5.520   0.640   1.00 25.51 ? 1734 LYS A O   1 
ATOM   97  C CB  . LYS A 1 16 ? 13.594  7.835   2.824   1.00 27.57 ? 1734 LYS A CB  1 
ATOM   98  N N   . GLY A 1 17 ? 12.378  4.976   2.711   1.00 26.60 ? 1735 GLY A N   1 
ATOM   99  C CA  . GLY A 1 17 ? 11.272  4.157   2.230   1.00 23.87 ? 1735 GLY A CA  1 
ATOM   100 C C   . GLY A 1 17 ? 10.016  4.994   2.099   1.00 22.39 ? 1735 GLY A C   1 
ATOM   101 O O   . GLY A 1 17 ? 9.994   6.187   2.447   1.00 25.38 ? 1735 GLY A O   1 
ATOM   102 N N   . LEU A 1 18 ? 8.952   4.360   1.622   1.00 22.05 ? 1736 LEU A N   1 
ATOM   103 C CA  . LEU A 1 18 ? 7.644   5.001   1.638   1.00 19.72 ? 1736 LEU A CA  1 
ATOM   104 C C   . LEU A 1 18 ? 7.034   5.128   3.050   1.00 18.47 ? 1736 LEU A C   1 
ATOM   105 O O   . LEU A 1 18 ? 6.021   5.817   3.214   1.00 20.31 ? 1736 LEU A O   1 
ATOM   106 C CB  . LEU A 1 18 ? 6.683   4.225   0.770   1.00 16.54 ? 1736 LEU A CB  1 
ATOM   107 C CG  . LEU A 1 18 ? 7.036   4.081   -0.718  1.00 17.48 ? 1736 LEU A CG  1 
ATOM   108 C CD1 . LEU A 1 18 ? 6.156   3.048   -1.362  1.00 22.55 ? 1736 LEU A CD1 1 
ATOM   109 C CD2 . LEU A 1 18 ? 6.922   5.430   -1.445  1.00 18.22 ? 1736 LEU A CD2 1 
ATOM   110 N N   . GLY A 1 19 ? 7.582   4.412   4.039   1.00 18.60 ? 1737 GLY A N   1 
ATOM   111 C CA  . GLY A 1 19 ? 7.072   4.470   5.405   1.00 21.11 ? 1737 GLY A CA  1 
ATOM   112 C C   . GLY A 1 19 ? 5.838   3.638   5.690   1.00 19.26 ? 1737 GLY A C   1 
ATOM   113 O O   . GLY A 1 19 ? 4.929   4.066   6.421   1.00 19.98 ? 1737 GLY A O   1 
ATOM   114 N N   . LEU A 1 20 ? 5.786   2.431   5.141   1.00 19.23 ? 1738 LEU A N   1 
ATOM   115 C CA  . LEU A 1 20 ? 4.655   1.536   5.452   1.00 16.55 ? 1738 LEU A CA  1 
ATOM   116 C C   . LEU A 1 20 ? 5.131   0.124   5.349   1.00 16.79 ? 1738 LEU A C   1 
ATOM   117 O O   . LEU A 1 20 ? 6.164   -0.129  4.722   1.00 17.30 ? 1738 LEU A O   1 
ATOM   118 C CB  . LEU A 1 20 ? 3.472   1.775   4.512   1.00 16.53 ? 1738 LEU A CB  1 
ATOM   119 C CG  . LEU A 1 20 ? 3.744   1.512   3.023   1.00 13.30 ? 1738 LEU A CG  1 
ATOM   120 C CD1 . LEU A 1 20 ? 2.974   0.339   2.552   1.00 26.20 ? 1738 LEU A CD1 1 
ATOM   121 C CD2 . LEU A 1 20 ? 3.407   2.728   2.117   1.00 19.70 ? 1738 LEU A CD2 1 
ATOM   122 N N   . SER A 1 21 ? 4.417   -0.788  6.012   1.00 15.99 ? 1739 SER A N   1 
ATOM   123 C CA  . SER A 1 21 ? 4.616   -2.170  5.745   1.00 14.10 ? 1739 SER A CA  1 
ATOM   124 C C   . SER A 1 21 ? 3.356   -2.741  5.203   1.00 13.02 ? 1739 SER A C   1 
ATOM   125 O O   . SER A 1 21 ? 2.260   -2.225  5.451   1.00 16.42 ? 1739 SER A O   1 
ATOM   126 C CB  . SER A 1 21 ? 5.011   -2.929  6.990   1.00 13.31 ? 1739 SER A CB  1 
ATOM   127 O OG  . SER A 1 21 ? 4.029   -2.883  8.002   1.00 17.73 ? 1739 SER A OG  1 
ATOM   128 N N   . ILE A 1 22 ? 3.531   -3.855  4.536   1.00 11.35 ? 1740 ILE A N   1 
ATOM   129 C CA  . ILE A 1 22 ? 2.457   -4.576  3.894   1.00 9.75  ? 1740 ILE A CA  1 
ATOM   130 C C   . ILE A 1 22 ? 2.505   -6.053  4.249   1.00 12.46 ? 1740 ILE A C   1 
ATOM   131 O O   . ILE A 1 22 ? 3.582   -6.587  4.554   1.00 12.86 ? 1740 ILE A O   1 
ATOM   132 C CB  . ILE A 1 22 ? 2.497   -4.394  2.364   1.00 12.31 ? 1740 ILE A CB  1 
ATOM   133 C CG1 . ILE A 1 22 ? 3.760   -4.999  1.716   1.00 16.74 ? 1740 ILE A CG1 1 
ATOM   134 C CG2 . ILE A 1 22 ? 2.343   -2.939  2.001   1.00 14.59 ? 1740 ILE A CG2 1 
ATOM   135 C CD1 . ILE A 1 22 ? 3.749   -4.926  0.226   1.00 23.86 ? 1740 ILE A CD1 1 
ATOM   136 N N   . VAL A 1 23 ? 1.328   -6.704  4.215   1.00 11.80 ? 1741 VAL A N   1 
ATOM   137 C CA  . VAL A 1 23 ? 1.193   -8.098  4.633   1.00 11.14 ? 1741 VAL A CA  1 
ATOM   138 C C   . VAL A 1 23 ? 0.052   -8.758  3.884   1.00 11.94 ? 1741 VAL A C   1 
ATOM   139 O O   . VAL A 1 23 ? -0.897  -8.104  3.459   1.00 13.98 ? 1741 VAL A O   1 
ATOM   140 C CB  . VAL A 1 23 ? 0.967   -8.173  6.160   1.00 13.02 ? 1741 VAL A CB  1 
ATOM   141 C CG1 . VAL A 1 23 ? -0.464  -7.760  6.527   1.00 15.33 ? 1741 VAL A CG1 1 
ATOM   142 C CG2 . VAL A 1 23 ? 1.330   -9.587  6.758   1.00 16.60 ? 1741 VAL A CG2 1 
ATOM   143 N N   . GLY A 1 24 ? 0.182   -10.051 3.680   1.00 12.04 ? 1742 GLY A N   1 
ATOM   144 C CA  . GLY A 1 24 ? -0.928  -10.911 3.228   1.00 12.09 ? 1742 GLY A CA  1 
ATOM   145 C C   . GLY A 1 24 ? -1.864  -11.275 4.368   1.00 15.58 ? 1742 GLY A C   1 
ATOM   146 O O   . GLY A 1 24 ? -1.632  -10.908 5.496   1.00 15.52 ? 1742 GLY A O   1 
ATOM   147 N N   . LYS A 1 25 ? -2.960  -11.958 4.049   1.00 15.75 ? 1743 LYS A N   1 
ATOM   148 C CA  . LYS A 1 25 ? -3.897  -12.494 5.039   1.00 16.83 ? 1743 LYS A CA  1 
ATOM   149 C C   . LYS A 1 25 ? -4.076  -13.976 4.785   1.00 13.74 ? 1743 LYS A C   1 
ATOM   150 O O   . LYS A 1 25 ? -3.934  -14.419 3.648   1.00 18.02 ? 1743 LYS A O   1 
ATOM   151 C CB  . LYS A 1 25 ? -5.252  -11.837 4.891   1.00 17.68 ? 1743 LYS A CB  1 
ATOM   152 C CG  . LYS A 1 25 ? -5.295  -10.424 5.322   1.00 16.70 ? 1743 LYS A CG  1 
ATOM   153 C CD  . LYS A 1 25 ? -6.720  -9.881  5.194   1.00 18.43 ? 1743 LYS A CD  1 
ATOM   154 C CE  . LYS A 1 25 ? -6.821  -8.469  5.713   1.00 19.60 ? 1743 LYS A CE  1 
ATOM   155 N NZ  . LYS A 1 25 ? -8.225  -7.949  5.658   1.00 20.84 ? 1743 LYS A NZ  1 
ATOM   156 N N   . ARG A 1 26 ? -4.403  -14.726 5.841   1.00 18.53 ? 1744 ARG A N   1 
ATOM   157 C CA  . ARG A 1 26 ? -4.617  -16.161 5.721   1.00 16.46 ? 1744 ARG A CA  1 
ATOM   158 C C   . ARG A 1 26 ? -5.901  -16.540 4.988   1.00 19.26 ? 1744 ARG A C   1 
ATOM   159 O O   . ARG A 1 26 ? -5.957  -17.580 4.310   1.00 24.60 ? 1744 ARG A O   1 
ATOM   160 C CB  . ARG A 1 26 ? -4.642  -16.813 7.101   1.00 18.36 ? 1744 ARG A CB  1 
ATOM   161 C CG  . ARG A 1 26 ? -4.856  -18.342 7.126   1.00 20.07 ? 1744 ARG A CG  1 
ATOM   162 C CD  . ARG A 1 26 ? -3.690  -19.127 6.547   1.00 26.58 ? 1744 ARG A CD  1 
ATOM   163 N NE  . ARG A 1 26 ? -3.632  -19.070 5.090   1.00 31.05 ? 1744 ARG A NE  1 
ATOM   164 C CZ  . ARG A 1 26 ? -2.653  -19.584 4.343   1.00 39.99 ? 1744 ARG A CZ  1 
ATOM   165 N NH1 . ARG A 1 26 ? -2.706  -19.454 3.021   1.00 37.19 ? 1744 ARG A NH1 1 
ATOM   166 N NH2 . ARG A 1 26 ? -1.628  -20.236 4.893   1.00 32.26 ? 1744 ARG A NH2 1 
ATOM   167 N N   . ASN A 1 27 ? -6.946  -15.730 5.131   1.00 19.34 ? 1745 ASN A N   1 
ATOM   168 C CA  . ASN A 1 27 ? -8.276  -16.081 4.589   1.00 21.28 ? 1745 ASN A CA  1 
ATOM   169 C C   . ASN A 1 27 ? -8.792  -15.135 3.497   1.00 25.44 ? 1745 ASN A C   1 
ATOM   170 O O   . ASN A 1 27 ? -9.952  -15.220 3.099   1.00 21.66 ? 1745 ASN A O   1 
ATOM   171 C CB  . ASN A 1 27 ? -9.272  -16.137 5.747   1.00 26.93 ? 1745 ASN A CB  1 
ATOM   172 C CG  . ASN A 1 27 ? -8.893  -17.178 6.790   1.00 23.38 ? 1745 ASN A CG  1 
ATOM   173 O OD1 . ASN A 1 27 ? -8.689  -16.868 7.965   1.00 43.80 ? 1745 ASN A OD1 1 
ATOM   174 N ND2 . ASN A 1 27 ? -8.806  -18.418 6.358   1.00 27.43 ? 1745 ASN A ND2 1 
ATOM   175 N N   . ASP A 1 28 ? -7.941  -14.244 3.002   1.00 20.34 ? 1746 ASP A N   1 
ATOM   176 C CA  . ASP A 1 28 ? -8.296  -13.397 1.876   1.00 20.07 ? 1746 ASP A CA  1 
ATOM   177 C C   . ASP A 1 28 ? -7.040  -13.180 1.045   1.00 21.81 ? 1746 ASP A C   1 
ATOM   178 O O   . ASP A 1 28 ? -5.951  -13.035 1.599   1.00 25.94 ? 1746 ASP A O   1 
ATOM   179 C CB  . ASP A 1 28 ? -8.771  -12.041 2.386   1.00 18.77 ? 1746 ASP A CB  1 
ATOM   180 C CG  . ASP A 1 28 ? -10.046 -12.111 3.152   1.00 29.04 ? 1746 ASP A CG  1 
ATOM   181 O OD1 . ASP A 1 28 ? -11.111 -12.112 2.504   1.00 30.93 ? 1746 ASP A OD1 1 
ATOM   182 O OD2 . ASP A 1 28 ? -9.984  -12.136 4.399   1.00 44.28 ? 1746 ASP A OD2 1 
ATOM   183 N N   . THR A 1 29 ? -7.202  -13.120 -0.270  1.00 18.15 ? 1747 THR A N   1 
ATOM   184 C CA  . THR A 1 29 ? -6.125  -12.842 -1.211  1.00 25.03 ? 1747 THR A CA  1 
ATOM   185 C C   . THR A 1 29 ? -5.779  -11.361 -1.178  1.00 18.28 ? 1747 THR A C   1 
ATOM   186 O O   . THR A 1 29 ? -6.575  -10.559 -0.680  1.00 21.06 ? 1747 THR A O   1 
ATOM   187 C CB  . THR A 1 29 ? -6.570  -13.192 -2.650  1.00 28.84 ? 1747 THR A CB  1 
ATOM   188 O OG1 . THR A 1 29 ? -5.425  -13.303 -3.505  1.00 46.88 ? 1747 THR A OG1 1 
ATOM   189 C CG2 . THR A 1 29 ? -7.504  -12.133 -3.201  1.00 32.37 ? 1747 THR A CG2 1 
ATOM   190 N N   . GLY A 1 30 ? -4.612  -11.014 -1.713  1.00 19.04 ? 1748 GLY A N   1 
ATOM   191 C CA  . GLY A 1 30 ? -4.170  -9.623  -1.722  1.00 19.99 ? 1748 GLY A CA  1 
ATOM   192 C C   . GLY A 1 30 ? -3.194  -9.232  -0.629  1.00 14.35 ? 1748 GLY A C   1 
ATOM   193 O O   . GLY A 1 30 ? -2.782  -10.045 0.198   1.00 16.50 ? 1748 GLY A O   1 
ATOM   194 N N   . VAL A 1 31 ? -2.873  -7.949  -0.609  1.00 12.37 ? 1749 VAL A N   1 
ATOM   195 C CA  . VAL A 1 31 ? -1.820  -7.374  0.212   1.00 11.06 ? 1749 VAL A CA  1 
ATOM   196 C C   . VAL A 1 31 ? -2.410  -6.133  0.823   1.00 12.46 ? 1749 VAL A C   1 
ATOM   197 O O   . VAL A 1 31 ? -3.129  -5.389  0.136   1.00 13.00 ? 1749 VAL A O   1 
ATOM   198 C CB  . VAL A 1 31 ? -0.603  -7.079  -0.673  1.00 12.67 ? 1749 VAL A CB  1 
ATOM   199 C CG1 . VAL A 1 31 ? 0.460   -6.321  0.040   1.00 14.76 ? 1749 VAL A CG1 1 
ATOM   200 C CG2 . VAL A 1 31 ? -0.116  -8.394  -1.221  1.00 14.95 ? 1749 VAL A CG2 1 
ATOM   201 N N   . PHE A 1 32 ? -2.084  -5.922  2.099   1.00 12.59 ? 1750 PHE A N   1 
ATOM   202 C CA  . PHE A 1 32 ? -2.753  -4.954  2.941   1.00 8.54  ? 1750 PHE A CA  1 
ATOM   203 C C   . PHE A 1 32 ? -1.734  -4.149  3.691   1.00 9.93  ? 1750 PHE A C   1 
ATOM   204 O O   . PHE A 1 32 ? -0.647  -4.646  4.070   1.00 12.96 ? 1750 PHE A O   1 
ATOM   205 C CB  . PHE A 1 32 ? -3.731  -5.622  3.916   1.00 12.76 ? 1750 PHE A CB  1 
ATOM   206 C CG  . PHE A 1 32 ? -4.746  -6.468  3.243   1.00 13.47 ? 1750 PHE A CG  1 
ATOM   207 C CD1 . PHE A 1 32 ? -5.990  -5.955  2.938   1.00 11.66 ? 1750 PHE A CD1 1 
ATOM   208 C CD2 . PHE A 1 32 ? -4.428  -7.757  2.796   1.00 11.90 ? 1750 PHE A CD2 1 
ATOM   209 C CE1 . PHE A 1 32 ? -6.931  -6.754  2.319   1.00 10.47 ? 1750 PHE A CE1 1 
ATOM   210 C CE2 . PHE A 1 32 ? -5.360  -8.550  2.180   1.00 15.33 ? 1750 PHE A CE2 1 
ATOM   211 C CZ  . PHE A 1 32 ? -6.617  -8.044  1.896   1.00 14.02 ? 1750 PHE A CZ  1 
ATOM   212 N N   . VAL A 1 33 ? -2.096  -2.895  3.939   1.00 11.41 ? 1751 VAL A N   1 
ATOM   213 C CA  . VAL A 1 33 ? -1.263  -2.027  4.764   1.00 11.77 ? 1751 VAL A CA  1 
ATOM   214 C C   . VAL A 1 33 ? -1.303  -2.498  6.233   1.00 15.43 ? 1751 VAL A C   1 
ATOM   215 O O   . VAL A 1 33 ? -2.358  -2.521  6.846   1.00 17.73 ? 1751 VAL A O   1 
ATOM   216 C CB  . VAL A 1 33 ? -1.719  -0.587  4.643   1.00 11.57 ? 1751 VAL A CB  1 
ATOM   217 C CG1 . VAL A 1 33 ? -0.888  0.302   5.517   1.00 13.50 ? 1751 VAL A CG1 1 
ATOM   218 C CG2 . VAL A 1 33 ? -1.632  -0.101  3.216   1.00 16.85 ? 1751 VAL A CG2 1 
ATOM   219 N N   . SER A 1 34 ? -0.140  -2.828  6.815   1.00 18.48 ? 1752 SER A N   1 
ATOM   220 C CA  A SER A 1 34 ? -0.133  -3.288  8.207   0.50 18.17 ? 1752 SER A CA  1 
ATOM   221 C CA  B SER A 1 34 ? -0.008  -3.336  8.188   0.50 15.22 ? 1752 SER A CA  1 
ATOM   222 C C   . SER A 1 34 ? 0.419   -2.295  9.214   1.00 21.07 ? 1752 SER A C   1 
ATOM   223 O O   . SER A 1 34 ? -0.022  -2.296  10.370  1.00 25.58 ? 1752 SER A O   1 
ATOM   224 C CB  A SER A 1 34 ? 0.590   -4.624  8.336   0.50 22.98 ? 1752 SER A CB  1 
ATOM   225 C CB  B SER A 1 34 ? 1.042   -4.457  8.181   0.50 16.01 ? 1752 SER A CB  1 
ATOM   226 O OG  A SER A 1 34 ? 1.940   -4.482  7.984   0.50 20.03 ? 1752 SER A OG  1 
ATOM   227 O OG  B SER A 1 34 ? 1.292   -4.950  9.487   0.50 15.81 ? 1752 SER A OG  1 
ATOM   228 N N   . ASP A 1 35 ? 1.357   -1.466  8.806   1.00 19.89 ? 1753 ASP A N   1 
ATOM   229 C CA  . ASP A 1 35 ? 1.895   -0.419  9.652   1.00 18.71 ? 1753 ASP A CA  1 
ATOM   230 C C   . ASP A 1 35 ? 2.159   0.798   8.794   1.00 17.00 ? 1753 ASP A C   1 
ATOM   231 O O   . ASP A 1 35 ? 2.589   0.683   7.658   1.00 18.02 ? 1753 ASP A O   1 
ATOM   232 C CB  . ASP A 1 35 ? 3.208   -0.873  10.325  1.00 20.60 ? 1753 ASP A CB  1 
ATOM   233 C CG  . ASP A 1 35 ? 3.726   0.105   11.379  1.00 33.71 ? 1753 ASP A CG  1 
ATOM   234 O OD1 . ASP A 1 35 ? 2.900   0.849   11.942  1.00 34.55 ? 1753 ASP A OD1 1 
ATOM   235 O OD2 . ASP A 1 35 ? 4.959   0.099   11.657  1.00 29.30 ? 1753 ASP A OD2 1 
ATOM   236 N N   . ILE A 1 36 ? 1.926   1.962   9.391   1.00 22.03 ? 1754 ILE A N   1 
ATOM   237 C CA  . ILE A 1 36 ? 2.318   3.229   8.811   1.00 17.86 ? 1754 ILE A CA  1 
ATOM   238 C C   . ILE A 1 36 ? 3.278   3.848   9.775   1.00 21.62 ? 1754 ILE A C   1 
ATOM   239 O O   . ILE A 1 36 ? 2.917   4.135   10.914  1.00 23.96 ? 1754 ILE A O   1 
ATOM   240 C CB  . ILE A 1 36 ? 1.116   4.158   8.549   1.00 22.31 ? 1754 ILE A CB  1 
ATOM   241 C CG1 . ILE A 1 36 ? 0.114   3.462   7.621   1.00 23.63 ? 1754 ILE A CG1 1 
ATOM   242 C CG2 . ILE A 1 36 ? 1.557   5.432   7.894   1.00 24.72 ? 1754 ILE A CG2 1 
ATOM   243 C CD1 . ILE A 1 36 ? -1.040  4.312   7.244   1.00 19.65 ? 1754 ILE A CD1 1 
ATOM   244 N N   . VAL A 1 37 ? 4.513   3.997   9.328   1.00 22.16 ? 1755 VAL A N   1 
ATOM   245 C CA  . VAL A 1 37 ? 5.587   4.480   10.178  1.00 22.57 ? 1755 VAL A CA  1 
ATOM   246 C C   . VAL A 1 37 ? 5.339   5.955   10.490  1.00 24.18 ? 1755 VAL A C   1 
ATOM   247 O O   . VAL A 1 37 ? 5.251   6.768   9.580   1.00 25.89 ? 1755 VAL A O   1 
ATOM   248 C CB  . VAL A 1 37 ? 6.959   4.310   9.474   1.00 23.09 ? 1755 VAL A CB  1 
ATOM   249 C CG1 . VAL A 1 37 ? 8.085   4.874   10.364  1.00 31.05 ? 1755 VAL A CG1 1 
ATOM   250 C CG2 . VAL A 1 37 ? 7.207   2.841   9.140   1.00 27.23 ? 1755 VAL A CG2 1 
ATOM   251 N N   . LYS A 1 38 ? 5.129   6.265   11.766  1.00 30.04 ? 1756 LYS A N   1 
ATOM   252 C CA  . LYS A 1 38 ? 5.045   7.655   12.232  1.00 35.19 ? 1756 LYS A CA  1 
ATOM   253 C C   . LYS A 1 38 ? 6.269   8.427   11.765  1.00 34.18 ? 1756 LYS A C   1 
ATOM   254 O O   . LYS A 1 38 ? 7.401   8.037   12.071  1.00 37.57 ? 1756 LYS A O   1 
ATOM   255 C CB  . LYS A 1 38 ? 4.996   7.711   13.765  1.00 37.43 ? 1756 LYS A CB  1 
ATOM   256 C CG  . LYS A 1 38 ? 3.691   7.250   14.372  1.00 33.18 ? 1756 LYS A CG  1 
ATOM   257 N N   . GLY A 1 39 ? 6.051   9.515   11.031  1.00 33.35 ? 1757 GLY A N   1 
ATOM   258 C CA  . GLY A 1 39 ? 7.147   10.304  10.476  1.00 28.18 ? 1757 GLY A CA  1 
ATOM   259 C C   . GLY A 1 39 ? 7.295   10.160  8.964   1.00 37.22 ? 1757 GLY A C   1 
ATOM   260 O O   . GLY A 1 39 ? 7.607   11.127  8.257   1.00 40.78 ? 1757 GLY A O   1 
ATOM   261 N N   . GLY A 1 40 ? 7.030   8.955   8.460   1.00 34.06 ? 1758 GLY A N   1 
ATOM   262 C CA  . GLY A 1 40 ? 7.278   8.629   7.067   1.00 31.98 ? 1758 GLY A CA  1 
ATOM   263 C C   . GLY A 1 40 ? 6.358   9.273   6.049   1.00 24.16 ? 1758 GLY A C   1 
ATOM   264 O O   . GLY A 1 40 ? 5.428   10.007  6.389   1.00 29.29 ? 1758 GLY A O   1 
ATOM   265 N N   . ILE A 1 41 ? 6.647   8.989   4.783   1.00 22.76 ? 1759 ILE A N   1 
ATOM   266 C CA  . ILE A 1 41 ? 5.937   9.550   3.627   1.00 23.66 ? 1759 ILE A CA  1 
ATOM   267 C C   . ILE A 1 41 ? 4.433   9.190   3.611   1.00 22.12 ? 1759 ILE A C   1 
ATOM   268 O O   . ILE A 1 41 ? 3.570   10.052  3.360   1.00 25.78 ? 1759 ILE A O   1 
ATOM   269 C CB  . ILE A 1 41 ? 6.645   9.096   2.315   1.00 25.82 ? 1759 ILE A CB  1 
ATOM   270 C CG1 . ILE A 1 41 ? 7.942   9.883   2.171   1.00 28.87 ? 1759 ILE A CG1 1 
ATOM   271 C CG2 . ILE A 1 41 ? 5.792   9.293   1.068   1.00 24.88 ? 1759 ILE A CG2 1 
ATOM   272 C CD1 . ILE A 1 41 ? 8.777   9.444   1.018   1.00 32.44 ? 1759 ILE A CD1 1 
ATOM   273 N N   . ALA A 1 42 ? 4.123   7.925   3.864   1.00 21.29 ? 1760 ALA A N   1 
ATOM   274 C CA  . ALA A 1 42 ? 2.737   7.478   3.888   1.00 20.94 ? 1760 ALA A CA  1 
ATOM   275 C C   . ALA A 1 42 ? 1.939   8.200   4.969   1.00 24.68 ? 1760 ALA A C   1 
ATOM   276 O O   . ALA A 1 42 ? 0.810   8.629   4.718   1.00 27.09 ? 1760 ALA A O   1 
ATOM   277 C CB  . ALA A 1 42 ? 2.674   5.958   4.074   1.00 24.46 ? 1760 ALA A CB  1 
ATOM   278 N N   . ASP A 1 43 ? 2.545   8.315   6.152   1.00 22.23 ? 1761 ASP A N   1 
ATOM   279 C CA  . ASP A 1 43 ? 1.975   9.046   7.309   1.00 24.92 ? 1761 ASP A CA  1 
ATOM   280 C C   . ASP A 1 43 ? 1.685   10.501  6.950   1.00 29.57 ? 1761 ASP A C   1 
ATOM   281 O O   . ASP A 1 43 ? 0.559   10.982  7.123   1.00 30.56 ? 1761 ASP A O   1 
ATOM   282 C CB  . ASP A 1 43 ? 2.969   8.979   8.473   1.00 25.57 ? 1761 ASP A CB  1 
ATOM   283 C CG  . ASP A 1 43 ? 2.448   9.594   9.754   1.00 31.42 ? 1761 ASP A CG  1 
ATOM   284 O OD1 . ASP A 1 43 ? 1.214   9.685   9.936   1.00 31.88 ? 1761 ASP A OD1 1 
ATOM   285 O OD2 . ASP A 1 43 ? 3.307   9.962   10.593  1.00 34.46 ? 1761 ASP A OD2 1 
ATOM   286 N N   . ALA A 1 44 ? 2.695   11.183  6.424   1.00 26.89 ? 1762 ALA A N   1 
ATOM   287 C CA  . ALA A 1 44 ? 2.581   12.601  6.096   1.00 27.86 ? 1762 ALA A CA  1 
ATOM   288 C C   . ALA A 1 44 ? 1.557   12.908  4.995   1.00 25.27 ? 1762 ALA A C   1 
ATOM   289 O O   . ALA A 1 44 ? 0.860   13.923  5.050   1.00 29.30 ? 1762 ALA A O   1 
ATOM   290 C CB  . ALA A 1 44 ? 3.943   13.142  5.711   1.00 23.47 ? 1762 ALA A CB  1 
ATOM   291 N N   . ASP A 1 45 ? 1.426   12.019  4.015   1.00 21.61 ? 1763 ASP A N   1 
ATOM   292 C CA  . ASP A 1 45 ? 0.483   12.233  2.929   1.00 22.17 ? 1763 ASP A CA  1 
ATOM   293 C C   . ASP A 1 45 ? -0.951  12.201  3.465   1.00 27.77 ? 1763 ASP A C   1 
ATOM   294 O O   . ASP A 1 45 ? -1.856  12.830  2.904   1.00 25.80 ? 1763 ASP A O   1 
ATOM   295 C CB  . ASP A 1 45 ? 0.637   11.141  1.857   1.00 24.60 ? 1763 ASP A CB  1 
ATOM   296 C CG  . ASP A 1 45 ? -0.490  11.174  0.844   1.00 21.74 ? 1763 ASP A CG  1 
ATOM   297 O OD1 . ASP A 1 45 ? -1.430  10.368  0.979   1.00 28.11 ? 1763 ASP A OD1 1 
ATOM   298 O OD2 . ASP A 1 45 ? -0.475  12.018  -0.077  1.00 27.15 ? 1763 ASP A OD2 1 
ATOM   299 N N   . GLY A 1 46 ? -1.147  11.418  4.522   1.00 24.94 ? 1764 GLY A N   1 
ATOM   300 C CA  . GLY A 1 46 ? -2.370  11.478  5.305   1.00 26.88 ? 1764 GLY A CA  1 
ATOM   301 C C   . GLY A 1 46 ? -3.615  10.815  4.747   1.00 27.93 ? 1764 GLY A C   1 
ATOM   302 O O   . GLY A 1 46 ? -4.710  11.135  5.189   1.00 26.85 ? 1764 GLY A O   1 
ATOM   303 N N   . ARG A 1 47 ? -3.469  9.903   3.785   1.00 24.99 ? 1765 ARG A N   1 
ATOM   304 C CA  . ARG A 1 47 ? -4.623  9.261   3.180   1.00 19.27 ? 1765 ARG A CA  1 
ATOM   305 C C   . ARG A 1 47 ? -4.664  7.773   3.487   1.00 22.33 ? 1765 ARG A C   1 
ATOM   306 O O   . ARG A 1 47 ? -5.740  7.241   3.751   1.00 20.68 ? 1765 ARG A O   1 
ATOM   307 C CB  . ARG A 1 47 ? -4.673  9.488   1.677   1.00 21.72 ? 1765 ARG A CB  1 
ATOM   308 C CG  . ARG A 1 47 ? -4.995  10.951  1.318   1.00 25.10 ? 1765 ARG A CG  1 
ATOM   309 C CD  . ARG A 1 47 ? -5.091  11.155  -0.164  1.00 22.63 ? 1765 ARG A CD  1 
ATOM   310 N NE  . ARG A 1 47 ? -3.760  11.214  -0.784  1.00 23.67 ? 1765 ARG A NE  1 
ATOM   311 C CZ  . ARG A 1 47 ? -3.518  11.597  -2.039  1.00 22.21 ? 1765 ARG A CZ  1 
ATOM   312 N NH1 . ARG A 1 47 ? -2.273  11.600  -2.492  1.00 22.94 ? 1765 ARG A NH1 1 
ATOM   313 N NH2 . ARG A 1 47 ? -4.494  11.969  -2.863  1.00 22.42 ? 1765 ARG A NH2 1 
ATOM   314 N N   . LEU A 1 48 ? -3.510  7.109   3.454   1.00 20.08 ? 1766 LEU A N   1 
ATOM   315 C CA  . LEU A 1 48 ? -3.449  5.662   3.662   1.00 15.96 ? 1766 LEU A CA  1 
ATOM   316 C C   . LEU A 1 48 ? -3.811  5.310   5.111   1.00 18.04 ? 1766 LEU A C   1 
ATOM   317 O O   . LEU A 1 48 ? -3.521  6.088   5.998   1.00 18.34 ? 1766 LEU A O   1 
ATOM   318 C CB  . LEU A 1 48 ? -2.033  5.170   3.330   1.00 18.83 ? 1766 LEU A CB  1 
ATOM   319 C CG  . LEU A 1 48 ? -1.844  3.711   2.940   1.00 23.23 ? 1766 LEU A CG  1 
ATOM   320 C CD1 . LEU A 1 48 ? -2.563  3.383   1.626   1.00 20.04 ? 1766 LEU A CD1 1 
ATOM   321 C CD2 . LEU A 1 48 ? -0.342  3.438   2.875   1.00 21.65 ? 1766 LEU A CD2 1 
ATOM   322 N N   . MET A 1 49 ? -4.447  4.153   5.319   1.00 18.22 ? 1767 MET A N   1 
ATOM   323 C CA  . MET A 1 49 ? -4.841  3.651   6.642   1.00 16.21 ? 1767 MET A CA  1 
ATOM   324 C C   . MET A 1 49 ? -4.420  2.207   6.815   1.00 15.00 ? 1767 MET A C   1 
ATOM   325 O O   . MET A 1 49 ? -4.473  1.410   5.868   1.00 16.45 ? 1767 MET A O   1 
ATOM   326 C CB  . MET A 1 49 ? -6.364  3.645   6.828   1.00 20.62 ? 1767 MET A CB  1 
ATOM   327 C CG  . MET A 1 49 ? -7.004  4.965   6.829   1.00 21.66 ? 1767 MET A CG  1 
ATOM   328 S SD  . MET A 1 49 ? -8.791  4.853   7.100   1.00 23.21 ? 1767 MET A SD  1 
ATOM   329 C CE  . MET A 1 49 ? -8.904  4.255   8.769   1.00 21.65 ? 1767 MET A CE  1 
ATOM   330 N N   . GLN A 1 50 ? -4.002  1.857   8.013   1.00 18.25 ? 1768 GLN A N   1 
ATOM   331 C CA  A GLN A 1 50 ? -3.797  0.467   8.383   0.50 16.40 ? 1768 GLN A CA  1 
ATOM   332 C CA  B GLN A 1 50 ? -3.770  0.467   8.320   0.50 19.75 ? 1768 GLN A CA  1 
ATOM   333 C C   . GLN A 1 50 ? -5.054  -0.332  8.030   1.00 18.99 ? 1768 GLN A C   1 
ATOM   334 O O   . GLN A 1 50 ? -6.170  0.035   8.473   1.00 18.40 ? 1768 GLN A O   1 
ATOM   335 C CB  A GLN A 1 50 ? -3.541  0.382   9.889   0.50 14.27 ? 1768 GLN A CB  1 
ATOM   336 C CB  B GLN A 1 50 ? -3.263  0.311   9.760   0.50 19.23 ? 1768 GLN A CB  1 
ATOM   337 C CG  A GLN A 1 50 ? -3.282  -0.999  10.444  0.50 13.09 ? 1768 GLN A CG  1 
ATOM   338 C CG  B GLN A 1 50 ? -1.847  0.914   9.923   0.50 25.15 ? 1768 GLN A CG  1 
ATOM   339 C CD  A GLN A 1 50 ? -3.329  -1.047  11.965  0.50 21.24 ? 1768 GLN A CD  1 
ATOM   340 C CD  B GLN A 1 50 ? -1.338  1.007   11.356  0.50 24.22 ? 1768 GLN A CD  1 
ATOM   341 O OE1 A GLN A 1 50 ? -2.418  -0.570  12.632  0.50 33.52 ? 1768 GLN A OE1 1 
ATOM   342 O OE1 B GLN A 1 50 ? -0.274  1.588   11.602  0.50 18.24 ? 1768 GLN A OE1 1 
ATOM   343 N NE2 A GLN A 1 50 ? -4.392  -1.624  12.515  0.50 21.04 ? 1768 GLN A NE2 1 
ATOM   344 N NE2 B GLN A 1 50 ? -2.093  0.459   12.303  0.50 23.96 ? 1768 GLN A NE2 1 
ATOM   345 N N   . GLY A 1 51 ? -4.873  -1.417  7.276   1.00 15.09 ? 1769 GLY A N   1 
ATOM   346 C CA  . GLY A 1 51 ? -5.935  -2.330  6.835   1.00 12.78 ? 1769 GLY A CA  1 
ATOM   347 C C   . GLY A 1 51 ? -6.313  -2.150  5.364   1.00 12.69 ? 1769 GLY A C   1 
ATOM   348 O O   . GLY A 1 51 ? -6.968  -3.005  4.781   1.00 13.47 ? 1769 GLY A O   1 
ATOM   349 N N   . ASP A 1 52 ? -5.945  -1.025  4.764   1.00 13.08 ? 1770 ASP A N   1 
ATOM   350 C CA  . ASP A 1 52 ? -6.254  -0.773  3.372   1.00 14.60 ? 1770 ASP A CA  1 
ATOM   351 C C   . ASP A 1 52 ? -5.651  -1.898  2.524   1.00 13.60 ? 1770 ASP A C   1 
ATOM   352 O O   . ASP A 1 52 ? -4.515  -2.344  2.784   1.00 13.13 ? 1770 ASP A O   1 
ATOM   353 C CB  . ASP A 1 52 ? -5.603  0.516   2.904   1.00 16.75 ? 1770 ASP A CB  1 
ATOM   354 C CG  . ASP A 1 52 ? -6.316  1.754   3.348   1.00 17.71 ? 1770 ASP A CG  1 
ATOM   355 O OD1 . ASP A 1 52 ? -7.426  1.672   3.958   1.00 15.19 ? 1770 ASP A OD1 1 
ATOM   356 O OD2 . ASP A 1 52 ? -5.725  2.848   3.087   1.00 17.87 ? 1770 ASP A OD2 1 
ATOM   357 N N   . GLN A 1 53 ? -6.389  -2.347  1.517   1.00 13.01 ? 1771 GLN A N   1 
ATOM   358 C CA  . GLN A 1 53 ? -5.838  -3.229  0.475   1.00 9.35  ? 1771 GLN A CA  1 
ATOM   359 C C   . GLN A 1 53 ? -5.205  -2.442  -0.661  1.00 11.99 ? 1771 GLN A C   1 
ATOM   360 O O   . GLN A 1 53 ? -5.795  -1.454  -1.150  1.00 12.81 ? 1771 GLN A O   1 
ATOM   361 C CB  . GLN A 1 53 ? -6.903  -4.125  -0.145  1.00 12.54 ? 1771 GLN A CB  1 
ATOM   362 C CG  . GLN A 1 53 ? -6.317  -5.217  -1.045  1.00 12.51 ? 1771 GLN A CG  1 
ATOM   363 C CD  . GLN A 1 53 ? -7.341  -6.159  -1.590  1.00 12.36 ? 1771 GLN A CD  1 
ATOM   364 O OE1 . GLN A 1 53 ? -8.521  -6.156  -1.175  1.00 16.56 ? 1771 GLN A OE1 1 
ATOM   365 N NE2 . GLN A 1 53 ? -6.911  -7.007  -2.511  1.00 16.05 ? 1771 GLN A NE2 1 
ATOM   366 N N   . ILE A 1 54 ? -4.008  -2.872  -1.097  1.00 10.46 ? 1772 ILE A N   1 
ATOM   367 C CA  . ILE A 1 54 ? -3.351  -2.197  -2.228  1.00 11.98 ? 1772 ILE A CA  1 
ATOM   368 C C   . ILE A 1 54 ? -3.889  -2.939  -3.433  1.00 12.81 ? 1772 ILE A C   1 
ATOM   369 O O   . ILE A 1 54 ? -3.675  -4.142  -3.576  1.00 13.31 ? 1772 ILE A O   1 
ATOM   370 C CB  . ILE A 1 54 ? -1.824  -2.288  -2.143  1.00 14.52 ? 1772 ILE A CB  1 
ATOM   371 C CG1 . ILE A 1 54 ? -1.323  -1.552  -0.880  1.00 16.58 ? 1772 ILE A CG1 1 
ATOM   372 C CG2 . ILE A 1 54 ? -1.225  -1.678  -3.399  1.00 15.51 ? 1772 ILE A CG2 1 
ATOM   373 C CD1 . ILE A 1 54 ? 0.154   -1.597  -0.714  1.00 21.30 ? 1772 ILE A CD1 1 
ATOM   374 N N   . LEU A 1 55 ? -4.585  -2.203  -4.309  1.00 11.76 ? 1773 LEU A N   1 
ATOM   375 C CA  . LEU A 1 55 ? -5.280  -2.804  -5.421  1.00 11.94 ? 1773 LEU A CA  1 
ATOM   376 C C   . LEU A 1 55 ? -4.469  -2.714  -6.708  1.00 11.08 ? 1773 LEU A C   1 
ATOM   377 O O   . LEU A 1 55 ? -4.470  -3.615  -7.501  1.00 11.91 ? 1773 LEU A O   1 
ATOM   378 C CB  . LEU A 1 55 ? -6.613  -2.099  -5.665  1.00 15.43 ? 1773 LEU A CB  1 
ATOM   379 C CG  . LEU A 1 55 ? -7.605  -2.098  -4.505  1.00 15.70 ? 1773 LEU A CG  1 
ATOM   380 C CD1 . LEU A 1 55 ? -8.807  -1.163  -4.842  1.00 20.09 ? 1773 LEU A CD1 1 
ATOM   381 C CD2 . LEU A 1 55 ? -8.054  -3.517  -4.135  1.00 20.94 ? 1773 LEU A CD2 1 
ATOM   382 N N   . MET A 1 56 ? -3.767  -1.611  -6.876  1.00 13.60 ? 1774 MET A N   1 
ATOM   383 C CA  . MET A 1 56 ? -3.045  -1.355  -8.112  1.00 10.71 ? 1774 MET A CA  1 
ATOM   384 C C   . MET A 1 56 ? -1.851  -0.476  -7.763  1.00 9.77  ? 1774 MET A C   1 
ATOM   385 O O   . MET A 1 56 ? -1.954  0.440   -6.941  1.00 12.50 ? 1774 MET A O   1 
ATOM   386 C CB  . MET A 1 56 ? -3.969  -0.633  -9.087  1.00 14.62 ? 1774 MET A CB  1 
ATOM   387 C CG  . MET A 1 56 ? -3.456  -0.370  -10.429 1.00 19.62 ? 1774 MET A CG  1 
ATOM   388 S SD  . MET A 1 56 ? -4.820  0.048   -11.554 1.00 19.09 ? 1774 MET A SD  1 
ATOM   389 C CE  . MET A 1 56 ? -5.511  -1.526  -11.993 1.00 21.78 ? 1774 MET A CE  1 
ATOM   390 N N   . VAL A 1 57 ? -0.707  -0.718  -8.440  1.00 13.20 ? 1775 VAL A N   1 
ATOM   391 C CA  . VAL A 1 57 ? 0.490   0.106   -8.226  1.00 13.08 ? 1775 VAL A CA  1 
ATOM   392 C C   . VAL A 1 57 ? 0.997   0.578   -9.577  1.00 17.22 ? 1775 VAL A C   1 
ATOM   393 O O   . VAL A 1 57 ? 1.312   -0.241  -10.429 1.00 14.29 ? 1775 VAL A O   1 
ATOM   394 C CB  . VAL A 1 57 ? 1.623   -0.676  -7.486  1.00 12.49 ? 1775 VAL A CB  1 
ATOM   395 C CG1 . VAL A 1 57 ? 2.909   0.191   -7.390  1.00 14.72 ? 1775 VAL A CG1 1 
ATOM   396 C CG2 . VAL A 1 57 ? 1.214   -1.150  -6.084  1.00 13.22 ? 1775 VAL A CG2 1 
ATOM   397 N N   . ASN A 1 58 ? 1.020   1.898   -9.770  1.00 15.21 ? 1776 ASN A N   1 
ATOM   398 C CA  . ASN A 1 58 ? 1.348   2.508   -11.076 1.00 19.95 ? 1776 ASN A CA  1 
ATOM   399 C C   . ASN A 1 58 ? 0.716   1.753   -12.265 1.00 20.12 ? 1776 ASN A C   1 
ATOM   400 O O   . ASN A 1 58 ? 1.361   1.386   -13.268 1.00 21.18 ? 1776 ASN A O   1 
ATOM   401 C CB  . ASN A 1 58 ? 2.854   2.639   -11.235 1.00 19.22 ? 1776 ASN A CB  1 
ATOM   402 C CG  . ASN A 1 58 ? 3.470   3.579   -10.232 1.00 20.98 ? 1776 ASN A CG  1 
ATOM   403 O OD1 . ASN A 1 58 ? 2.936   4.653   -9.970  1.00 22.18 ? 1776 ASN A OD1 1 
ATOM   404 N ND2 . ASN A 1 58 ? 4.622   3.184   -9.674  1.00 24.95 ? 1776 ASN A ND2 1 
ATOM   405 N N   . GLY A 1 59 ? -0.580  1.508   -12.129 1.00 15.97 ? 1777 GLY A N   1 
ATOM   406 C CA  . GLY A 1 59 ? -1.342  0.943   -13.193 1.00 18.48 ? 1777 GLY A CA  1 
ATOM   407 C C   . GLY A 1 59 ? -1.384  -0.550  -13.256 1.00 14.77 ? 1777 GLY A C   1 
ATOM   408 O O   . GLY A 1 59 ? -2.168  -1.080  -14.007 1.00 19.18 ? 1777 GLY A O   1 
ATOM   409 N N   . GLU A 1 60 ? -0.566  -1.240  -12.446 1.00 14.16 ? 1778 GLU A N   1 
ATOM   410 C CA  . GLU A 1 60 ? -0.556  -2.692  -12.438 1.00 15.06 ? 1778 GLU A CA  1 
ATOM   411 C C   . GLU A 1 60 ? -1.464  -3.206  -11.367 1.00 12.67 ? 1778 GLU A C   1 
ATOM   412 O O   . GLU A 1 60 ? -1.288  -2.894  -10.174 1.00 15.44 ? 1778 GLU A O   1 
ATOM   413 C CB  . GLU A 1 60 ? 0.848   -3.270  -12.203 1.00 16.40 ? 1778 GLU A CB  1 
ATOM   414 C CG  . GLU A 1 60 ? 0.849   -4.757  -12.371 1.00 19.56 ? 1778 GLU A CG  1 
ATOM   415 C CD  . GLU A 1 60 ? 2.241   -5.410  -12.343 1.00 16.07 ? 1778 GLU A CD  1 
ATOM   416 O OE1 . GLU A 1 60 ? 3.228   -4.732  -11.925 1.00 16.75 ? 1778 GLU A OE1 1 
ATOM   417 O OE2 . GLU A 1 60 ? 2.283   -6.626  -12.694 1.00 20.62 ? 1778 GLU A OE2 1 
ATOM   418 N N   . ASP A 1 61 ? -2.379  -4.069  -11.800 1.00 12.90 ? 1779 ASP A N   1 
ATOM   419 C CA  . ASP A 1 61 ? -3.305  -4.750  -10.917 1.00 14.43 ? 1779 ASP A CA  1 
ATOM   420 C C   . ASP A 1 61 ? -2.512  -5.723  -9.994  1.00 16.54 ? 1779 ASP A C   1 
ATOM   421 O O   . ASP A 1 61 ? -1.787  -6.590  -10.464 1.00 17.77 ? 1779 ASP A O   1 
ATOM   422 C CB  . ASP A 1 61 ? -4.305  -5.508  -11.783 1.00 19.59 ? 1779 ASP A CB  1 
ATOM   423 C CG  . ASP A 1 61 ? -5.399  -6.198  -10.994 1.00 21.93 ? 1779 ASP A CG  1 
ATOM   424 O OD1 . ASP A 1 61 ? -5.463  -6.141  -9.761  1.00 16.77 ? 1779 ASP A OD1 1 
ATOM   425 O OD2 . ASP A 1 61 ? -6.244  -6.826  -11.666 1.00 29.11 ? 1779 ASP A OD2 1 
ATOM   426 N N   . VAL A 1 62 ? -2.682  -5.560  -8.693  1.00 12.78 ? 1780 VAL A N   1 
ATOM   427 C CA  . VAL A 1 62 ? -2.039  -6.436  -7.740  1.00 10.08 ? 1780 VAL A CA  1 
ATOM   428 C C   . VAL A 1 62 ? -3.031  -6.992  -6.720  1.00 15.72 ? 1780 VAL A C   1 
ATOM   429 O O   . VAL A 1 62 ? -2.625  -7.471  -5.657  1.00 15.18 ? 1780 VAL A O   1 
ATOM   430 C CB  . VAL A 1 62 ? -0.846  -5.728  -7.023  1.00 12.17 ? 1780 VAL A CB  1 
ATOM   431 C CG1 . VAL A 1 62 ? 0.274   -5.397  -8.007  1.00 13.69 ? 1780 VAL A CG1 1 
ATOM   432 C CG2 . VAL A 1 62 ? -1.316  -4.475  -6.228  1.00 15.50 ? 1780 VAL A CG2 1 
ATOM   433 N N   . ARG A 1 63 ? -4.310  -7.055  -7.102  1.00 14.25 ? 1781 ARG A N   1 
ATOM   434 C CA  A ARG A 1 63 ? -5.331  -7.581  -6.190  0.50 19.45 ? 1781 ARG A CA  1 
ATOM   435 C CA  B ARG A 1 63 ? -5.358  -7.607  -6.221  0.50 17.63 ? 1781 ARG A CA  1 
ATOM   436 C C   . ARG A 1 63 ? -5.101  -9.052  -5.811  1.00 17.39 ? 1781 ARG A C   1 
ATOM   437 O O   . ARG A 1 63 ? -5.463  -9.459  -4.709  1.00 23.00 ? 1781 ARG A O   1 
ATOM   438 C CB  A ARG A 1 63 ? -6.736  -7.342  -6.757  0.50 19.56 ? 1781 ARG A CB  1 
ATOM   439 C CB  B ARG A 1 63 ? -6.724  -7.534  -6.897  0.50 17.11 ? 1781 ARG A CB  1 
ATOM   440 C CG  A ARG A 1 63 ? -7.161  -5.887  -6.602  0.50 23.46 ? 1781 ARG A CG  1 
ATOM   441 C CG  B ARG A 1 63 ? -7.328  -6.152  -6.904  0.50 16.80 ? 1781 ARG A CG  1 
ATOM   442 C CD  A ARG A 1 63 ? -8.425  -5.511  -7.369  0.50 22.96 ? 1781 ARG A CD  1 
ATOM   443 C CD  B ARG A 1 63 ? -8.626  -6.131  -7.701  0.50 20.70 ? 1781 ARG A CD  1 
ATOM   444 N NE  A ARG A 1 63 ? -8.145  -5.105  -8.749  0.50 23.77 ? 1781 ARG A NE  1 
ATOM   445 N NE  B ARG A 1 63 ? -8.368  -6.009  -9.134  0.50 20.12 ? 1781 ARG A NE  1 
ATOM   446 C CZ  A ARG A 1 63 ? -9.050  -4.588  -9.579  0.50 25.22 ? 1781 ARG A CZ  1 
ATOM   447 C CZ  B ARG A 1 63 ? -9.275  -6.224  -10.091 0.50 25.61 ? 1781 ARG A CZ  1 
ATOM   448 N NH1 A ARG A 1 63 ? -8.706  -4.250  -10.816 0.50 30.56 ? 1781 ARG A NH1 1 
ATOM   449 N NH1 B ARG A 1 63 ? -8.924  -6.087  -11.352 0.50 24.01 ? 1781 ARG A NH1 1 
ATOM   450 N NH2 A ARG A 1 63 ? -10.295 -4.398  -9.175  0.50 19.72 ? 1781 ARG A NH2 1 
ATOM   451 N NH2 B ARG A 1 63 ? -10.525 -6.565  -9.803  0.50 23.83 ? 1781 ARG A NH2 1 
ATOM   452 N N   . ASN A 1 64 ? -4.459  -9.817  -6.705  1.00 21.17 ? 1782 ASN A N   1 
ATOM   453 C CA  . ASN A 1 64 ? -4.173  -11.241 -6.463  1.00 21.52 ? 1782 ASN A CA  1 
ATOM   454 C C   . ASN A 1 64 ? -2.675  -11.513 -6.302  1.00 18.89 ? 1782 ASN A C   1 
ATOM   455 O O   . ASN A 1 64 ? -2.258  -12.678 -6.260  1.00 23.42 ? 1782 ASN A O   1 
ATOM   456 C CB  . ASN A 1 64 ? -4.780  -12.075 -7.607  1.00 26.91 ? 1782 ASN A CB  1 
ATOM   457 C CG  . ASN A 1 64 ? -4.787  -13.578 -7.341  1.00 29.86 ? 1782 ASN A CG  1 
ATOM   458 O OD1 . ASN A 1 64 ? -4.578  -14.374 -8.259  1.00 36.95 ? 1782 ASN A OD1 1 
ATOM   459 N ND2 . ASN A 1 64 ? -5.011  -13.970 -6.088  1.00 34.66 ? 1782 ASN A ND2 1 
ATOM   460 N N   . ALA A 1 65 ? -1.881  -10.450 -6.114  1.00 15.69 ? 1783 ALA A N   1 
ATOM   461 C CA  . ALA A 1 65 ? -0.440  -10.555 -5.978  1.00 17.04 ? 1783 ALA A CA  1 
ATOM   462 C C   . ALA A 1 65 ? -0.036  -10.976 -4.573  1.00 15.40 ? 1783 ALA A C   1 
ATOM   463 O O   . ALA A 1 65 ? -0.839  -10.910 -3.614  1.00 16.30 ? 1783 ALA A O   1 
ATOM   464 C CB  . ALA A 1 65 ? 0.222   -9.235  -6.322  1.00 18.20 ? 1783 ALA A CB  1 
ATOM   465 N N   . THR A 1 66 ? 1.203   -11.453 -4.467  1.00 15.22 ? 1784 THR A N   1 
ATOM   466 C CA  . THR A 1 66 ? 1.764   -11.853 -3.178  1.00 14.84 ? 1784 THR A CA  1 
ATOM   467 C C   . THR A 1 66 ? 2.417   -10.692 -2.488  1.00 15.41 ? 1784 THR A C   1 
ATOM   468 O O   . THR A 1 66 ? 2.805   -9.719  -3.137  1.00 13.24 ? 1784 THR A O   1 
ATOM   469 C CB  . THR A 1 66 ? 2.785   -12.935 -3.291  1.00 14.09 ? 1784 THR A CB  1 
ATOM   470 O OG1 . THR A 1 66 ? 3.881   -12.472 -4.073  1.00 17.47 ? 1784 THR A OG1 1 
ATOM   471 C CG2 . THR A 1 66 ? 2.140   -14.241 -3.864  1.00 16.89 ? 1784 THR A CG2 1 
ATOM   472 N N   . GLN A 1 67 ? 2.536   -10.830 -1.166  1.00 13.56 ? 1785 GLN A N   1 
ATOM   473 C CA  . GLN A 1 67 ? 3.226   -9.853  -0.356  1.00 12.69 ? 1785 GLN A CA  1 
ATOM   474 C C   . GLN A 1 67 ? 4.637   -9.567  -0.903  1.00 13.11 ? 1785 GLN A C   1 
ATOM   475 O O   . GLN A 1 67 ? 5.065   -8.397  -1.006  1.00 13.12 ? 1785 GLN A O   1 
ATOM   476 C CB  . GLN A 1 67 ? 3.289   -10.389 1.070   1.00 15.21 ? 1785 GLN A CB  1 
ATOM   477 C CG  . GLN A 1 67 ? 4.121   -9.572  2.033   1.00 14.36 ? 1785 GLN A CG  1 
ATOM   478 C CD  . GLN A 1 67 ? 4.061   -10.104 3.427   1.00 14.22 ? 1785 GLN A CD  1 
ATOM   479 O OE1 . GLN A 1 67 ? 3.112   -10.827 3.798   1.00 12.35 ? 1785 GLN A OE1 1 
ATOM   480 N NE2 . GLN A 1 67 ? 5.064   -9.714  4.239   1.00 13.38 ? 1785 GLN A NE2 1 
ATOM   481 N N   . GLU A 1 68 ? 5.357   -10.625 -1.260  1.00 14.81 ? 1786 GLU A N   1 
ATOM   482 C CA  . GLU A 1 68 ? 6.733   -10.457 -1.721  1.00 14.98 ? 1786 GLU A CA  1 
ATOM   483 C C   . GLU A 1 68 ? 6.770   -9.724  -3.043  1.00 14.30 ? 1786 GLU A C   1 
ATOM   484 O O   . GLU A 1 68 ? 7.673   -8.931  -3.274  1.00 16.17 ? 1786 GLU A O   1 
ATOM   485 C CB  . GLU A 1 68 ? 7.471   -11.799 -1.867  1.00 17.51 ? 1786 GLU A CB  1 
ATOM   486 C CG  . GLU A 1 68 ? 6.737   -12.858 -2.665  1.00 23.09 ? 1786 GLU A CG  1 
ATOM   487 N N   . ALA A 1 69 ? 5.843   -10.053 -3.940  1.00 13.47 ? 1787 ALA A N   1 
ATOM   488 C CA  . ALA A 1 69 ? 5.769   -9.373  -5.230  1.00 11.19 ? 1787 ALA A CA  1 
ATOM   489 C C   . ALA A 1 69 ? 5.471   -7.883  -5.110  1.00 11.96 ? 1787 ALA A C   1 
ATOM   490 O O   . ALA A 1 69 ? 6.156   -7.057  -5.698  1.00 16.04 ? 1787 ALA A O   1 
ATOM   491 C CB  . ALA A 1 69 ? 4.782   -10.043 -6.097  1.00 13.22 ? 1787 ALA A CB  1 
ATOM   492 N N   . VAL A 1 70 ? 4.426   -7.537  -4.368  1.00 12.27 ? 1788 VAL A N   1 
ATOM   493 C CA  . VAL A 1 70 ? 4.123   -6.090  -4.146  1.00 12.94 ? 1788 VAL A CA  1 
ATOM   494 C C   . VAL A 1 70 ? 5.237   -5.397  -3.401  1.00 12.30 ? 1788 VAL A C   1 
ATOM   495 O O   . VAL A 1 70 ? 5.602   -4.282  -3.774  1.00 15.38 ? 1788 VAL A O   1 
ATOM   496 C CB  . VAL A 1 70 ? 2.746   -5.932  -3.423  1.00 12.04 ? 1788 VAL A CB  1 
ATOM   497 C CG1 . VAL A 1 70 ? 2.418   -4.460  -3.198  1.00 15.14 ? 1788 VAL A CG1 1 
ATOM   498 C CG2 . VAL A 1 70 ? 1.671   -6.657  -4.239  1.00 13.69 ? 1788 VAL A CG2 1 
ATOM   499 N N   . ALA A 1 71 ? 5.835   -6.054  -2.397  1.00 11.71 ? 1789 ALA A N   1 
ATOM   500 C CA  . ALA A 1 71 ? 6.929   -5.387  -1.686  1.00 11.97 ? 1789 ALA A CA  1 
ATOM   501 C C   . ALA A 1 71 ? 8.115   -5.095  -2.645  1.00 13.64 ? 1789 ALA A C   1 
ATOM   502 O O   . ALA A 1 71 ? 8.679   -4.013  -2.659  1.00 16.49 ? 1789 ALA A O   1 
ATOM   503 C CB  . ALA A 1 71 ? 7.389   -6.202  -0.469  1.00 12.59 ? 1789 ALA A CB  1 
ATOM   504 N N   . ALA A 1 72 ? 8.497   -6.080  -3.444  1.00 12.66 ? 1790 ALA A N   1 
ATOM   505 C CA  . ALA A 1 72 ? 9.584   -5.915  -4.411  1.00 12.05 ? 1790 ALA A CA  1 
ATOM   506 C C   . ALA A 1 72 ? 9.298   -4.804  -5.420  1.00 14.11 ? 1790 ALA A C   1 
ATOM   507 O O   . ALA A 1 72 ? 10.164  -4.011  -5.758  1.00 15.62 ? 1790 ALA A O   1 
ATOM   508 C CB  . ALA A 1 72 ? 9.832   -7.209  -5.141  1.00 15.56 ? 1790 ALA A CB  1 
ATOM   509 N N   . LEU A 1 73 ? 8.073   -4.740  -5.880  1.00 12.56 ? 1791 LEU A N   1 
ATOM   510 C CA  . LEU A 1 73 ? 7.646   -3.740  -6.821  1.00 11.86 ? 1791 LEU A CA  1 
ATOM   511 C C   . LEU A 1 73 ? 7.821   -2.372  -6.201  1.00 14.09 ? 1791 LEU A C   1 
ATOM   512 O O   . LEU A 1 73 ? 8.313   -1.466  -6.830  1.00 13.78 ? 1791 LEU A O   1 
ATOM   513 C CB  . LEU A 1 73 ? 6.196   -3.950  -7.210  1.00 13.28 ? 1791 LEU A CB  1 
ATOM   514 C CG  . LEU A 1 73 ? 5.599   -2.956  -8.208  1.00 12.71 ? 1791 LEU A CG  1 
ATOM   515 C CD1 . LEU A 1 73 ? 6.443   -2.900  -9.471  1.00 16.65 ? 1791 LEU A CD1 1 
ATOM   516 C CD2 . LEU A 1 73 ? 4.197   -3.356  -8.569  1.00 16.56 ? 1791 LEU A CD2 1 
ATOM   517 N N   . LEU A 1 74 ? 7.308   -2.209  -4.992  1.00 12.52 ? 1792 LEU A N   1 
ATOM   518 C CA  . LEU A 1 74 ? 7.397   -0.919  -4.310  1.00 13.66 ? 1792 LEU A CA  1 
ATOM   519 C C   . LEU A 1 74 ? 8.841   -0.531  -4.056  1.00 13.31 ? 1792 LEU A C   1 
ATOM   520 O O   . LEU A 1 74 ? 9.198   0.625   -4.187  1.00 16.65 ? 1792 LEU A O   1 
ATOM   521 C CB  . LEU A 1 74 ? 6.575   -0.912  -3.020  1.00 15.45 ? 1792 LEU A CB  1 
ATOM   522 C CG  . LEU A 1 74 ? 5.065   -0.954  -3.273  1.00 13.94 ? 1792 LEU A CG  1 
ATOM   523 C CD1 . LEU A 1 74 ? 4.317   -1.171  -1.987  1.00 18.01 ? 1792 LEU A CD1 1 
ATOM   524 C CD2 . LEU A 1 74 ? 4.609   0.304   -4.006  1.00 16.73 ? 1792 LEU A CD2 1 
ATOM   525 N N   . LYS A 1 75 ? 9.657   -1.505  -3.687  1.00 13.86 ? 1793 LYS A N   1 
ATOM   526 C CA  . LYS A 1 75 ? 11.079  -1.263  -3.470  1.00 17.02 ? 1793 LYS A CA  1 
ATOM   527 C C   . LYS A 1 75 ? 11.820  -0.838  -4.736  1.00 18.18 ? 1793 LYS A C   1 
ATOM   528 O O   . LYS A 1 75 ? 12.688  -0.001  -4.660  1.00 20.11 ? 1793 LYS A O   1 
ATOM   529 C CB  . LYS A 1 75 ? 11.768  -2.480  -2.850  1.00 18.50 ? 1793 LYS A CB  1 
ATOM   530 C CG  . LYS A 1 75 ? 11.306  -2.781  -1.418  1.00 22.06 ? 1793 LYS A CG  1 
ATOM   531 C CD  . LYS A 1 75 ? 12.114  -3.919  -0.794  1.00 26.42 ? 1793 LYS A CD  1 
ATOM   532 C CE  . LYS A 1 75 ? 11.777  -4.123  0.677   1.00 32.17 ? 1793 LYS A CE  1 
ATOM   533 N NZ  . LYS A 1 75 ? 12.608  -5.185  1.305   1.00 29.53 ? 1793 LYS A NZ  1 
ATOM   534 N N   . CYS A 1 76 ? 11.455  -1.398  -5.891  1.00 16.17 ? 1794 CYS A N   1 
ATOM   535 C CA  . CYS A 1 76 ? 12.125  -1.073  -7.163  1.00 16.01 ? 1794 CYS A CA  1 
ATOM   536 C C   . CYS A 1 76 ? 11.570  0.153   -7.852  1.00 18.72 ? 1794 CYS A C   1 
ATOM   537 O O   . CYS A 1 76 ? 12.174  0.662   -8.817  1.00 25.09 ? 1794 CYS A O   1 
ATOM   538 C CB  . CYS A 1 76 ? 12.031  -2.257  -8.135  1.00 14.67 ? 1794 CYS A CB  1 
ATOM   539 S SG  . CYS A 1 76 ? 12.903  -3.703  -7.589  1.00 19.73 ? 1794 CYS A SG  1 
ATOM   540 N N   . SER A 1 77 ? 10.434  0.641   -7.372  1.00 16.42 ? 1795 SER A N   1 
ATOM   541 C CA  . SER A 1 77 ? 9.849   1.814   -7.966  1.00 15.54 ? 1795 SER A CA  1 
ATOM   542 C C   . SER A 1 77 ? 10.554  3.099   -7.498  1.00 19.83 ? 1795 SER A C   1 
ATOM   543 O O   . SER A 1 77 ? 11.065  3.200   -6.382  1.00 25.29 ? 1795 SER A O   1 
ATOM   544 C CB  . SER A 1 77 ? 8.350   1.874   -7.674  1.00 17.21 ? 1795 SER A CB  1 
ATOM   545 O OG  . SER A 1 77 ? 7.693   0.770   -8.264  1.00 17.95 ? 1795 SER A OG  1 
ATOM   546 N N   . LEU A 1 78 ? 10.550  4.071   -8.400  1.00 18.25 ? 1796 LEU A N   1 
ATOM   547 C CA  . LEU A 1 78 ? 11.167  5.367   -8.238  1.00 18.76 ? 1796 LEU A CA  1 
ATOM   548 C C   . LEU A 1 78 ? 10.184  6.468   -8.585  1.00 19.47 ? 1796 LEU A C   1 
ATOM   549 O O   . LEU A 1 78 ? 9.239   6.281   -9.356  1.00 23.03 ? 1796 LEU A O   1 
ATOM   550 C CB  . LEU A 1 78 ? 12.351  5.483   -9.196  1.00 20.06 ? 1796 LEU A CB  1 
ATOM   551 C CG  . LEU A 1 78 ? 13.564  4.598   -8.870  1.00 27.44 ? 1796 LEU A CG  1 
ATOM   552 C CD1 . LEU A 1 78 ? 14.636  4.709   -9.927  1.00 24.89 ? 1796 LEU A CD1 1 
ATOM   553 C CD2 . LEU A 1 78 ? 14.161  4.951   -7.515  1.00 30.64 ? 1796 LEU A CD2 1 
ATOM   554 N N   . GLY A 1 79 ? 10.429  7.632   -8.022  1.00 22.16 ? 1797 GLY A N   1 
ATOM   555 C CA  . GLY A 1 79 ? 9.592   8.786   -8.243  1.00 20.95 ? 1797 GLY A CA  1 
ATOM   556 C C   . GLY A 1 79 ? 8.237   8.699   -7.572  1.00 22.70 ? 1797 GLY A C   1 
ATOM   557 O O   . GLY A 1 79 ? 8.094   8.245   -6.427  1.00 22.46 ? 1797 GLY A O   1 
ATOM   558 N N   . THR A 1 80 ? 7.221   9.144   -8.294  1.00 23.40 ? 1798 THR A N   1 
ATOM   559 C CA  . THR A 1 80 ? 5.862   9.141   -7.761  1.00 23.23 ? 1798 THR A CA  1 
ATOM   560 C C   . THR A 1 80 ? 5.283   7.746   -7.909  1.00 23.61 ? 1798 THR A C   1 
ATOM   561 O O   . THR A 1 80 ? 5.289   7.139   -8.981  1.00 23.73 ? 1798 THR A O   1 
ATOM   562 C CB  . THR A 1 80 ? 4.986   10.182  -8.480  1.00 26.48 ? 1798 THR A CB  1 
ATOM   563 O OG1 . THR A 1 80 ? 5.627   11.457  -8.377  1.00 34.02 ? 1798 THR A OG1 1 
ATOM   564 C CG2 . THR A 1 80 ? 3.560   10.254  -7.853  1.00 25.84 ? 1798 THR A CG2 1 
ATOM   565 N N   . VAL A 1 81 ? 4.821   7.216   -6.795  1.00 17.35 ? 1799 VAL A N   1 
ATOM   566 C CA  . VAL A 1 81 ? 4.179   5.928   -6.807  1.00 16.56 ? 1799 VAL A CA  1 
ATOM   567 C C   . VAL A 1 81 ? 2.700   6.199   -6.608  1.00 16.80 ? 1799 VAL A C   1 
ATOM   568 O O   . VAL A 1 81 ? 2.299   6.730   -5.592  1.00 17.56 ? 1799 VAL A O   1 
ATOM   569 C CB  . VAL A 1 81 ? 4.722   5.049   -5.657  1.00 19.35 ? 1799 VAL A CB  1 
ATOM   570 C CG1 . VAL A 1 81 ? 4.110   3.689   -5.732  1.00 19.72 ? 1799 VAL A CG1 1 
ATOM   571 C CG2 . VAL A 1 81 ? 6.257   4.967   -5.722  1.00 18.44 ? 1799 VAL A CG2 1 
ATOM   572 N N   . THR A 1 82 ? 1.900   5.832   -7.598  1.00 17.27 ? 1800 THR A N   1 
ATOM   573 C CA  . THR A 1 82 ? 0.465   6.007   -7.550  1.00 18.15 ? 1800 THR A CA  1 
ATOM   574 C C   . THR A 1 82 ? -0.179  4.679   -7.172  1.00 13.94 ? 1800 THR A C   1 
ATOM   575 O O   . THR A 1 82 ? -0.057  3.664   -7.882  1.00 16.90 ? 1800 THR A O   1 
ATOM   576 C CB  . THR A 1 82 ? -0.103  6.501   -8.892  1.00 20.11 ? 1800 THR A CB  1 
ATOM   577 O OG1 . THR A 1 82 ? 0.522   7.748   -9.267  1.00 21.02 ? 1800 THR A OG1 1 
ATOM   578 C CG2 . THR A 1 82 ? -1.641  6.702   -8.788  1.00 20.00 ? 1800 THR A CG2 1 
ATOM   579 N N   . LEU A 1 83 ? -0.850  4.697   -6.031  1.00 16.06 ? 1801 LEU A N   1 
ATOM   580 C CA  . LEU A 1 83 ? -1.525  3.534   -5.461  1.00 17.20 ? 1801 LEU A CA  1 
ATOM   581 C C   . LEU A 1 83 ? -3.029  3.705   -5.542  1.00 12.83 ? 1801 LEU A C   1 
ATOM   582 O O   . LEU A 1 83 ? -3.544  4.738   -5.228  1.00 16.84 ? 1801 LEU A O   1 
ATOM   583 C CB  . LEU A 1 83 ? -1.218  3.385   -3.940  1.00 16.28 ? 1801 LEU A CB  1 
ATOM   584 C CG  . LEU A 1 83 ? 0.237   3.310   -3.538  1.00 20.98 ? 1801 LEU A CG  1 
ATOM   585 C CD1 . LEU A 1 83 ? 0.391   3.284   -2.015  1.00 21.39 ? 1801 LEU A CD1 1 
ATOM   586 C CD2 . LEU A 1 83 ? 0.879   2.095   -4.219  1.00 16.76 ? 1801 LEU A CD2 1 
ATOM   587 N N   . GLU A 1 84 ? -3.718  2.668   -5.978  1.00 10.62 ? 1802 GLU A N   1 
ATOM   588 C CA  A GLU A 1 84 ? -5.149  2.616   -5.721  0.50 17.11 ? 1802 GLU A CA  1 
ATOM   589 C CA  B GLU A 1 84 ? -5.151  2.582   -5.770  0.50 17.40 ? 1802 GLU A CA  1 
ATOM   590 C C   . GLU A 1 84 ? -5.356  1.651   -4.576  1.00 12.03 ? 1802 GLU A C   1 
ATOM   591 O O   . GLU A 1 84 ? -4.792  0.541   -4.555  1.00 13.15 ? 1802 GLU A O   1 
ATOM   592 C CB  A GLU A 1 84 ? -5.947  2.217   -6.954  0.50 14.95 ? 1802 GLU A CB  1 
ATOM   593 C CB  B GLU A 1 84 ? -5.829  2.050   -7.035  0.50 14.70 ? 1802 GLU A CB  1 
ATOM   594 C CG  A GLU A 1 84 ? -6.054  3.336   -7.970  0.50 15.90 ? 1802 GLU A CG  1 
ATOM   595 C CG  B GLU A 1 84 ? -5.511  2.854   -8.304  0.50 17.54 ? 1802 GLU A CG  1 
ATOM   596 C CD  A GLU A 1 84 ? -4.705  3.664   -8.558  0.50 18.49 ? 1802 GLU A CD  1 
ATOM   597 C CD  B GLU A 1 84 ? -5.668  4.350   -8.086  0.50 22.26 ? 1802 GLU A CD  1 
ATOM   598 O OE1 A GLU A 1 84 ? -4.253  4.834   -8.511  0.50 14.98 ? 1802 GLU A OE1 1 
ATOM   599 O OE1 B GLU A 1 84 ? -6.737  4.756   -7.587  0.50 18.82 ? 1802 GLU A OE1 1 
ATOM   600 O OE2 A GLU A 1 84 ? -4.085  2.719   -9.064  0.50 14.61 ? 1802 GLU A OE2 1 
ATOM   601 O OE2 B GLU A 1 84 ? -4.725  5.112   -8.408  0.50 19.53 ? 1802 GLU A OE2 1 
ATOM   602 N N   . VAL A 1 85 ? -6.129  2.094   -3.574  1.00 12.02 ? 1803 VAL A N   1 
ATOM   603 C CA  . VAL A 1 85 ? -6.348  1.289   -2.380  1.00 15.70 ? 1803 VAL A CA  1 
ATOM   604 C C   . VAL A 1 85 ? -7.824  1.176   -2.102  1.00 14.31 ? 1803 VAL A C   1 
ATOM   605 O O   . VAL A 1 85 ? -8.625  2.001   -2.540  1.00 15.95 ? 1803 VAL A O   1 
ATOM   606 C CB  . VAL A 1 85 ? -5.609  1.827   -1.133  1.00 15.80 ? 1803 VAL A CB  1 
ATOM   607 C CG1 . VAL A 1 85 ? -4.112  2.002   -1.435  1.00 18.61 ? 1803 VAL A CG1 1 
ATOM   608 C CG2 . VAL A 1 85 ? -6.239  3.121   -0.645  1.00 16.80 ? 1803 VAL A CG2 1 
ATOM   609 N N   . GLY A 1 86 ? -8.172  0.123   -1.400  1.00 14.92 ? 1804 GLY A N   1 
ATOM   610 C CA  . GLY A 1 86 ? -9.524  -0.132  -0.998  1.00 13.07 ? 1804 GLY A CA  1 
ATOM   611 C C   . GLY A 1 86 ? -9.598  -0.118  0.511   1.00 15.60 ? 1804 GLY A C   1 
ATOM   612 O O   . GLY A 1 86 ? -8.821  -0.812  1.175   1.00 15.97 ? 1804 GLY A O   1 
ATOM   613 N N   . ARG A 1 87 ? -10.514 0.679   1.047   1.00 12.76 ? 1805 ARG A N   1 
ATOM   614 C CA  . ARG A 1 87 ? -10.787 0.704   2.469   1.00 14.42 ? 1805 ARG A CA  1 
ATOM   615 C C   . ARG A 1 87 ? -11.503 -0.597  2.757   1.00 12.80 ? 1805 ARG A C   1 
ATOM   616 O O   . ARG A 1 87 ? -12.450 -0.963  2.048   1.00 15.22 ? 1805 ARG A O   1 
ATOM   617 C CB  . ARG A 1 87 ? -11.685 1.880   2.832   1.00 16.71 ? 1805 ARG A CB  1 
ATOM   618 C CG  . ARG A 1 87 ? -11.113 3.223   2.604   1.00 24.02 ? 1805 ARG A CG  1 
ATOM   619 C CD  . ARG A 1 87 ? -10.080 3.562   3.689   1.00 24.28 ? 1805 ARG A CD  1 
ATOM   620 N NE  . ARG A 1 87 ? -9.846  4.984   3.740   1.00 30.96 ? 1805 ARG A NE  1 
ATOM   621 C CZ  . ARG A 1 87 ? -8.699  5.597   3.530   1.00 25.28 ? 1805 ARG A CZ  1 
ATOM   622 N NH1 . ARG A 1 87 ? -8.681  6.913   3.616   1.00 21.80 ? 1805 ARG A NH1 1 
ATOM   623 N NH2 . ARG A 1 87 ? -7.584  4.946   3.234   1.00 20.01 ? 1805 ARG A NH2 1 
ATOM   624 N N   . ILE A 1 88 ? -11.072 -1.307  3.802   1.00 13.71 ? 1806 ILE A N   1 
ATOM   625 C CA  . ILE A 1 88 ? -11.591 -2.646  4.071   1.00 13.34 ? 1806 ILE A CA  1 
ATOM   626 C C   . ILE A 1 88 ? -12.422 -2.605  5.358   1.00 12.87 ? 1806 ILE A C   1 
ATOM   627 O O   . ILE A 1 88 ? -11.890 -2.397  6.435   1.00 15.37 ? 1806 ILE A O   1 
ATOM   628 C CB  . ILE A 1 88 ? -10.475 -3.701  4.214   1.00 16.77 ? 1806 ILE A CB  1 
ATOM   629 C CG1 . ILE A 1 88 ? -9.625  -3.750  2.942   1.00 13.55 ? 1806 ILE A CG1 1 
ATOM   630 C CG2 . ILE A 1 88 ? -11.045 -5.062  4.448   1.00 15.85 ? 1806 ILE A CG2 1 
ATOM   631 C CD1 . ILE A 1 88 ? -10.371 -4.225  1.812   1.00 17.71 ? 1806 ILE A CD1 1 
ATOM   632 N N   . SER A 1 89 ? -13.717 -2.831  5.204   1.00 12.89 ? 1807 SER A N   1 
ATOM   633 C CA  A SER A 1 89 ? -14.621 -2.878  6.333   0.50 11.14 ? 1807 SER A CA  1 
ATOM   634 C CA  B SER A 1 89 ? -14.617 -2.879  6.341   0.50 12.36 ? 1807 SER A CA  1 
ATOM   635 C C   . SER A 1 89 ? -14.649 -4.290  6.912   1.00 14.21 ? 1807 SER A C   1 
ATOM   636 O O   . SER A 1 89 ? -14.225 -5.244  6.261   1.00 15.38 ? 1807 SER A O   1 
ATOM   637 C CB  A SER A 1 89 ? -16.010 -2.471  5.877   0.50 13.27 ? 1807 SER A CB  1 
ATOM   638 C CB  B SER A 1 89 ? -16.016 -2.442  5.924   0.50 17.36 ? 1807 SER A CB  1 
ATOM   639 O OG  A SER A 1 89 ? -16.044 -1.121  5.430   0.50 13.16 ? 1807 SER A OG  1 
ATOM   640 O OG  B SER A 1 89 ? -16.641 -3.384  5.069   0.50 15.88 ? 1807 SER A OG  1 
ATOM   641 N N   . THR A 1 90 ? -15.138 -4.414  8.139   1.00 12.53 ? 1808 THR A N   1 
ATOM   642 C CA  . THR A 1 90 ? -15.256 -5.711  8.826   1.00 13.87 ? 1808 THR A CA  1 
ATOM   643 C C   . THR A 1 90 ? -16.746 -6.061  8.996   1.00 13.96 ? 1808 THR A C   1 
ATOM   644 O O   . THR A 1 90 ? -17.492 -5.310  9.612   1.00 14.16 ? 1808 THR A O   1 
ATOM   645 C CB  . THR A 1 90 ? -14.515 -5.727  10.176  1.00 15.36 ? 1808 THR A CB  1 
ATOM   646 O OG1 . THR A 1 90 ? -13.177 -5.231  10.014  1.00 15.50 ? 1808 THR A OG1 1 
ATOM   647 C CG2 . THR A 1 90 ? -14.482 -7.132  10.823  1.00 14.19 ? 1808 THR A CG2 1 
ATOM   648 N N   . TYR A 1 91 ? -17.155 -7.186  8.415   1.00 13.26 ? 1809 TYR A N   1 
ATOM   649 C CA  . TYR A 1 91 ? -18.522 -7.698  8.558   1.00 16.37 ? 1809 TYR A CA  1 
ATOM   650 C C   . TYR A 1 91 ? -18.738 -8.392  9.885   1.00 14.67 ? 1809 TYR A C   1 
ATOM   651 O O   . TYR A 1 91 ? -17.901 -9.176  10.334  1.00 18.00 ? 1809 TYR A O   1 
ATOM   652 C CB  . TYR A 1 91 ? -18.882 -8.630  7.387   1.00 18.91 ? 1809 TYR A CB  1 
ATOM   653 C CG  . TYR A 1 91 ? -19.192 -7.833  6.127   1.00 18.80 ? 1809 TYR A CG  1 
ATOM   654 C CD1 . TYR A 1 91 ? -18.171 -7.364  5.311   1.00 19.34 ? 1809 TYR A CD1 1 
ATOM   655 C CD2 . TYR A 1 91 ? -20.490 -7.515  5.789   1.00 17.47 ? 1809 TYR A CD2 1 
ATOM   656 C CE1 . TYR A 1 91 ? -18.419 -6.600  4.196   1.00 21.41 ? 1809 TYR A CE1 1 
ATOM   657 C CE2 . TYR A 1 91 ? -20.766 -6.752  4.657   1.00 19.83 ? 1809 TYR A CE2 1 
ATOM   658 C CZ  . TYR A 1 91 ? -19.722 -6.307  3.860   1.00 25.68 ? 1809 TYR A CZ  1 
ATOM   659 O OH  . TYR A 1 91 ? -19.965 -5.536  2.759   1.00 24.82 ? 1809 TYR A OH  1 
ATOM   660 N N   . VAL A 1 92 ? -19.895 -8.107  10.506  1.00 16.24 ? 1810 VAL A N   1 
ATOM   661 C CA  . VAL A 1 92 ? -20.255 -8.618  11.832  1.00 13.77 ? 1810 VAL A CA  1 
ATOM   662 C C   . VAL A 1 92 ? -21.708 -9.059  11.794  1.00 19.70 ? 1810 VAL A C   1 
ATOM   663 O O   . VAL A 1 92 ? -22.437 -8.832  10.814  1.00 20.77 ? 1810 VAL A O   1 
ATOM   664 C CB  . VAL A 1 92 ? -20.043 -7.582  12.924  1.00 17.70 ? 1810 VAL A CB  1 
ATOM   665 C CG1 . VAL A 1 92 ? -18.573 -7.179  12.971  1.00 21.36 ? 1810 VAL A CG1 1 
ATOM   666 C CG2 . VAL A 1 92 ? -20.915 -6.369  12.709  1.00 20.52 ? 1810 VAL A CG2 1 
ATOM   667 O OXT . VAL A 1 92 ? -22.180 -9.634  12.766  1.00 20.45 ? 1810 VAL A OXT 1 
HETATM 668 C C1  A EDO B 2 .  ? -7.624  -13.976 7.878   0.50 26.34 ? 1    EDO A C1  1 
HETATM 669 C C1  B EDO B 2 .  ? -6.849  -13.516 7.975   0.50 16.51 ? 1    EDO A C1  1 
HETATM 670 O O1  A EDO B 2 .  ? -7.794  -13.449 6.562   0.50 24.44 ? 1    EDO A O1  1 
HETATM 671 O O1  B EDO B 2 .  ? -5.424  -13.456 7.841   0.50 27.90 ? 1    EDO A O1  1 
HETATM 672 C C2  A EDO B 2 .  ? -6.760  -13.055 8.722   0.50 13.51 ? 1    EDO A C2  1 
HETATM 673 C C2  B EDO B 2 .  ? -7.292  -12.675 9.159   0.50 21.21 ? 1    EDO A C2  1 
HETATM 674 O O2  A EDO B 2 .  ? -5.389  -13.200 8.357   0.50 19.74 ? 1    EDO A O2  1 
HETATM 675 O O2  B EDO B 2 .  ? -7.181  -11.288 8.839   0.50 31.23 ? 1    EDO A O2  1 
HETATM 676 C C1  A EDO C 2 .  ? -8.779  0.106   6.407   0.50 22.60 ? 2    EDO A C1  1 
HETATM 677 C C1  B EDO C 2 .  ? -9.016  0.868   6.465   0.50 19.49 ? 2    EDO A C1  1 
HETATM 678 O O1  A EDO C 2 .  ? -8.960  -0.423  5.102   0.50 19.04 ? 2    EDO A O1  1 
HETATM 679 O O1  B EDO C 2 .  ? -9.052  0.200   5.198   0.50 10.54 ? 2    EDO A O1  1 
HETATM 680 C C2  A EDO C 2 .  ? -10.108 0.054   7.131   0.50 26.13 ? 2    EDO A C2  1 
HETATM 681 C C2  B EDO C 2 .  ? -9.681  0.085   7.594   0.50 19.50 ? 2    EDO A C2  1 
HETATM 682 O O2  A EDO C 2 .  ? -10.155 1.063   8.142   0.50 22.44 ? 2    EDO A O2  1 
HETATM 683 O O2  B EDO C 2 .  ? -9.588  -1.341  7.447   0.50 15.30 ? 2    EDO A O2  1 
HETATM 684 O O   . HOH D 3 .  ? -3.925  -6.765  -3.118  1.00 12.90 ? 3    HOH A O   1 
HETATM 685 O O   . HOH D 3 .  ? -2.337  -10.488 8.183   1.00 22.61 ? 4    HOH A O   1 
HETATM 686 O O   . HOH D 3 .  ? 9.530   -10.887 -5.017  1.00 25.24 ? 5    HOH A O   1 
HETATM 687 O O   . HOH D 3 .  ? -3.381  -12.434 1.289   1.00 16.76 ? 6    HOH A O   1 
HETATM 688 O O   . HOH D 3 .  ? -15.116 -8.980  7.073   1.00 20.31 ? 7    HOH A O   1 
HETATM 689 O O   . HOH D 3 .  ? 1.324   -13.023 0.095   1.00 19.65 ? 8    HOH A O   1 
HETATM 690 O O   . HOH D 3 .  ? -3.233  -9.370  -9.368  1.00 22.15 ? 9    HOH A O   1 
HETATM 691 O O   . HOH D 3 .  ? 5.892   0.874   -10.325 1.00 21.82 ? 10   HOH A O   1 
HETATM 692 O O   . HOH D 3 .  ? -7.759  -5.157  6.200   1.00 15.69 ? 11   HOH A O   1 
HETATM 693 O O   . HOH D 3 .  ? -2.213  -23.169 7.064   1.00 27.22 ? 16   HOH A O   1 
HETATM 694 O O   . HOH D 3 .  ? 5.040   -13.446 -0.529  1.00 18.51 ? 17   HOH A O   1 
HETATM 695 O O   . HOH D 3 .  ? -3.874  4.061   10.034  1.00 25.50 ? 19   HOH A O   1 
HETATM 696 O O   . HOH D 3 .  ? -15.370 0.901   -5.306  1.00 26.89 ? 20   HOH A O   1 
HETATM 697 O O   . HOH D 3 .  ? -9.584  -8.477  3.119   1.00 21.53 ? 22   HOH A O   1 
HETATM 698 O O   . HOH D 3 .  ? -3.144  9.687   -6.933  1.00 23.00 ? 23   HOH A O   1 
HETATM 699 O O   . HOH D 3 .  ? -7.407  1.256   10.363  1.00 21.34 ? 25   HOH A O   1 
HETATM 700 O O   . HOH D 3 .  ? -1.897  3.143   -9.970  1.00 21.20 ? 26   HOH A O   1 
HETATM 701 O O   . HOH D 3 .  ? -9.851  -13.721 -1.435  1.00 29.02 ? 28   HOH A O   1 
HETATM 702 O O   . HOH D 3 .  ? -4.031  -16.577 1.995   1.00 31.50 ? 29   HOH A O   1 
HETATM 703 O O   . HOH D 3 .  ? -2.271  -12.783 -2.510  1.00 24.63 ? 30   HOH A O   1 
HETATM 704 O O   . HOH D 3 .  ? 12.576  7.924   -5.918  1.00 24.17 ? 32   HOH A O   1 
HETATM 705 O O   . HOH D 3 .  ? 0.148   9.246   -12.071 1.00 32.15 ? 33   HOH A O   1 
HETATM 706 O O   . HOH D 3 .  ? 2.937   7.566   -10.627 1.00 35.67 ? 34   HOH A O   1 
HETATM 707 O O   . HOH D 3 .  ? -2.451  -4.816  -14.630 1.00 26.01 ? 35   HOH A O   1 
HETATM 708 O O   . HOH D 3 .  ? -3.265  -5.141  8.049   1.00 23.48 ? 38   HOH A O   1 
HETATM 709 O O   . HOH D 3 .  ? -9.821  -4.152  7.777   1.00 27.14 ? 40   HOH A O   1 
HETATM 710 O O   . HOH D 3 .  ? -11.436 -5.304  12.042  1.00 20.82 ? 42   HOH A O   1 
HETATM 711 O O   . HOH D 3 .  ? -22.046 -9.807  8.357   1.00 33.27 ? 45   HOH A O   1 
HETATM 712 O O   . HOH D 3 .  ? 4.848   6.760   6.874   1.00 22.81 ? 48   HOH A O   1 
HETATM 713 O O   . HOH D 3 .  ? 2.973   -14.995 0.545   1.00 31.50 ? 52   HOH A O   1 
HETATM 714 O O   . HOH D 3 .  ? -1.498  -13.850 -0.206  1.00 25.05 ? 53   HOH A O   1 
HETATM 715 O O   . HOH D 3 .  ? -1.118  8.313   2.673   1.00 21.06 ? 55   HOH A O   1 
HETATM 716 O O   . HOH D 3 .  ? -12.796 -7.889  6.345   1.00 29.73 ? 56   HOH A O   1 
HETATM 717 O O   . HOH D 3 .  ? 3.962   -4.186  10.474  1.00 32.07 ? 57   HOH A O   1 
HETATM 718 O O   . HOH D 3 .  ? -3.993  12.019  -6.293  1.00 37.55 ? 60   HOH A O   1 
HETATM 719 O O   . HOH D 3 .  ? -14.839 3.124   3.906   1.00 26.29 ? 63   HOH A O   1 
HETATM 720 O O   . HOH D 3 .  ? -8.352  -9.207  -3.840  1.00 31.75 ? 64   HOH A O   1 
HETATM 721 O O   . HOH D 3 .  ? 1.695   -13.031 2.775   1.00 21.43 ? 65   HOH A O   1 
HETATM 722 O O   . HOH D 3 .  ? -10.774 -4.234  -1.985  1.00 34.82 ? 66   HOH A O   1 
HETATM 723 O O   . HOH D 3 .  ? 4.423   12.153  -1.047  1.00 28.65 ? 68   HOH A O   1 
HETATM 724 O O   . HOH D 3 .  ? -7.257  12.147  4.290   1.00 43.69 ? 70   HOH A O   1 
HETATM 725 O O   . HOH D 3 .  ? 6.954   5.075   -9.200  1.00 45.12 ? 71   HOH A O   1 
HETATM 726 O O   . HOH D 3 .  ? 4.262   12.498  1.784   1.00 26.09 ? 75   HOH A O   1 
HETATM 727 O O   . HOH D 3 .  ? -11.632 -6.628  8.283   1.00 26.20 ? 76   HOH A O   1 
HETATM 728 O O   . HOH D 3 .  ? -15.820 -10.854 5.473   1.00 30.05 ? 81   HOH A O   1 
HETATM 729 O O   . HOH D 3 .  ? -20.751 -12.504 9.538   1.00 42.14 ? 82   HOH A O   1 
HETATM 730 O O   . HOH D 3 .  ? 14.242  6.173   -4.352  1.00 28.90 ? 83   HOH A O   1 
HETATM 731 O O   . HOH D 3 .  ? -9.111  -9.970  -1.131  1.00 31.14 ? 84   HOH A O   1 
HETATM 732 O O   . HOH D 3 .  ? 9.284   7.407   4.755   1.00 26.40 ? 86   HOH A O   1 
HETATM 733 O O   . HOH D 3 .  ? 7.081   2.998   -12.121 1.00 37.86 ? 91   HOH A O   1 
HETATM 734 O O   . HOH D 3 .  ? -2.550  12.145  -9.411  1.00 24.64 ? 96   HOH A O   1 
HETATM 735 O O   . HOH D 3 .  ? 18.480  7.814   -10.505 1.00 36.11 ? 97   HOH A O   1 
HETATM 736 O O   . HOH D 3 .  ? -22.563 -13.972 7.960   1.00 52.59 ? 99   HOH A O   1 
HETATM 737 O O   . HOH D 3 .  ? -15.045 0.320   3.410   1.00 26.47 ? 101  HOH A O   1 
HETATM 738 O O   . HOH D 3 .  ? -14.785 -3.972  2.660   1.00 29.57 ? 103  HOH A O   1 
HETATM 739 O O   . HOH D 3 .  ? -9.879  -7.981  0.331   1.00 24.24 ? 104  HOH A O   1 
HETATM 740 O O   . HOH D 3 .  ? -15.970 -9.251  3.083   1.00 29.67 ? 106  HOH A O   1 
HETATM 741 O O   . HOH D 3 .  ? -11.235 -6.884  -13.064 1.00 35.02 ? 110  HOH A O   1 
HETATM 742 O O   . HOH D 3 .  ? 7.957   7.603   -12.070 1.00 46.48 ? 111  HOH A O   1 
HETATM 743 O O   A HOH D 3 .  ? -4.181  -0.209  -15.608 0.50 22.65 ? 112  HOH A O   1 
HETATM 744 O O   B HOH D 3 .  ? -5.023  2.244   -15.472 0.50 23.92 ? 112  HOH A O   1 
HETATM 745 O O   . HOH D 3 .  ? -0.627  10.091  -8.100  1.00 23.70 ? 113  HOH A O   1 
HETATM 746 O O   . HOH D 3 .  ? -14.582 -6.550  3.704   1.00 31.17 ? 114  HOH A O   1 
HETATM 747 O O   . HOH D 3 .  ? -12.263 6.717   4.515   1.00 27.45 ? 115  HOH A O   1 
HETATM 748 O O   . HOH D 3 .  ? -1.627  12.984  -5.197  1.00 36.43 ? 116  HOH A O   1 
HETATM 749 O O   . HOH D 3 .  ? 14.072  5.105   -1.893  1.00 31.67 ? 117  HOH A O   1 
HETATM 750 O O   . HOH D 3 .  ? -9.444  -9.494  7.532   1.00 33.82 ? 118  HOH A O   1 
HETATM 751 O O   . HOH D 3 .  ? -6.234  3.445   11.433  1.00 32.15 ? 119  HOH A O   1 
HETATM 752 O O   . HOH D 3 .  ? -2.063  -14.740 -4.502  1.00 38.59 ? 120  HOH A O   1 
HETATM 753 O O   . HOH D 3 .  ? 7.616   10.250  -10.977 1.00 37.55 ? 121  HOH A O   1 
HETATM 754 O O   . HOH D 3 .  ? -12.318 -1.165  -2.978  1.00 26.83 ? 122  HOH A O   1 
HETATM 755 O O   . HOH D 3 .  ? -12.255 -8.725  4.166   1.00 31.06 ? 123  HOH A O   1 
HETATM 756 O O   . HOH D 3 .  ? 13.909  9.361   -7.703  1.00 36.97 ? 124  HOH A O   1 
HETATM 757 O O   . HOH D 3 .  ? -21.123 -11.403 14.486  1.00 28.80 ? 126  HOH A O   1 
HETATM 758 O O   . HOH D 3 .  ? -13.377 -1.470  -0.365  1.00 30.88 ? 127  HOH A O   1 
HETATM 759 O O   . HOH D 3 .  ? -11.445 -5.151  -6.104  1.00 44.02 ? 128  HOH A O   1 
HETATM 760 O O   . HOH D 3 .  ? 9.758   8.172   9.335   1.00 40.17 ? 129  HOH A O   1 
HETATM 761 O O   . HOH D 3 .  ? 6.680   1.944   12.393  1.00 37.27 ? 130  HOH A O   1 
HETATM 762 O O   . HOH D 3 .  ? 10.663  7.154   0.175   1.00 36.89 ? 132  HOH A O   1 
HETATM 763 O O   . HOH D 3 .  ? 5.711   3.997   13.854  1.00 32.04 ? 133  HOH A O   1 
HETATM 764 O O   . HOH D 3 .  ? -0.462  13.344  8.184   1.00 35.61 ? 134  HOH A O   1 
HETATM 765 O O   . HOH D 3 .  ? -6.914  -5.957  -14.121 1.00 44.21 ? 135  HOH A O   1 
HETATM 766 O O   . HOH D 3 .  ? -0.278  -14.245 -7.413  1.00 37.04 ? 136  HOH A O   1 
HETATM 767 O O   . HOH D 3 .  ? 17.667  5.195   -2.667  1.00 36.02 ? 137  HOH A O   1 
HETATM 768 O O   . HOH D 3 .  ? -13.288 -9.932  2.079   1.00 33.12 ? 138  HOH A O   1 
HETATM 769 O O   . HOH D 3 .  ? 3.923   -0.775  -11.321 1.00 33.85 ? 139  HOH A O   1 
HETATM 770 O O   . HOH D 3 .  ? -5.366  -9.605  -10.343 1.00 31.58 ? 140  HOH A O   1 
HETATM 771 O O   . HOH D 3 .  ? 6.847   -12.209 1.899   1.00 39.20 ? 141  HOH A O   1 
HETATM 772 O O   . HOH D 3 .  ? 15.068  1.087   -5.136  1.00 53.39 ? 142  HOH A O   1 
HETATM 773 O O   . HOH D 3 .  ? -0.969  8.528   9.202   1.00 33.45 ? 143  HOH A O   1 
HETATM 774 O O   . HOH D 3 .  ? -2.730  10.062  7.764   1.00 35.39 ? 144  HOH A O   1 
HETATM 775 O O   . HOH D 3 .  ? -4.666  -6.268  7.272   1.00 33.87 ? 145  HOH A O   1 
HETATM 776 O O   . HOH D 3 .  ? 18.265  7.119   -8.253  1.00 38.21 ? 146  HOH A O   1 
HETATM 777 O O   . HOH D 3 .  ? 17.223  6.042   -6.005  1.00 35.68 ? 147  HOH A O   1 
HETATM 778 O O   . HOH D 3 .  ? -15.534 7.763   4.986   1.00 38.72 ? 148  HOH A O   1 
HETATM 779 O O   . HOH D 3 .  ? -7.157  14.098  -3.167  1.00 36.63 ? 149  HOH A O   1 
HETATM 780 O O   . HOH D 3 .  ? 6.745   12.886  3.788   1.00 30.61 ? 150  HOH A O   1 
HETATM 781 O O   . HOH D 3 .  ? -13.697 7.021   -2.017  1.00 39.37 ? 151  HOH A O   1 
HETATM 782 O O   . HOH D 3 .  ? -18.270 3.206   1.059   1.00 36.29 ? 152  HOH A O   1 
HETATM 783 O O   . HOH D 3 .  ? 10.018  -9.334  -1.645  1.00 35.46 ? 153  HOH A O   1 
HETATM 784 O O   . HOH D 3 .  ? 2.066   13.231  12.135  1.00 38.13 ? 154  HOH A O   1 
HETATM 785 O O   . HOH D 3 .  ? 8.328   12.003  5.828   1.00 38.49 ? 155  HOH A O   1 
HETATM 786 O O   . HOH D 3 .  ? 0.294   4.803   -13.538 1.00 34.34 ? 156  HOH A O   1 
HETATM 787 O O   . HOH D 3 .  ? -21.319 -14.266 15.669  1.00 39.27 ? 157  HOH A O   1 
HETATM 788 O O   . HOH D 3 .  ? 0.887   -2.214  13.514  1.00 42.03 ? 158  HOH A O   1 
HETATM 789 O O   . HOH D 3 .  ? 3.305   2.525   14.056  1.00 43.91 ? 159  HOH A O   1 
HETATM 790 O O   . HOH D 3 .  ? 12.348  -7.023  3.558   1.00 46.22 ? 160  HOH A O   1 
HETATM 791 O O   . HOH D 3 .  ? -12.906 -11.590 5.323   1.00 40.50 ? 161  HOH A O   1 
HETATM 792 O O   . HOH D 3 .  ? 2.156   13.000  -2.241  1.00 44.49 ? 162  HOH A O   1 
HETATM 793 O O   . HOH D 3 .  ? -0.792  -0.861  14.916  1.00 46.58 ? 163  HOH A O   1 
HETATM 794 O O   . HOH D 3 .  ? -16.372 -1.295  -2.888  1.00 49.37 ? 164  HOH A O   1 
HETATM 795 O O   . HOH D 3 .  ? 6.529   14.535  -1.238  1.00 42.69 ? 165  HOH A O   1 
HETATM 796 O O   . HOH D 3 .  ? -12.023 -17.953 3.775   1.00 41.83 ? 166  HOH A O   1 
HETATM 797 O O   . HOH D 3 .  ? -6.120  -2.320  10.616  1.00 42.77 ? 167  HOH A O   1 
HETATM 798 O O   . HOH D 3 .  ? 5.151   11.721  9.304   1.00 41.96 ? 169  HOH A O   1 
HETATM 799 O O   . HOH D 3 .  ? 19.286  8.351   4.235   1.00 40.65 ? 170  HOH A O   1 
HETATM 800 O O   . HOH D 3 .  ? -8.641  -2.156  9.541   1.00 37.37 ? 171  HOH A O   1 
HETATM 801 O O   . HOH D 3 .  ? 11.804  -4.633  3.908   1.00 32.16 ? 172  HOH A O   1 
HETATM 802 O O   . HOH D 3 .  ? -0.388  -9.180  -10.218 1.00 38.97 ? 173  HOH A O   1 
HETATM 803 O O   . HOH D 3 .  ? -0.489  15.692  3.195   1.00 42.85 ? 174  HOH A O   1 
HETATM 804 O O   . HOH D 3 .  ? -11.354 -15.542 9.330   1.00 42.04 ? 175  HOH A O   1 
# 
loop_
_atom_site_anisotrop.id 
_atom_site_anisotrop.type_symbol 
_atom_site_anisotrop.pdbx_label_atom_id 
_atom_site_anisotrop.pdbx_label_alt_id 
_atom_site_anisotrop.pdbx_label_comp_id 
_atom_site_anisotrop.pdbx_label_asym_id 
_atom_site_anisotrop.pdbx_label_seq_id 
_atom_site_anisotrop.pdbx_PDB_ins_code 
_atom_site_anisotrop.U[1][1] 
_atom_site_anisotrop.U[2][2] 
_atom_site_anisotrop.U[3][3] 
_atom_site_anisotrop.U[1][2] 
_atom_site_anisotrop.U[1][3] 
_atom_site_anisotrop.U[2][3] 
_atom_site_anisotrop.pdbx_auth_seq_id 
_atom_site_anisotrop.pdbx_auth_comp_id 
_atom_site_anisotrop.pdbx_auth_asym_id 
_atom_site_anisotrop.pdbx_auth_atom_id 
1   N N   . ASP A 4  ? 0.2190 0.2973 0.3667 -0.0660 0.0210  0.0146  1722 ASP A N   
2   C CA  . ASP A 4  ? 0.1872 0.3524 0.3265 -0.0403 0.0078  -0.0182 1722 ASP A CA  
3   C C   . ASP A 4  ? 0.1523 0.3149 0.2231 0.0263  0.0635  0.0449  1722 ASP A C   
4   O O   . ASP A 4  ? 0.1974 0.3938 0.3191 0.0755  0.0554  0.1242  1722 ASP A O   
5   C CB  . ASP A 4  ? 0.2667 0.3614 0.3459 0.0002  -0.0100 0.0074  1722 ASP A CB  
6   C CG  . ASP A 4  ? 0.5233 0.4332 0.5344 -0.0280 0.0388  -0.0020 1722 ASP A CG  
7   O OD1 . ASP A 4  ? 0.5353 0.5319 0.4811 0.0112  0.1229  0.0349  1722 ASP A OD1 
8   O OD2 . ASP A 4  ? 0.5589 0.4138 0.4338 -0.0640 0.0934  0.0146  1722 ASP A OD2 
9   N N   . THR A 5  ? 0.1928 0.3366 0.2899 0.0771  0.0283  0.0912  1723 THR A N   
10  C CA  . THR A 5  ? 0.1632 0.2691 0.2078 0.0238  0.0220  0.0445  1723 THR A CA  
11  C C   . THR A 5  ? 0.1855 0.2581 0.2333 0.0096  0.0187  0.0295  1723 THR A C   
12  O O   . THR A 5  ? 0.2060 0.2263 0.2552 0.0331  0.0273  0.0560  1723 THR A O   
13  C CB  . THR A 5  ? 0.2201 0.2132 0.3015 -0.0458 0.0109  0.0299  1723 THR A CB  
14  O OG1 . THR A 5  ? 0.3333 0.3420 0.3395 -0.0944 -0.0786 0.0285  1723 THR A OG1 
15  C CG2 . THR A 5  ? 0.3252 0.2220 0.2510 0.0397  -0.0061 -0.0524 1723 THR A CG2 
16  N N   . LEU A 6  ? 0.1621 0.1878 0.2106 0.0193  0.0276  0.0285  1724 LEU A N   
17  C CA  . LEU A 6  ? 0.1605 0.1534 0.2151 -0.0236 0.0405  -0.0245 1724 LEU A CA  
18  C C   . LEU A 6  ? 0.1588 0.1711 0.1730 0.0054  -0.0060 -0.0012 1724 LEU A C   
19  O O   . LEU A 6  ? 0.1966 0.1814 0.2232 0.0387  0.0316  0.0435  1724 LEU A O   
20  C CB  . LEU A 6  ? 0.3190 0.2727 0.3147 -0.0142 0.0185  0.0001  1724 LEU A CB  
21  C CG  . LEU A 6  ? 0.3246 0.4024 0.4018 -0.0276 0.0166  -0.0776 1724 LEU A CG  
22  C CD1 . LEU A 6  ? 0.5885 0.6225 0.5389 -0.0024 -0.0485 -0.0085 1724 LEU A CD1 
23  C CD2 . LEU A 6  ? 0.5375 0.4981 0.5782 0.0084  -0.0265 0.0351  1724 LEU A CD2 
24  N N   . THR A 7  ? 0.1581 0.1753 0.2125 0.0089  0.0339  0.0414  1725 THR A N   
25  C CA  . THR A 7  ? 0.1625 0.1352 0.1414 -0.0143 0.0155  0.0485  1725 THR A CA  
26  C C   . THR A 7  ? 0.2055 0.1680 0.2066 -0.0042 -0.0053 -0.0114 1725 THR A C   
27  O O   . THR A 7  ? 0.2310 0.2283 0.2162 0.0324  -0.0075 -0.0069 1725 THR A O   
28  C CB  . THR A 7  ? 0.2484 0.1617 0.1834 0.0126  0.0124  0.0851  1725 THR A CB  
29  O OG1 . THR A 7  ? 0.1986 0.2197 0.2655 -0.0183 0.0149  0.0484  1725 THR A OG1 
30  C CG2 . THR A 7  ? 0.2263 0.1725 0.2883 -0.0212 0.0285  0.0275  1725 THR A CG2 
31  N N   . ILE A 8  ? 0.1854 0.1823 0.2003 0.0299  -0.0259 -0.0106 1726 ILE A N   
32  C CA  . ILE A 8  ? 0.1852 0.1993 0.2647 -0.0076 0.0270  -0.0048 1726 ILE A CA  
33  C C   . ILE A 8  ? 0.1606 0.1789 0.1904 -0.0534 0.0237  0.0237  1726 ILE A C   
34  O O   . ILE A 8  ? 0.2162 0.2613 0.2819 0.0128  0.0469  -0.0468 1726 ILE A O   
35  C CB  . ILE A 8  ? 0.2555 0.2568 0.2324 0.0332  -0.0192 0.0125  1726 ILE A CB  
36  C CG1 . ILE A 8  ? 0.2549 0.3055 0.2656 0.0170  -0.0275 0.0515  1726 ILE A CG1 
37  C CG2 . ILE A 8  ? 0.1821 0.2790 0.3840 -0.0112 -0.0191 0.0362  1726 ILE A CG2 
38  C CD1 . ILE A 8  ? 0.3384 0.1735 0.2919 -0.0426 -0.0407 -0.0031 1726 ILE A CD1 
39  N N   . GLY A 9  ? 0.1900 0.1588 0.3311 -0.0224 0.0074  -0.0035 1727 GLY A N   
40  C CA  . GLY A 9  ? 0.2188 0.1810 0.2234 -0.0123 0.0159  0.0017  1727 GLY A CA  
41  C C   . GLY A 9  ? 0.2784 0.2057 0.3492 -0.0140 -0.0463 0.0043  1727 GLY A C   
42  O O   . GLY A 9  ? 0.3196 0.2722 0.4247 -0.0182 -0.0335 -0.0398 1727 GLY A O   
43  N N   . LEU A 10 ? 0.2029 0.2402 0.3070 0.0016  -0.0175 -0.0403 1728 LEU A N   
44  C CA  . LEU A 10 ? 0.1924 0.2203 0.2143 -0.0059 0.0129  -0.0046 1728 LEU A CA  
45  C C   . LEU A 10 ? 0.1983 0.2618 0.2643 0.0025  0.0031  0.0295  1728 LEU A C   
46  O O   . LEU A 10 ? 0.2504 0.3092 0.3202 -0.0361 -0.0152 -0.0170 1728 LEU A O   
47  C CB  . LEU A 10 ? 0.2032 0.1947 0.2118 -0.0072 -0.0285 0.0301  1728 LEU A CB  
48  C CG  . LEU A 10 ? 0.2090 0.2326 0.2265 -0.0429 -0.0234 -0.0008 1728 LEU A CG  
49  C CD1 . LEU A 10 ? 0.2701 0.2742 0.3431 0.0048  0.0733  0.0379  1728 LEU A CD1 
50  C CD2 . LEU A 10 ? 0.2192 0.2896 0.2399 -0.0377 0.0082  -0.1127 1728 LEU A CD2 
51  N N   . GLN A 11 ? 0.2895 0.2563 0.3395 -0.0300 0.0437  -0.0242 1729 GLN A N   
52  C CA  . GLN A 11 ? 0.2703 0.2883 0.3543 -0.0373 0.0228  -0.0047 1729 GLN A CA  
53  C C   . GLN A 11 ? 0.2746 0.3320 0.3214 0.0015  0.0248  -0.0353 1729 GLN A C   
54  O O   . GLN A 11 ? 0.2465 0.4232 0.4012 -0.0617 0.0346  -0.0499 1729 GLN A O   
55  C CB  . GLN A 11 ? 0.3893 0.3675 0.4491 -0.0253 0.0068  -0.0070 1729 GLN A CB  
56  C CG  . GLN A 11 ? 0.4973 0.4752 0.4252 -0.0312 0.0004  0.0284  1729 GLN A CG  
57  C CD  . GLN A 11 ? 0.4192 0.2627 0.4318 -0.1215 0.0006  -0.0092 1729 GLN A CD  
58  N N   . LYS A 12 ? 0.1956 0.2620 0.3692 -0.0650 -0.0133 -0.0167 1730 LYS A N   
59  C CA  . LYS A 12 ? 0.1941 0.2993 0.3445 -0.0371 0.0259  -0.0077 1730 LYS A CA  
60  C C   . LYS A 12 ? 0.2669 0.2809 0.3426 -0.1106 -0.0103 0.0118  1730 LYS A C   
61  O O   . LYS A 12 ? 0.2908 0.2431 0.3612 -0.0790 0.0174  -0.0055 1730 LYS A O   
62  C CB  . LYS A 12 ? 0.3105 0.3099 0.3530 -0.0150 -0.0195 -0.0187 1730 LYS A CB  
63  C CG  . LYS A 12 ? 0.4488 0.4541 0.4606 0.0078  -0.0283 -0.0032 1730 LYS A CG  
64  C CD  . LYS A 12 ? 0.5051 0.4208 0.4658 0.0054  0.0035  -0.0208 1730 LYS A CD  
65  C CE  . LYS A 12 ? 0.4559 0.3966 0.4512 -0.0087 0.0028  -0.0586 1730 LYS A CE  
66  N NZ  . LYS A 12 ? 0.3802 0.2005 0.3890 -0.0228 -0.0036 -0.0881 1730 LYS A NZ  
67  N N   . LYS A 13 ? 0.2143 0.3135 0.3355 -0.0373 0.0101  -0.0255 1731 LYS A N   
68  C CA  A LYS A 13 ? 0.2730 0.2806 0.3603 -0.0343 -0.0071 -0.0006 1731 LYS A CA  
69  C CA  B LYS A 13 ? 0.2677 0.2940 0.3348 -0.0240 -0.0011 0.0028  1731 LYS A CA  
70  C C   . LYS A 13 ? 0.2237 0.3357 0.3175 -0.0161 0.0359  0.0454  1731 LYS A C   
71  O O   . LYS A 13 ? 0.2133 0.3710 0.3812 -0.0346 -0.0007 0.0345  1731 LYS A O   
72  C CB  A LYS A 13 ? 0.3528 0.3269 0.4031 -0.0033 -0.0348 -0.0188 1731 LYS A CB  
73  C CB  B LYS A 13 ? 0.3278 0.3315 0.3615 0.0060  -0.0166 -0.0146 1731 LYS A CB  
74  C CG  A LYS A 13 ? 0.2953 0.3763 0.3812 -0.0068 -0.0414 -0.0220 1731 LYS A CG  
75  C CG  B LYS A 13 ? 0.3166 0.3383 0.3567 0.0104  0.0096  -0.0009 1731 LYS A CG  
76  C CD  A LYS A 13 ? 0.2723 0.2644 0.3442 -0.0154 -0.0044 -0.0304 1731 LYS A CD  
77  C CD  B LYS A 13 ? 0.2287 0.2702 0.2803 -0.0605 0.0077  -0.0083 1731 LYS A CD  
78  C CE  A LYS A 13 ? 0.3827 0.3385 0.4261 0.0061  0.0022  -0.0194 1731 LYS A CE  
79  C CE  B LYS A 13 ? 0.2671 0.1602 0.1633 -0.0464 0.0312  0.0145  1731 LYS A CE  
80  N NZ  A LYS A 13 ? 0.4426 0.4152 0.3200 0.0811  0.0473  0.0548  1731 LYS A NZ  
81  N NZ  B LYS A 13 ? 0.1746 0.2482 0.2543 0.0191  0.0345  0.0079  1731 LYS A NZ  
82  N N   . PRO A 14 ? 0.2754 0.2553 0.2758 -0.0319 -0.0436 -0.0502 1732 PRO A N   
83  C CA  . PRO A 14 ? 0.2547 0.3148 0.3320 -0.0250 0.0337  -0.0361 1732 PRO A CA  
84  C C   . PRO A 14 ? 0.1418 0.2279 0.3092 -0.0648 -0.0066 -0.0252 1732 PRO A C   
85  O O   . PRO A 14 ? 0.2498 0.4177 0.3838 -0.0856 -0.0233 -0.0383 1732 PRO A O   
86  C CB  . PRO A 14 ? 0.3152 0.3286 0.2642 -0.0243 0.0440  -0.0218 1732 PRO A CB  
87  C CG  . PRO A 14 ? 0.2879 0.3038 0.3797 -0.0463 0.0069  -0.0545 1732 PRO A CG  
88  C CD  . PRO A 14 ? 0.2282 0.3307 0.2833 -0.0547 -0.0099 -0.0339 1732 PRO A CD  
89  N N   . GLY A 15 ? 0.2610 0.2957 0.3292 -0.0612 -0.0294 -0.0270 1733 GLY A N   
90  C CA  . GLY A 15 ? 0.2547 0.3927 0.3252 -0.0303 -0.0011 0.0057  1733 GLY A CA  
91  C C   . GLY A 15 ? 0.2998 0.4044 0.2610 -0.0229 -0.0098 0.0226  1733 GLY A C   
92  O O   . GLY A 15 ? 0.3501 0.4188 0.4197 -0.0340 -0.0625 0.0436  1733 GLY A O   
93  N N   . LYS A 16 ? 0.2688 0.3585 0.3569 -0.0529 0.0075  -0.0228 1734 LYS A N   
94  C CA  . LYS A 16 ? 0.3384 0.3861 0.4149 -0.0333 0.0208  -0.0039 1734 LYS A CA  
95  C C   . LYS A 16 ? 0.3444 0.3263 0.3744 -0.0472 0.0106  -0.0042 1734 LYS A C   
96  O O   . LYS A 16 ? 0.2193 0.3268 0.4230 -0.0492 0.0068  -0.0537 1734 LYS A O   
97  C CB  . LYS A 16 ? 0.2782 0.3308 0.4383 -0.1305 -0.0150 -0.1207 1734 LYS A CB  
98  N N   . GLY A 17 ? 0.2580 0.3474 0.4050 -0.0488 0.0019  -0.0233 1735 GLY A N   
99  C CA  . GLY A 17 ? 0.2250 0.3482 0.3334 -0.0147 -0.0015 0.0211  1735 GLY A CA  
100 C C   . GLY A 17 ? 0.2463 0.2304 0.3740 -0.0399 0.0376  0.0177  1735 GLY A C   
101 O O   . GLY A 17 ? 0.3062 0.2228 0.4350 -0.0394 -0.0066 -0.0378 1735 GLY A O   
102 N N   . LEU A 18 ? 0.2337 0.2326 0.3713 -0.0441 0.0215  0.0021  1736 LEU A N   
103 C CA  . LEU A 18 ? 0.2344 0.2195 0.2950 -0.0112 -0.0135 -0.0367 1736 LEU A CA  
104 C C   . LEU A 18 ? 0.2107 0.2080 0.2830 -0.0424 -0.0161 -0.0527 1736 LEU A C   
105 O O   . LEU A 18 ? 0.2308 0.1896 0.3513 -0.0255 0.0304  -0.0657 1736 LEU A O   
106 C CB  . LEU A 18 ? 0.2014 0.1869 0.2398 -0.0416 -0.0167 -0.0201 1736 LEU A CB  
107 C CG  . LEU A 18 ? 0.1903 0.2029 0.2705 0.0132  0.0233  0.0372  1736 LEU A CG  
108 C CD1 . LEU A 18 ? 0.2695 0.3381 0.2490 -0.0173 0.0321  0.0056  1736 LEU A CD1 
109 C CD2 . LEU A 18 ? 0.2002 0.2373 0.2546 0.0209  0.0442  0.0556  1736 LEU A CD2 
110 N N   . GLY A 19 ? 0.1968 0.2421 0.2676 -0.0714 0.0005  -0.0688 1737 GLY A N   
111 C CA  . GLY A 19 ? 0.2554 0.2888 0.2577 -0.0934 -0.0491 -0.0382 1737 GLY A CA  
112 C C   . GLY A 19 ? 0.2327 0.2349 0.2642 -0.0223 -0.0587 -0.0281 1737 GLY A C   
113 O O   . GLY A 19 ? 0.2757 0.2356 0.2478 -0.0295 -0.0116 -0.0221 1737 GLY A O   
114 N N   . LEU A 20 ? 0.2904 0.1998 0.2405 -0.0383 -0.0072 -0.0116 1738 LEU A N   
115 C CA  . LEU A 20 ? 0.1981 0.2164 0.2142 -0.0323 -0.0347 -0.0167 1738 LEU A CA  
116 C C   . LEU A 20 ? 0.2155 0.2450 0.1772 -0.0383 -0.0396 0.0136  1738 LEU A C   
117 O O   . LEU A 20 ? 0.1846 0.2315 0.2412 -0.0649 -0.0193 -0.0386 1738 LEU A O   
118 C CB  . LEU A 20 ? 0.2555 0.1608 0.2117 -0.0515 0.0159  -0.0049 1738 LEU A CB  
119 C CG  . LEU A 20 ? 0.1998 0.1806 0.1247 -0.0266 -0.0361 -0.0179 1738 LEU A CG  
120 C CD1 . LEU A 20 ? 0.4167 0.2177 0.3611 -0.1122 -0.0348 0.0282  1738 LEU A CD1 
121 C CD2 . LEU A 20 ? 0.3269 0.1574 0.2639 -0.0268 0.0306  0.0262  1738 LEU A CD2 
122 N N   . SER A 21 ? 0.2114 0.2126 0.1833 0.0056  0.0127  -0.0050 1739 SER A N   
123 C CA  . SER A 21 ? 0.1597 0.1808 0.1952 -0.0142 -0.0098 0.0519  1739 SER A CA  
124 C C   . SER A 21 ? 0.1702 0.1462 0.1780 -0.0361 -0.0083 0.0047  1739 SER A C   
125 O O   . SER A 21 ? 0.1594 0.2240 0.2402 0.0090  -0.0186 -0.0070 1739 SER A O   
126 C CB  . SER A 21 ? 0.1819 0.1724 0.1513 -0.0286 -0.0403 -0.0159 1739 SER A CB  
127 O OG  . SER A 21 ? 0.1826 0.2574 0.2337 -0.0551 0.0312  0.0064  1739 SER A OG  
128 N N   . ILE A 22 ? 0.1454 0.1807 0.1050 0.0126  -0.0367 0.0113  1740 ILE A N   
129 C CA  . ILE A 22 ? 0.1056 0.1481 0.1167 -0.0422 -0.0276 0.0221  1740 ILE A CA  
130 C C   . ILE A 22 ? 0.1346 0.1468 0.1917 -0.0168 -0.0527 -0.0142 1740 ILE A C   
131 O O   . ILE A 22 ? 0.1429 0.1800 0.1654 0.0004  0.0131  0.0157  1740 ILE A O   
132 C CB  . ILE A 22 ? 0.1426 0.1931 0.1317 0.0100  -0.0286 0.0136  1740 ILE A CB  
133 C CG1 . ILE A 22 ? 0.1472 0.2359 0.2528 0.0046  0.0125  -0.0136 1740 ILE A CG1 
134 C CG2 . ILE A 22 ? 0.2184 0.1406 0.1953 0.0169  0.0075  0.0473  1740 ILE A CG2 
135 C CD1 . ILE A 22 ? 0.3122 0.3198 0.2746 0.0658  0.0245  -0.0288 1740 ILE A CD1 
136 N N   . VAL A 23 ? 0.1331 0.1356 0.1794 -0.0123 0.0005  0.0242  1741 VAL A N   
137 C CA  . VAL A 23 ? 0.1448 0.1540 0.1243 0.0177  0.0340  0.0069  1741 VAL A CA  
138 C C   . VAL A 23 ? 0.1554 0.1628 0.1353 0.0162  0.0220  -0.0120 1741 VAL A C   
139 O O   . VAL A 23 ? 0.1701 0.1595 0.2014 0.0124  -0.0084 0.0101  1741 VAL A O   
140 C CB  . VAL A 23 ? 0.1819 0.1775 0.1352 0.0099  0.0197  0.0268  1741 VAL A CB  
141 C CG1 . VAL A 23 ? 0.1735 0.2126 0.1963 0.0092  0.0446  -0.0417 1741 VAL A CG1 
142 C CG2 . VAL A 23 ? 0.2349 0.1928 0.2027 0.0502  0.0106  0.0510  1741 VAL A CG2 
143 N N   . GLY A 24 ? 0.1533 0.1388 0.1652 -0.0214 0.0130  0.0008  1742 GLY A N   
144 C CA  . GLY A 24 ? 0.1509 0.1418 0.1665 -0.0024 0.0036  0.0044  1742 GLY A CA  
145 C C   . GLY A 24 ? 0.2011 0.2301 0.1607 0.0344  0.0130  -0.0095 1742 GLY A C   
146 O O   . GLY A 24 ? 0.1583 0.2179 0.2135 -0.0277 -0.0065 -0.0514 1742 GLY A O   
147 N N   . LYS A 25 ? 0.1994 0.1891 0.2096 0.0108  0.0070  0.0238  1743 LYS A N   
148 C CA  . LYS A 25 ? 0.2219 0.1531 0.2643 0.0113  0.0299  -0.0012 1743 LYS A CA  
149 C C   . LYS A 25 ? 0.2150 0.1699 0.1371 0.0202  -0.0335 0.0489  1743 LYS A C   
150 O O   . LYS A 25 ? 0.2450 0.1990 0.2405 -0.0248 -0.0643 -0.0308 1743 LYS A O   
151 C CB  . LYS A 25 ? 0.2171 0.2055 0.2489 0.0030  -0.0137 0.0509  1743 LYS A CB  
152 C CG  . LYS A 25 ? 0.1908 0.1946 0.2490 0.0456  0.0080  -0.0129 1743 LYS A CG  
153 C CD  . LYS A 25 ? 0.2239 0.1965 0.2796 0.0022  -0.0118 0.0113  1743 LYS A CD  
154 C CE  . LYS A 25 ? 0.2083 0.1996 0.3367 0.0070  -0.0020 -0.0154 1743 LYS A CE  
155 N NZ  . LYS A 25 ? 0.1976 0.2361 0.3579 0.0602  0.0314  -0.0049 1743 LYS A NZ  
156 N N   . ARG A 26 ? 0.1891 0.2301 0.2847 0.0132  -0.0366 0.0469  1744 ARG A N   
157 C CA  . ARG A 26 ? 0.2004 0.1588 0.2660 -0.0135 -0.0305 0.0047  1744 ARG A CA  
158 C C   . ARG A 26 ? 0.2556 0.2367 0.2391 0.0041  -0.0694 0.0350  1744 ARG A C   
159 O O   . ARG A 26 ? 0.2734 0.2499 0.4112 -0.0731 -0.0486 0.0289  1744 ARG A O   
160 C CB  . ARG A 26 ? 0.2064 0.2242 0.2667 -0.0555 -0.0403 0.0466  1744 ARG A CB  
161 C CG  . ARG A 26 ? 0.2487 0.2260 0.2876 -0.0868 -0.0759 -0.0507 1744 ARG A CG  
162 C CD  . ARG A 26 ? 0.3172 0.3437 0.3489 0.0134  -0.0660 -0.0037 1744 ARG A CD  
163 N NE  . ARG A 26 ? 0.3907 0.3683 0.4206 -0.0620 0.0201  0.0108  1744 ARG A NE  
164 C CZ  . ARG A 26 ? 0.4952 0.5295 0.4947 0.0716  -0.0044 -0.0150 1744 ARG A CZ  
165 N NH1 . ARG A 26 ? 0.4652 0.4892 0.4586 0.0137  -0.0091 0.0147  1744 ARG A NH1 
166 N NH2 . ARG A 26 ? 0.4122 0.3640 0.4494 0.0054  -0.0807 -0.0554 1744 ARG A NH2 
167 N N   . ASN A 27 ? 0.2267 0.2039 0.3041 -0.0425 -0.0189 0.0518  1745 ASN A N   
168 C CA  . ASN A 27 ? 0.2430 0.2678 0.2978 -0.0334 -0.0450 0.0488  1745 ASN A CA  
169 C C   . ASN A 27 ? 0.2512 0.3425 0.3729 -0.0265 -0.0134 0.0751  1745 ASN A C   
170 O O   . ASN A 27 ? 0.2135 0.2639 0.3454 -0.0504 -0.0381 0.0782  1745 ASN A O   
171 C CB  . ASN A 27 ? 0.3218 0.3377 0.3636 0.0109  0.0046  0.0458  1745 ASN A CB  
172 C CG  . ASN A 27 ? 0.2661 0.2595 0.3626 0.0128  0.0154  0.0268  1745 ASN A CG  
173 O OD1 . ASN A 27 ? 0.5930 0.5627 0.5082 -0.0433 -0.0044 0.0438  1745 ASN A OD1 
174 N ND2 . ASN A 27 ? 0.3484 0.2499 0.4438 -0.0186 -0.0753 0.0265  1745 ASN A ND2 
175 N N   . ASP A 28 ? 0.2568 0.2172 0.2986 -0.0202 -0.0668 0.0050  1746 ASP A N   
176 C CA  . ASP A 28 ? 0.2395 0.2006 0.3223 -0.0618 -0.0448 0.0087  1746 ASP A CA  
177 C C   . ASP A 28 ? 0.3365 0.2754 0.2167 -0.0068 0.0030  -0.0053 1746 ASP A C   
178 O O   . ASP A 28 ? 0.2441 0.3583 0.3830 -0.0181 -0.0074 0.0149  1746 ASP A O   
179 C CB  . ASP A 28 ? 0.2174 0.2365 0.2591 -0.0151 -0.0881 0.0198  1746 ASP A CB  
180 C CG  . ASP A 28 ? 0.3287 0.3684 0.4063 0.0580  0.0147  -0.0293 1746 ASP A CG  
181 O OD1 . ASP A 28 ? 0.3572 0.4014 0.4164 0.0377  -0.0326 -0.0072 1746 ASP A OD1 
182 O OD2 . ASP A 28 ? 0.6119 0.5712 0.4992 -0.0487 0.0025  -0.0523 1746 ASP A OD2 
183 N N   . THR A 29 ? 0.2966 0.1890 0.2040 -0.0491 -0.0447 -0.0329 1747 THR A N   
184 C CA  . THR A 29 ? 0.3740 0.2291 0.3479 -0.0752 -0.0220 -0.0544 1747 THR A CA  
185 C C   . THR A 29 ? 0.2664 0.2042 0.2237 -0.0349 -0.0097 0.0359  1747 THR A C   
186 O O   . THR A 29 ? 0.3184 0.1804 0.3013 -0.0553 -0.1264 -0.0115 1747 THR A O   
187 C CB  . THR A 29 ? 0.4182 0.3472 0.3304 -0.0817 -0.0269 0.0080  1747 THR A CB  
188 O OG1 . THR A 29 ? 0.5622 0.5899 0.6289 -0.0245 0.0268  -0.0106 1747 THR A OG1 
189 C CG2 . THR A 29 ? 0.4162 0.3826 0.4312 -0.0838 -0.1016 -0.0896 1747 THR A CG2 
190 N N   . GLY A 30 ? 0.2403 0.2191 0.2638 -0.0321 -0.0706 0.0279  1748 GLY A N   
191 C CA  . GLY A 30 ? 0.2345 0.2162 0.3088 -0.0495 -0.0504 0.0241  1748 GLY A CA  
192 C C   . GLY A 30 ? 0.2114 0.1574 0.1761 0.0118  0.0259  0.0020  1748 GLY A C   
193 O O   . GLY A 30 ? 0.2527 0.1481 0.2261 0.0003  -0.0443 0.0419  1748 GLY A O   
194 N N   . VAL A 31 ? 0.1490 0.1566 0.1643 0.0085  -0.0024 0.0174  1749 VAL A N   
195 C CA  . VAL A 31 ? 0.1050 0.1826 0.1323 0.0026  -0.0013 -0.0334 1749 VAL A CA  
196 C C   . VAL A 31 ? 0.1112 0.1999 0.1620 0.0116  -0.0485 -0.0326 1749 VAL A C   
197 O O   . VAL A 31 ? 0.1787 0.1670 0.1481 0.0366  -0.0044 0.0284  1749 VAL A O   
198 C CB  . VAL A 31 ? 0.1323 0.1824 0.1667 0.0100  -0.0303 -0.0252 1749 VAL A CB  
199 C CG1 . VAL A 31 ? 0.1980 0.1940 0.1686 0.0013  -0.0640 0.0400  1749 VAL A CG1 
200 C CG2 . VAL A 31 ? 0.1806 0.1741 0.2132 0.0297  0.0050  -0.0458 1749 VAL A CG2 
201 N N   . PHE A 32 ? 0.1565 0.1750 0.1466 0.0427  -0.0180 -0.0217 1750 PHE A N   
202 C CA  . PHE A 32 ? 0.0956 0.1292 0.0996 -0.0129 -0.0107 -0.0019 1750 PHE A CA  
203 C C   . PHE A 32 ? 0.1253 0.1182 0.1335 -0.0097 0.0024  -0.0266 1750 PHE A C   
204 O O   . PHE A 32 ? 0.1859 0.1642 0.1421 0.0214  -0.0093 -0.0054 1750 PHE A O   
205 C CB  . PHE A 32 ? 0.1097 0.2062 0.1686 0.0216  0.0008  0.0018  1750 PHE A CB  
206 C CG  . PHE A 32 ? 0.1468 0.2036 0.1611 0.0180  -0.0007 -0.0038 1750 PHE A CG  
207 C CD1 . PHE A 32 ? 0.1410 0.1738 0.1282 0.0328  -0.0229 0.0176  1750 PHE A CD1 
208 C CD2 . PHE A 32 ? 0.1554 0.1307 0.1659 -0.0198 -0.0147 -0.0010 1750 PHE A CD2 
209 C CE1 . PHE A 32 ? 0.1377 0.1424 0.1176 -0.0182 -0.0253 0.0114  1750 PHE A CE1 
210 C CE2 . PHE A 32 ? 0.2124 0.1156 0.2542 -0.0223 -0.0328 0.0299  1750 PHE A CE2 
211 C CZ  . PHE A 32 ? 0.1829 0.1344 0.2151 -0.0225 -0.0113 0.0171  1750 PHE A CZ  
212 N N   . VAL A 33 ? 0.1522 0.1474 0.1336 0.0188  -0.0031 0.0131  1751 VAL A N   
213 C CA  . VAL A 33 ? 0.1352 0.1405 0.1713 -0.0110 -0.0141 -0.0365 1751 VAL A CA  
214 C C   . VAL A 33 ? 0.1769 0.2084 0.2009 0.0308  -0.0173 0.0119  1751 VAL A C   
215 O O   . VAL A 33 ? 0.1794 0.2564 0.2378 0.0296  -0.0054 0.0511  1751 VAL A O   
216 C CB  . VAL A 33 ? 0.1191 0.1332 0.1871 -0.0212 -0.0027 -0.0016 1751 VAL A CB  
217 C CG1 . VAL A 33 ? 0.2189 0.1432 0.1507 -0.0502 -0.0202 -0.0490 1751 VAL A CG1 
218 C CG2 . VAL A 33 ? 0.2125 0.2360 0.1917 -0.0202 -0.0318 -0.0204 1751 VAL A CG2 
219 N N   . SER A 34 ? 0.1700 0.2734 0.2583 -0.0248 0.0257  -0.0059 1752 SER A N   
220 C CA  A SER A 34 ? 0.1966 0.2490 0.2447 -0.0043 0.0093  -0.0058 1752 SER A CA  
221 C CA  B SER A 34 ? 0.1246 0.2287 0.2248 -0.0196 -0.0162 -0.0153 1752 SER A CA  
222 C C   . SER A 34 ? 0.2576 0.3059 0.2371 0.0301  0.0225  -0.0089 1752 SER A C   
223 O O   . SER A 34 ? 0.2776 0.3999 0.2944 -0.0359 0.0652  -0.0610 1752 SER A O   
224 C CB  A SER A 34 ? 0.2637 0.2873 0.3219 0.0154  -0.0313 0.0103  1752 SER A CB  
225 C CB  B SER A 34 ? 0.1589 0.2190 0.2303 -0.0076 -0.0503 -0.0192 1752 SER A CB  
226 O OG  A SER A 34 ? 0.2743 0.2093 0.2773 -0.0205 0.0650  -0.0555 1752 SER A OG  
227 O OG  B SER A 34 ? 0.2220 0.2063 0.1723 -0.0199 -0.0273 -0.0096 1752 SER A OG  
228 N N   . ASP A 35 ? 0.3208 0.2186 0.2163 -0.0384 0.0156  -0.0316 1753 ASP A N   
229 C CA  . ASP A 35 ? 0.3008 0.2017 0.2084 0.0095  0.0135  -0.0426 1753 ASP A CA  
230 C C   . ASP A 35 ? 0.2209 0.2312 0.1936 0.0075  -0.0108 -0.0046 1753 ASP A C   
231 O O   . ASP A 35 ? 0.2519 0.2210 0.2118 -0.0201 0.0045  -0.0239 1753 ASP A O   
232 C CB  . ASP A 35 ? 0.2843 0.2851 0.2130 -0.0163 -0.0421 -0.0817 1753 ASP A CB  
233 C CG  . ASP A 35 ? 0.4376 0.4288 0.4143 -0.0357 -0.0191 -0.0656 1753 ASP A CG  
234 O OD1 . ASP A 35 ? 0.5340 0.3955 0.3832 0.0235  -0.0575 -0.0917 1753 ASP A OD1 
235 O OD2 . ASP A 35 ? 0.4304 0.4134 0.2691 -0.0519 -0.0547 -0.1148 1753 ASP A OD2 
236 N N   . ILE A 36 ? 0.3455 0.2292 0.2620 0.0494  0.0014  -0.0065 1754 ILE A N   
237 C CA  . ILE A 36 ? 0.2396 0.2539 0.1849 -0.0307 0.0077  -0.0644 1754 ILE A CA  
238 C C   . ILE A 36 ? 0.2804 0.3091 0.2318 0.0032  -0.0278 -0.0303 1754 ILE A C   
239 O O   . ILE A 36 ? 0.3501 0.3188 0.2411 -0.0204 0.0246  -0.0838 1754 ILE A O   
240 C CB  . ILE A 36 ? 0.2860 0.2819 0.2797 0.0171  -0.0021 -0.0268 1754 ILE A CB  
241 C CG1 . ILE A 36 ? 0.2893 0.3059 0.3023 0.0069  -0.0009 -0.0939 1754 ILE A CG1 
242 C CG2 . ILE A 36 ? 0.3202 0.2909 0.3278 -0.0310 0.0296  -0.0083 1754 ILE A CG2 
243 C CD1 . ILE A 36 ? 0.2679 0.2655 0.2129 -0.0066 0.0277  -0.0419 1754 ILE A CD1 
244 N N   . VAL A 37 ? 0.3035 0.3180 0.2205 -0.0251 -0.0478 -0.0216 1755 VAL A N   
245 C CA  . VAL A 37 ? 0.3195 0.3119 0.2260 -0.0246 -0.0501 -0.0579 1755 VAL A CA  
246 C C   . VAL A 37 ? 0.3183 0.2839 0.3162 -0.0353 -0.0111 -0.0160 1755 VAL A C   
247 O O   . VAL A 37 ? 0.3831 0.2804 0.3200 -0.0584 -0.0286 -0.0465 1755 VAL A O   
248 C CB  . VAL A 37 ? 0.2816 0.3201 0.2756 -0.0209 -0.0557 -0.0453 1755 VAL A CB  
249 C CG1 . VAL A 37 ? 0.3065 0.4466 0.4266 -0.0604 -0.0297 -0.0470 1755 VAL A CG1 
250 C CG2 . VAL A 37 ? 0.3457 0.3647 0.3239 -0.0017 -0.0171 -0.0289 1755 VAL A CG2 
251 N N   . LYS A 38 ? 0.4220 0.3316 0.3874 -0.0976 -0.0586 -0.0738 1756 LYS A N   
252 C CA  . LYS A 38 ? 0.4945 0.4214 0.4210 0.0108  -0.0058 -0.0545 1756 LYS A CA  
253 C C   . LYS A 38 ? 0.4744 0.3922 0.4318 0.0044  0.0057  -0.0522 1756 LYS A C   
254 O O   . LYS A 38 ? 0.5448 0.4433 0.4391 -0.0051 -0.0771 -0.1089 1756 LYS A O   
255 C CB  . LYS A 38 ? 0.5086 0.5145 0.3990 -0.0034 -0.0334 0.0079  1756 LYS A CB  
256 C CG  . LYS A 38 ? 0.4874 0.4170 0.3561 -0.0511 -0.0294 -0.0479 1756 LYS A CG  
257 N N   . GLY A 39 ? 0.4988 0.4131 0.3550 0.0262  0.0012  -0.0693 1757 GLY A N   
258 C CA  . GLY A 39 ? 0.4266 0.2896 0.3543 -0.0248 -0.0191 -0.0471 1757 GLY A CA  
259 C C   . GLY A 39 ? 0.5255 0.4202 0.4682 -0.0577 -0.0152 -0.0545 1757 GLY A C   
260 O O   . GLY A 39 ? 0.6090 0.4779 0.4625 -0.0780 0.0008  0.0011  1757 GLY A O   
261 N N   . GLY A 40 ? 0.4757 0.3531 0.4650 -0.0936 -0.0296 -0.0603 1758 GLY A N   
262 C CA  . GLY A 40 ? 0.4145 0.3765 0.4240 -0.0253 -0.0085 -0.0315 1758 GLY A CA  
263 C C   . GLY A 40 ? 0.2945 0.2470 0.3763 -0.0659 -0.0225 -0.0372 1758 GLY A C   
264 O O   . GLY A 40 ? 0.3910 0.2838 0.4380 -0.0849 0.0139  -0.0843 1758 GLY A O   
265 N N   . ILE A 41 ? 0.2093 0.2876 0.3676 -0.0564 -0.0062 -0.0423 1759 ILE A N   
266 C CA  . ILE A 41 ? 0.2727 0.2759 0.3505 -0.0142 -0.0001 -0.0402 1759 ILE A CA  
267 C C   . ILE A 41 ? 0.2485 0.2523 0.3396 -0.0623 0.0307  0.0139  1759 ILE A C   
268 O O   . ILE A 41 ? 0.2538 0.2900 0.4357 -0.0853 0.0705  -0.0665 1759 ILE A O   
269 C CB  . ILE A 41 ? 0.2561 0.3183 0.4066 -0.0136 0.0332  0.0223  1759 ILE A CB  
270 C CG1 . ILE A 41 ? 0.2826 0.3476 0.4665 -0.0517 0.0754  -0.0306 1759 ILE A CG1 
271 C CG2 . ILE A 41 ? 0.3279 0.3109 0.3065 -0.0522 0.0314  -0.0796 1759 ILE A CG2 
272 C CD1 . ILE A 41 ? 0.3990 0.4135 0.4202 0.0113  0.0772  0.0148  1759 ILE A CD1 
273 N N   . ALA A 42 ? 0.2525 0.1988 0.3572 0.0051  0.0271  -0.0377 1760 ALA A N   
274 C CA  . ALA A 42 ? 0.1900 0.2676 0.3378 -0.0258 0.0389  -0.0315 1760 ALA A CA  
275 C C   . ALA A 42 ? 0.3141 0.2961 0.3275 -0.0151 0.0293  -0.0273 1760 ALA A C   
276 O O   . ALA A 42 ? 0.3702 0.2746 0.3843 0.0170  0.0796  -0.0730 1760 ALA A O   
277 C CB  . ALA A 42 ? 0.2953 0.2433 0.3905 -0.0130 0.0202  -0.0821 1760 ALA A CB  
278 N N   . ASP A 43 ? 0.2376 0.2818 0.3249 0.0180  0.0740  -0.0863 1761 ASP A N   
279 C CA  . ASP A 43 ? 0.3227 0.2666 0.3572 0.0730  0.0229  -0.0207 1761 ASP A CA  
280 C C   . ASP A 43 ? 0.3624 0.2858 0.4750 -0.0431 0.0342  -0.0013 1761 ASP A C   
281 O O   . ASP A 43 ? 0.3998 0.2714 0.4899 -0.0114 0.0673  -0.0365 1761 ASP A O   
282 C CB  . ASP A 43 ? 0.3565 0.2476 0.3673 -0.0412 0.0308  -0.0502 1761 ASP A CB  
283 C CG  . ASP A 43 ? 0.3991 0.3714 0.4231 0.0072  -0.0032 -0.0622 1761 ASP A CG  
284 O OD1 . ASP A 43 ? 0.4265 0.3782 0.4063 -0.0191 0.0507  -0.1023 1761 ASP A OD1 
285 O OD2 . ASP A 43 ? 0.6008 0.3051 0.4032 -0.0593 -0.0138 -0.1250 1761 ASP A OD2 
286 N N   . ALA A 44 ? 0.3767 0.1993 0.4455 -0.0704 0.0146  -0.0778 1762 ALA A N   
287 C CA  . ALA A 44 ? 0.3608 0.2532 0.4443 -0.0245 -0.0138 -0.0203 1762 ALA A CA  
288 C C   . ALA A 44 ? 0.3412 0.2509 0.3679 -0.0245 -0.0171 -0.0726 1762 ALA A C   
289 O O   . ALA A 44 ? 0.4047 0.2464 0.4621 0.0008  0.0284  -0.0697 1762 ALA A O   
290 C CB  . ALA A 44 ? 0.2952 0.1924 0.4041 -0.0808 -0.0027 -0.1149 1762 ALA A CB  
291 N N   . ASP A 45 ? 0.3591 0.1848 0.2771 -0.0183 -0.0052 -0.0603 1763 ASP A N   
292 C CA  . ASP A 45 ? 0.2746 0.2396 0.3281 -0.0555 0.0149  -0.0685 1763 ASP A CA  
293 C C   . ASP A 45 ? 0.3459 0.3600 0.3490 0.0080  0.0498  -0.0207 1763 ASP A C   
294 O O   . ASP A 45 ? 0.3821 0.2164 0.3817 -0.0218 0.0545  -0.0075 1763 ASP A O   
295 C CB  . ASP A 45 ? 0.3272 0.2721 0.3351 -0.0065 0.0371  -0.0609 1763 ASP A CB  
296 C CG  . ASP A 45 ? 0.3021 0.2323 0.2916 -0.0312 0.0229  -0.0565 1763 ASP A CG  
297 O OD1 . ASP A 45 ? 0.3231 0.2221 0.5227 -0.0395 0.0663  -0.0410 1763 ASP A OD1 
298 O OD2 . ASP A 45 ? 0.3895 0.2082 0.4338 -0.0467 0.0661  -0.0268 1763 ASP A OD2 
299 N N   . GLY A 46 ? 0.3755 0.2529 0.3191 -0.0244 0.0986  -0.1216 1764 GLY A N   
300 C CA  . GLY A 46 ? 0.3319 0.3502 0.3388 -0.0064 0.0814  -0.0514 1764 GLY A CA  
301 C C   . GLY A 46 ? 0.3254 0.3441 0.3915 0.0192  0.0644  -0.0933 1764 GLY A C   
302 O O   . GLY A 46 ? 0.3167 0.2463 0.4570 -0.0685 0.1131  -0.0894 1764 GLY A O   
303 N N   . ARG A 47 ? 0.3273 0.2039 0.4182 0.0201  0.0561  -0.0953 1765 ARG A N   
304 C CA  . ARG A 47 ? 0.2399 0.1916 0.3003 0.0199  0.0775  -0.0148 1765 ARG A CA  
305 C C   . ARG A 47 ? 0.2818 0.2170 0.3495 0.0253  0.0470  0.0223  1765 ARG A C   
306 O O   . ARG A 47 ? 0.2511 0.1790 0.3553 -0.0345 0.0910  0.0079  1765 ARG A O   
307 C CB  . ARG A 47 ? 0.2145 0.2461 0.3647 -0.0101 0.0566  -0.0015 1765 ARG A CB  
308 C CG  . ARG A 47 ? 0.3160 0.2583 0.3792 0.0306  0.0384  -0.0060 1765 ARG A CG  
309 C CD  . ARG A 47 ? 0.2973 0.2042 0.3582 0.0075  0.0225  0.0365  1765 ARG A CD  
310 N NE  . ARG A 47 ? 0.2982 0.2602 0.3409 0.0323  0.0585  -0.0308 1765 ARG A NE  
311 C CZ  . ARG A 47 ? 0.2952 0.2350 0.3135 -0.0191 0.0117  0.0188  1765 ARG A CZ  
312 N NH1 . ARG A 47 ? 0.2473 0.2769 0.3472 -0.0001 -0.0283 -0.0123 1765 ARG A NH1 
313 N NH2 . ARG A 47 ? 0.3059 0.2276 0.3181 -0.0375 0.0308  0.0282  1765 ARG A NH2 
314 N N   . LEU A 48 ? 0.2740 0.1918 0.2972 0.0248  0.0362  -0.0294 1766 LEU A N   
315 C CA  . LEU A 48 ? 0.2143 0.1877 0.2046 0.0158  0.0120  -0.0195 1766 LEU A CA  
316 C C   . LEU A 48 ? 0.2331 0.2463 0.2059 0.0132  0.0379  -0.0724 1766 LEU A C   
317 O O   . LEU A 48 ? 0.2737 0.2019 0.2210 -0.0206 0.0250  -0.0301 1766 LEU A O   
318 C CB  . LEU A 48 ? 0.1970 0.1623 0.3561 -0.0085 -0.0467 -0.0024 1766 LEU A CB  
319 C CG  . LEU A 48 ? 0.2715 0.3211 0.2899 0.0014  0.0081  -0.0189 1766 LEU A CG  
320 C CD1 . LEU A 48 ? 0.2531 0.2174 0.2907 -0.0434 -0.0623 0.0159  1766 LEU A CD1 
321 C CD2 . LEU A 48 ? 0.2395 0.2346 0.3484 0.0417  0.0603  -0.0234 1766 LEU A CD2 
322 N N   . MET A 49 ? 0.1756 0.2826 0.2341 -0.0085 0.0158  -0.0323 1767 MET A N   
323 C CA  . MET A 49 ? 0.1934 0.1980 0.2243 -0.0053 -0.0149 -0.0402 1767 MET A CA  
324 C C   . MET A 49 ? 0.1642 0.2156 0.1900 -0.0029 0.0143  0.0325  1767 MET A C   
325 O O   . MET A 49 ? 0.2013 0.1784 0.2449 -0.0145 -0.0178 -0.0379 1767 MET A O   
326 C CB  . MET A 49 ? 0.2349 0.2388 0.3097 0.0070  0.0006  -0.0275 1767 MET A CB  
327 C CG  . MET A 49 ? 0.2404 0.2589 0.3236 -0.0018 0.0327  -0.0216 1767 MET A CG  
328 S SD  . MET A 49 ? 0.2654 0.2331 0.3831 -0.0166 0.0771  -0.0660 1767 MET A SD  
329 C CE  . MET A 49 ? 0.2702 0.1899 0.3624 0.0722  0.0154  -0.0303 1767 MET A CE  
330 N N   . GLN A 50 ? 0.1931 0.2892 0.2108 0.0008  0.0258  -0.0825 1768 GLN A N   
331 C CA  A GLN A 50 ? 0.1532 0.2819 0.1877 0.0275  0.0096  0.0113  1768 GLN A CA  
332 C CA  B GLN A 50 ? 0.2086 0.3070 0.2347 0.0253  0.0226  0.0144  1768 GLN A CA  
333 C C   . GLN A 50 ? 0.2333 0.2654 0.2229 0.0258  -0.0288 -0.0226 1768 GLN A C   
334 O O   . GLN A 50 ? 0.1808 0.3125 0.2055 0.0247  0.0237  -0.0494 1768 GLN A O   
335 C CB  A GLN A 50 ? 0.1319 0.2427 0.1673 0.0382  -0.0088 -0.0167 1768 GLN A CB  
336 C CB  B GLN A 50 ? 0.2081 0.3050 0.2173 0.0544  0.0436  -0.0194 1768 GLN A CB  
337 C CG  A GLN A 50 ? 0.1572 0.1760 0.1641 -0.0317 -0.0023 -0.0154 1768 GLN A CG  
338 C CG  B GLN A 50 ? 0.3240 0.3219 0.3096 -0.0287 -0.0249 -0.0106 1768 GLN A CG  
339 C CD  A GLN A 50 ? 0.3152 0.2910 0.2009 0.0086  0.0102  0.0371  1768 GLN A CD  
340 C CD  B GLN A 50 ? 0.2907 0.3514 0.2781 -0.0552 0.0027  0.0000  1768 GLN A CD  
341 O OE1 A GLN A 50 ? 0.3796 0.4457 0.4482 -0.0181 -0.0595 -0.0085 1768 GLN A OE1 
342 O OE1 B GLN A 50 ? 0.2023 0.3069 0.1837 -0.0823 0.0740  -0.0653 1768 GLN A OE1 
343 N NE2 A GLN A 50 ? 0.2469 0.4206 0.1319 0.0510  0.0011  0.0491  1768 GLN A NE2 
344 N NE2 B GLN A 50 ? 0.3769 0.3157 0.2177 -0.0169 -0.0103 0.0635  1768 GLN A NE2 
345 N N   . GLY A 51 ? 0.1735 0.2280 0.1718 0.0119  0.0067  -0.0259 1769 GLY A N   
346 C CA  . GLY A 51 ? 0.1651 0.1951 0.1253 0.0000  0.0134  0.0490  1769 GLY A CA  
347 C C   . GLY A 51 ? 0.1748 0.1601 0.1472 0.0064  0.0078  0.0635  1769 GLY A C   
348 O O   . GLY A 51 ? 0.1503 0.2142 0.1472 -0.0181 0.0080  0.0200  1769 GLY A O   
349 N N   . ASP A 52 ? 0.1716 0.1199 0.2054 -0.0195 -0.0067 -0.0204 1770 ASP A N   
350 C CA  . ASP A 52 ? 0.1435 0.2232 0.1878 0.0108  0.0017  -0.0222 1770 ASP A CA  
351 C C   . ASP A 52 ? 0.1308 0.1541 0.2316 0.0029  -0.0008 -0.0077 1770 ASP A C   
352 O O   . ASP A 52 ? 0.1554 0.1673 0.1761 0.0025  -0.0044 0.0226  1770 ASP A O   
353 C CB  . ASP A 52 ? 0.1882 0.2234 0.2248 0.0189  -0.0275 0.0148  1770 ASP A CB  
354 C CG  . ASP A 52 ? 0.2003 0.2019 0.2705 -0.0060 0.0383  -0.0222 1770 ASP A CG  
355 O OD1 . ASP A 52 ? 0.1816 0.1571 0.2385 -0.0429 0.0255  -0.0364 1770 ASP A OD1 
356 O OD2 . ASP A 52 ? 0.1973 0.2006 0.2807 -0.0172 -0.0202 0.0238  1770 ASP A OD2 
357 N N   . GLN A 53 ? 0.1686 0.1713 0.1543 0.0279  -0.0099 0.0101  1771 GLN A N   
358 C CA  . GLN A 53 ? 0.1273 0.1523 0.0756 -0.0125 -0.0276 -0.0194 1771 GLN A CA  
359 C C   . GLN A 53 ? 0.1464 0.1399 0.1689 -0.0171 -0.0011 -0.0004 1771 GLN A C   
360 O O   . GLN A 53 ? 0.1492 0.1662 0.1713 0.0274  0.0107  0.0201  1771 GLN A O   
361 C CB  . GLN A 53 ? 0.1166 0.1942 0.1655 0.0154  -0.0109 0.0402  1771 GLN A CB  
362 C CG  . GLN A 53 ? 0.1713 0.1235 0.1804 -0.0058 -0.0023 0.0095  1771 GLN A CG  
363 C CD  . GLN A 53 ? 0.1808 0.1505 0.1382 -0.0061 0.0015  0.0574  1771 GLN A CD  
364 O OE1 . GLN A 53 ? 0.1811 0.2243 0.2236 -0.0104 0.0129  0.0067  1771 GLN A OE1 
365 N NE2 . GLN A 53 ? 0.1888 0.2194 0.2017 0.0219  0.0120  0.0256  1771 GLN A NE2 
366 N N   . ILE A 54 ? 0.1436 0.1379 0.1159 0.0113  -0.0143 -0.0012 1772 ILE A N   
367 C CA  . ILE A 54 ? 0.1270 0.1388 0.1894 -0.0182 -0.0169 0.0182  1772 ILE A CA  
368 C C   . ILE A 54 ? 0.1472 0.1677 0.1715 -0.0052 0.0441  0.0241  1772 ILE A C   
369 O O   . ILE A 54 ? 0.1783 0.1534 0.1739 0.0124  0.0074  -0.0044 1772 ILE A O   
370 C CB  . ILE A 54 ? 0.1847 0.2202 0.1467 0.0026  0.0252  0.0004  1772 ILE A CB  
371 C CG1 . ILE A 54 ? 0.1334 0.3034 0.1930 -0.0347 -0.0024 0.0420  1772 ILE A CG1 
372 C CG2 . ILE A 54 ? 0.1726 0.2594 0.1572 -0.0016 0.0608  0.0212  1772 ILE A CG2 
373 C CD1 . ILE A 54 ? 0.2110 0.3408 0.2572 -0.0091 -0.0352 0.0197  1772 ILE A CD1 
374 N N   . LEU A 55 ? 0.1612 0.1467 0.1388 0.0087  -0.0095 0.0391  1773 LEU A N   
375 C CA  . LEU A 55 ? 0.1298 0.1744 0.1495 -0.0019 0.0130  -0.0124 1773 LEU A CA  
376 C C   . LEU A 55 ? 0.1501 0.1637 0.1070 0.0151  0.0065  -0.0084 1773 LEU A C   
377 O O   . LEU A 55 ? 0.1620 0.1517 0.1385 -0.0072 0.0168  0.0340  1773 LEU A O   
378 C CB  . LEU A 55 ? 0.1396 0.2543 0.1920 0.0388  -0.0233 0.0058  1773 LEU A CB  
379 C CG  . LEU A 55 ? 0.1985 0.2182 0.1797 0.0390  0.0327  -0.0088 1773 LEU A CG  
380 C CD1 . LEU A 55 ? 0.1703 0.3599 0.2328 0.0898  0.0120  0.0389  1773 LEU A CD1 
381 C CD2 . LEU A 55 ? 0.2176 0.2798 0.2982 0.0283  0.0125  0.0476  1773 LEU A CD2 
382 N N   . MET A 56 ? 0.1394 0.2051 0.1722 0.0013  0.0456  0.0340  1774 MET A N   
383 C CA  . MET A 56 ? 0.1516 0.1379 0.1174 -0.0037 0.0462  0.0455  1774 MET A CA  
384 C C   . MET A 56 ? 0.1686 0.1287 0.0738 0.0097  0.0135  0.0418  1774 MET A C   
385 O O   . MET A 56 ? 0.1545 0.1567 0.1639 -0.0034 0.0029  -0.0004 1774 MET A O   
386 C CB  . MET A 56 ? 0.2215 0.1976 0.1363 0.0278  0.0420  -0.0372 1774 MET A CB  
387 C CG  . MET A 56 ? 0.3046 0.2509 0.1899 0.0794  0.0091  -0.0161 1774 MET A CG  
388 S SD  . MET A 56 ? 0.2756 0.2385 0.2109 0.0595  -0.0394 0.0105  1774 MET A SD  
389 C CE  . MET A 56 ? 0.3169 0.2384 0.2721 -0.0184 0.0229  -0.0307 1774 MET A CE  
390 N N   . VAL A 57 ? 0.1292 0.1970 0.1752 -0.0126 0.0375  -0.0009 1775 VAL A N   
391 C CA  . VAL A 57 ? 0.1836 0.1906 0.1226 0.0084  -0.0215 -0.0098 1775 VAL A CA  
392 C C   . VAL A 57 ? 0.1918 0.2117 0.2505 0.0007  0.0151  0.0276  1775 VAL A C   
393 O O   . VAL A 57 ? 0.1384 0.2218 0.1827 -0.0174 0.0076  0.0247  1775 VAL A O   
394 C CB  . VAL A 57 ? 0.1705 0.1463 0.1574 0.0093  -0.0082 0.0235  1775 VAL A CB  
395 C CG1 . VAL A 57 ? 0.1541 0.1820 0.2229 -0.0103 0.0238  0.0279  1775 VAL A CG1 
396 C CG2 . VAL A 57 ? 0.1568 0.1965 0.1488 -0.0332 0.0210  -0.0141 1775 VAL A CG2 
397 N N   . ASN A 58 ? 0.1986 0.2057 0.1735 -0.0365 0.0061  0.0028  1776 ASN A N   
398 C CA  . ASN A 58 ? 0.2425 0.2675 0.2479 -0.0446 0.0097  0.0323  1776 ASN A CA  
399 C C   . ASN A 58 ? 0.2808 0.2456 0.2378 -0.0320 0.0461  0.0374  1776 ASN A C   
400 O O   . ASN A 58 ? 0.2936 0.3003 0.2107 -0.0334 0.0106  0.0382  1776 ASN A O   
401 C CB  . ASN A 58 ? 0.2348 0.2595 0.2359 0.0075  0.0178  0.0035  1776 ASN A CB  
402 C CG  . ASN A 58 ? 0.2878 0.2314 0.2779 -0.0489 0.0140  -0.0221 1776 ASN A CG  
403 O OD1 . ASN A 58 ? 0.2484 0.2594 0.3348 -0.0054 0.0246  0.0436  1776 ASN A OD1 
404 N ND2 . ASN A 58 ? 0.2598 0.3575 0.3307 0.0532  0.0345  -0.0057 1776 ASN A ND2 
405 N N   . GLY A 59 ? 0.2243 0.1824 0.2000 -0.0129 0.0194  0.0725  1777 GLY A N   
406 C CA  . GLY A 59 ? 0.2077 0.2770 0.2172 0.0099  -0.0012 0.0343  1777 GLY A CA  
407 C C   . GLY A 59 ? 0.1895 0.2446 0.1272 0.0256  0.0176  0.0273  1777 GLY A C   
408 O O   . GLY A 59 ? 0.2395 0.2707 0.2184 0.0345  -0.0185 0.0334  1777 GLY A O   
409 N N   . GLU A 60 ? 0.1728 0.1993 0.1659 0.0036  0.0342  0.0185  1778 GLU A N   
410 C CA  . GLU A 60 ? 0.1674 0.1985 0.2062 0.0013  0.0368  0.0223  1778 GLU A CA  
411 C C   . GLU A 60 ? 0.1629 0.1778 0.1408 0.0081  -0.0232 -0.0005 1778 GLU A C   
412 O O   . GLU A 60 ? 0.1750 0.2156 0.1958 0.0193  -0.0054 -0.0191 1778 GLU A O   
413 C CB  . GLU A 60 ? 0.1904 0.2075 0.2249 -0.0163 0.0555  0.0177  1778 GLU A CB  
414 C CG  . GLU A 60 ? 0.2677 0.2285 0.2468 0.0424  0.0079  -0.0524 1778 GLU A CG  
415 C CD  . GLU A 60 ? 0.1478 0.2224 0.2403 -0.0018 0.0133  -0.0107 1778 GLU A CD  
416 O OE1 . GLU A 60 ? 0.1864 0.2025 0.2473 -0.0064 0.0362  -0.0210 1778 GLU A OE1 
417 O OE2 . GLU A 60 ? 0.2434 0.2425 0.2973 0.0381  -0.0154 -0.0278 1778 GLU A OE2 
418 N N   . ASP A 61 ? 0.1544 0.1986 0.1367 -0.0181 -0.0060 0.0078  1779 ASP A N   
419 C CA  . ASP A 61 ? 0.1298 0.2528 0.1653 0.0029  0.0136  0.0366  1779 ASP A CA  
420 C C   . ASP A 61 ? 0.2091 0.2389 0.1803 0.0245  -0.0058 0.0246  1779 ASP A C   
421 O O   . ASP A 61 ? 0.2543 0.2309 0.1900 0.0410  -0.0075 -0.0102 1779 ASP A O   
422 C CB  . ASP A 61 ? 0.1916 0.2521 0.3005 0.0453  -0.0713 -0.0048 1779 ASP A CB  
423 C CG  . ASP A 61 ? 0.3030 0.3034 0.2268 -0.0104 -0.0526 0.0224  1779 ASP A CG  
424 O OD1 . ASP A 61 ? 0.1642 0.2498 0.2229 -0.0182 -0.0303 0.0335  1779 ASP A OD1 
425 O OD2 . ASP A 61 ? 0.3448 0.4615 0.2996 -0.0688 -0.0648 -0.0472 1779 ASP A OD2 
426 N N   . VAL A 62 ? 0.1359 0.1926 0.1569 -0.0215 -0.0142 -0.0158 1780 VAL A N   
427 C CA  . VAL A 62 ? 0.1140 0.1456 0.1232 -0.0251 0.0034  0.0007  1780 VAL A CA  
428 C C   . VAL A 62 ? 0.1586 0.2447 0.1938 -0.0188 0.0014  0.0469  1780 VAL A C   
429 O O   . VAL A 62 ? 0.2175 0.1739 0.1853 0.0064  0.0061  -0.0119 1780 VAL A O   
430 C CB  . VAL A 62 ? 0.1372 0.1531 0.1719 -0.0162 0.0182  0.0024  1780 VAL A CB  
431 C CG1 . VAL A 62 ? 0.1630 0.2028 0.1543 0.0093  0.0044  -0.0247 1780 VAL A CG1 
432 C CG2 . VAL A 62 ? 0.2358 0.1798 0.1733 -0.0238 -0.0402 -0.0108 1780 VAL A CG2 
433 N N   . ARG A 63 ? 0.1624 0.2203 0.1585 -0.0407 -0.0024 -0.0256 1781 ARG A N   
434 C CA  A ARG A 63 ? 0.2391 0.2517 0.2481 -0.0178 0.0151  0.0158  1781 ARG A CA  
435 C CA  B ARG A 63 ? 0.2116 0.2272 0.2310 -0.0167 0.0082  0.0098  1781 ARG A CA  
436 C C   . ARG A 63 ? 0.1930 0.2406 0.2272 -0.0147 -0.0455 -0.0068 1781 ARG A C   
437 O O   . ARG A 63 ? 0.2639 0.2922 0.3177 -0.0461 -0.0425 0.0412  1781 ARG A O   
438 C CB  A ARG A 63 ? 0.2152 0.3019 0.2259 -0.0338 -0.0263 0.0100  1781 ARG A CB  
439 C CB  B ARG A 63 ? 0.1800 0.2739 0.1961 -0.0308 -0.0341 0.0135  1781 ARG A CB  
440 C CG  A ARG A 63 ? 0.3044 0.3084 0.2784 -0.0339 -0.0153 -0.0013 1781 ARG A CG  
441 C CG  B ARG A 63 ? 0.2548 0.2283 0.1551 -0.0490 -0.0265 -0.0295 1781 ARG A CG  
442 C CD  A ARG A 63 ? 0.2517 0.3108 0.3095 -0.0007 0.0436  -0.0007 1781 ARG A CD  
443 C CD  B ARG A 63 ? 0.2386 0.3046 0.2433 -0.0249 -0.0017 0.0024  1781 ARG A CD  
444 N NE  A ARG A 63 ? 0.3053 0.3144 0.2833 -0.0147 -0.0318 0.0210  1781 ARG A NE  
445 N NE  B ARG A 63 ? 0.3148 0.2620 0.1876 -0.0505 -0.0702 -0.0212 1781 ARG A NE  
446 C CZ  A ARG A 63 ? 0.3028 0.3265 0.3289 0.0101  -0.0098 -0.0016 1781 ARG A CZ  
447 C CZ  B ARG A 63 ? 0.2983 0.3605 0.3140 -0.0123 -0.0281 0.0059  1781 ARG A CZ  
448 N NH1 A ARG A 63 ? 0.3932 0.4069 0.3608 -0.0145 0.0079  0.0090  1781 ARG A NH1 
449 N NH1 B ARG A 63 ? 0.3175 0.3240 0.2705 -0.0556 -0.0560 -0.0194 1781 ARG A NH1 
450 N NH2 A ARG A 63 ? 0.2333 0.2918 0.2239 -0.0269 -0.0417 -0.0276 1781 ARG A NH2 
451 N NH2 B ARG A 63 ? 0.2856 0.2820 0.3377 -0.0412 -0.0714 0.0366  1781 ARG A NH2 
452 N N   . ASN A 64 ? 0.2528 0.2374 0.3141 0.0266  -0.0069 -0.0287 1782 ASN A N   
453 C CA  . ASN A 64 ? 0.2859 0.2801 0.2514 -0.0082 -0.0178 -0.0139 1782 ASN A CA  
454 C C   . ASN A 64 ? 0.2684 0.1306 0.3187 -0.0395 0.0018  -0.0139 1782 ASN A C   
455 O O   . ASN A 64 ? 0.3542 0.2468 0.2887 0.0130  -0.0162 -0.0336 1782 ASN A O   
456 C CB  . ASN A 64 ? 0.3689 0.2705 0.3831 -0.0409 -0.0458 -0.0119 1782 ASN A CB  
457 C CG  . ASN A 64 ? 0.3480 0.3633 0.4232 -0.0530 -0.0198 0.0070  1782 ASN A CG  
458 O OD1 . ASN A 64 ? 0.4607 0.4976 0.4455 -0.0525 -0.0097 0.0020  1782 ASN A OD1 
459 N ND2 . ASN A 64 ? 0.4518 0.4059 0.4589 -0.0646 -0.0019 0.0866  1782 ASN A ND2 
460 N N   . ALA A 65 ? 0.2204 0.1625 0.2133 -0.0374 -0.0247 0.0083  1783 ALA A N   
461 C CA  . ALA A 65 ? 0.2197 0.2132 0.2145 0.0209  -0.0131 -0.0076 1783 ALA A CA  
462 C C   . ALA A 65 ? 0.2225 0.1908 0.1715 -0.0094 0.0173  0.0069  1783 ALA A C   
463 O O   . ALA A 65 ? 0.1719 0.2114 0.2357 -0.0146 0.0110  -0.0458 1783 ALA A O   
464 C CB  . ALA A 65 ? 0.3238 0.1450 0.2227 0.0133  -0.0510 -0.0168 1783 ALA A CB  
465 N N   . THR A 66 ? 0.2040 0.1911 0.1829 -0.0398 0.0201  -0.0147 1784 THR A N   
466 C CA  . THR A 66 ? 0.2057 0.1730 0.1851 0.0112  0.0134  0.0049  1784 THR A CA  
467 C C   . THR A 66 ? 0.2183 0.1924 0.1747 -0.0221 0.0306  -0.0092 1784 THR A C   
468 O O   . THR A 66 ? 0.1957 0.1608 0.1462 -0.0005 0.0045  -0.0041 1784 THR A O   
469 C CB  . THR A 66 ? 0.1983 0.2056 0.1316 -0.0126 0.0299  0.0284  1784 THR A CB  
470 O OG1 . THR A 66 ? 0.2133 0.2608 0.1896 0.0196  0.0262  -0.0090 1784 THR A OG1 
471 C CG2 . THR A 66 ? 0.2728 0.1576 0.2114 -0.0234 -0.0302 -0.0623 1784 THR A CG2 
472 N N   . GLN A 67 ? 0.2054 0.1458 0.1639 0.0075  -0.0074 0.0097  1785 GLN A N   
473 C CA  . GLN A 67 ? 0.1388 0.1776 0.1658 0.0164  0.0232  0.0079  1785 GLN A CA  
474 C C   . GLN A 67 ? 0.1902 0.1397 0.1682 -0.0048 0.0437  0.0224  1785 GLN A C   
475 O O   . GLN A 67 ? 0.1683 0.1806 0.1496 -0.0126 0.0114  0.0002  1785 GLN A O   
476 C CB  . GLN A 67 ? 0.1992 0.2221 0.1565 0.0451  -0.0753 0.0087  1785 GLN A CB  
477 C CG  . GLN A 67 ? 0.2226 0.1907 0.1324 0.0114  -0.0525 0.0511  1785 GLN A CG  
478 C CD  . GLN A 67 ? 0.1322 0.2151 0.1927 0.0165  -0.0021 0.0342  1785 GLN A CD  
479 O OE1 . GLN A 67 ? 0.1499 0.1812 0.1380 -0.0101 -0.0113 0.0131  1785 GLN A OE1 
480 N NE2 . GLN A 67 ? 0.1678 0.2163 0.1244 -0.0041 -0.0328 0.0040  1785 GLN A NE2 
481 N N   . GLU A 68 ? 0.1999 0.1405 0.2219 0.0007  0.0548  0.0466  1786 GLU A N   
482 C CA  . GLU A 68 ? 0.1892 0.1647 0.2150 0.0023  0.0016  0.0075  1786 GLU A CA  
483 C C   . GLU A 68 ? 0.1919 0.1753 0.1759 0.0297  -0.0022 -0.0218 1786 GLU A C   
484 O O   . GLU A 68 ? 0.1994 0.2095 0.2053 0.0130  -0.0166 0.0122  1786 GLU A O   
485 C CB  . GLU A 68 ? 0.1828 0.2540 0.2282 0.0155  0.0090  0.0225  1786 GLU A CB  
486 C CG  . GLU A 68 ? 0.3168 0.2697 0.2909 -0.0018 -0.0628 0.0007  1786 GLU A CG  
487 N N   . ALA A 69 ? 0.1657 0.2028 0.1432 0.0172  0.0330  -0.0035 1787 ALA A N   
488 C CA  . ALA A 69 ? 0.1399 0.1469 0.1382 -0.0010 0.0154  -0.0104 1787 ALA A CA  
489 C C   . ALA A 69 ? 0.1549 0.1634 0.1358 0.0161  -0.0128 -0.0389 1787 ALA A C   
490 O O   . ALA A 69 ? 0.2172 0.1917 0.2005 0.0093  -0.0148 -0.0365 1787 ALA A O   
491 C CB  . ALA A 69 ? 0.1837 0.2214 0.0970 -0.0091 0.0018  0.0042  1787 ALA A CB  
492 N N   . VAL A 70 ? 0.1666 0.1332 0.1660 -0.0057 0.0435  -0.0278 1788 VAL A N   
493 C CA  . VAL A 70 ? 0.2029 0.1310 0.1573 0.0015  0.0296  -0.0278 1788 VAL A CA  
494 C C   . VAL A 70 ? 0.1736 0.1908 0.1030 0.0172  0.0370  -0.0101 1788 VAL A C   
495 O O   . VAL A 70 ? 0.2072 0.1746 0.2025 0.0115  0.0038  0.0212  1788 VAL A O   
496 C CB  . VAL A 70 ? 0.1942 0.1499 0.1131 -0.0132 0.0380  -0.0138 1788 VAL A CB  
497 C CG1 . VAL A 70 ? 0.2075 0.1631 0.2045 0.0408  0.0271  0.0105  1788 VAL A CG1 
498 C CG2 . VAL A 70 ? 0.1634 0.1920 0.1645 -0.0045 0.0150  -0.0152 1788 VAL A CG2 
499 N N   . ALA A 71 ? 0.1590 0.1254 0.1605 -0.0255 -0.0053 0.0361  1789 ALA A N   
500 C CA  . ALA A 71 ? 0.1736 0.1503 0.1308 -0.0259 -0.0051 -0.0018 1789 ALA A CA  
501 C C   . ALA A 71 ? 0.1817 0.1791 0.1574 0.0278  -0.0241 0.0379  1789 ALA A C   
502 O O   . ALA A 71 ? 0.1969 0.2339 0.1955 0.0133  0.0179  0.0145  1789 ALA A O   
503 C CB  . ALA A 71 ? 0.1666 0.1474 0.1642 -0.0285 -0.0452 0.0116  1789 ALA A CB  
504 N N   . ALA A 72 ? 0.1925 0.1154 0.1728 -0.0164 -0.0119 -0.0002 1790 ALA A N   
505 C CA  . ALA A 72 ? 0.1739 0.1716 0.1123 -0.0087 -0.0100 -0.0214 1790 ALA A CA  
506 C C   . ALA A 72 ? 0.1343 0.2134 0.1882 0.0102  0.0100  -0.0036 1790 ALA A C   
507 O O   . ALA A 72 ? 0.1746 0.1990 0.2199 -0.0054 -0.0051 -0.0032 1790 ALA A O   
508 C CB  . ALA A 72 ? 0.1803 0.1511 0.2595 0.0265  0.0057  0.0257  1790 ALA A CB  
509 N N   . LEU A 73 ? 0.1573 0.1567 0.1631 -0.0159 -0.0016 -0.0198 1791 LEU A N   
510 C CA  . LEU A 73 ? 0.1564 0.1793 0.1148 -0.0101 0.0036  -0.0049 1791 LEU A CA  
511 C C   . LEU A 73 ? 0.1939 0.1691 0.1724 0.0021  0.0059  0.0253  1791 LEU A C   
512 O O   . LEU A 73 ? 0.1945 0.1558 0.1728 -0.0267 -0.0025 -0.0059 1791 LEU A O   
513 C CB  . LEU A 73 ? 0.2091 0.1493 0.1460 0.0133  0.0200  0.0098  1791 LEU A CB  
514 C CG  . LEU A 73 ? 0.1834 0.1625 0.1369 0.0263  0.0066  0.0330  1791 LEU A CG  
515 C CD1 . LEU A 73 ? 0.2175 0.2388 0.1764 0.0016  0.0668  0.0599  1791 LEU A CD1 
516 C CD2 . LEU A 73 ? 0.1860 0.2289 0.2143 0.0046  0.0152  0.0382  1791 LEU A CD2 
517 N N   . LEU A 74 ? 0.1995 0.1310 0.1450 -0.0031 0.0332  -0.0090 1792 LEU A N   
518 C CA  . LEU A 74 ? 0.1914 0.1885 0.1391 0.0327  -0.0545 0.0215  1792 LEU A CA  
519 C C   . LEU A 74 ? 0.2198 0.1407 0.1452 -0.0149 -0.0083 0.0049  1792 LEU A C   
520 O O   . LEU A 74 ? 0.2108 0.1921 0.2295 -0.0392 -0.0071 0.0191  1792 LEU A O   
521 C CB  . LEU A 74 ? 0.2235 0.1959 0.1673 -0.0097 -0.0107 -0.0619 1792 LEU A CB  
522 C CG  . LEU A 74 ? 0.1843 0.1454 0.1997 -0.0079 0.0015  0.0091  1792 LEU A CG  
523 C CD1 . LEU A 74 ? 0.1864 0.2648 0.2331 0.0587  0.0547  -0.0034 1792 LEU A CD1 
524 C CD2 . LEU A 74 ? 0.2492 0.1767 0.2095 0.0078  -0.0693 0.0164  1792 LEU A CD2 
525 N N   . LYS A 75 ? 0.1737 0.1892 0.1633 -0.0141 -0.0270 -0.0050 1793 LYS A N   
526 C CA  . LYS A 75 ? 0.1933 0.2440 0.2093 0.0173  -0.0191 -0.0475 1793 LYS A CA  
527 C C   . LYS A 75 ? 0.2134 0.2329 0.2441 0.0192  -0.0085 -0.0344 1793 LYS A C   
528 O O   . LYS A 75 ? 0.2428 0.2279 0.2933 -0.0609 0.0268  0.0152  1793 LYS A O   
529 C CB  . LYS A 75 ? 0.1882 0.2141 0.3004 -0.0100 -0.0043 -0.0198 1793 LYS A CB  
530 C CG  . LYS A 75 ? 0.3234 0.2785 0.2362 0.0137  -0.0386 -0.0742 1793 LYS A CG  
531 C CD  . LYS A 75 ? 0.3388 0.3365 0.3286 0.0650  -0.0258 0.0135  1793 LYS A CD  
532 C CE  . LYS A 75 ? 0.3759 0.4525 0.3936 0.0448  0.0422  0.0834  1793 LYS A CE  
533 N NZ  . LYS A 75 ? 0.3903 0.3909 0.3406 0.0175  -0.0296 -0.0063 1793 LYS A NZ  
534 N N   . CYS A 76 ? 0.2205 0.2075 0.1862 -0.0475 0.0044  -0.0769 1794 CYS A N   
535 C CA  . CYS A 76 ? 0.2246 0.1936 0.1900 0.0059  -0.0084 0.0206  1794 CYS A CA  
536 C C   . CYS A 76 ? 0.2023 0.2628 0.2460 0.0027  -0.0304 0.0324  1794 CYS A C   
537 O O   . CYS A 76 ? 0.3260 0.2917 0.3356 0.0340  0.0516  0.0422  1794 CYS A O   
538 C CB  . CYS A 76 ? 0.2511 0.1984 0.1079 -0.0512 0.0027  0.0208  1794 CYS A CB  
539 S SG  . CYS A 76 ? 0.2161 0.2422 0.2913 0.0101  0.0378  -0.0315 1794 CYS A SG  
540 N N   . SER A 77 ? 0.2217 0.1965 0.2057 -0.0041 0.0148  0.0539  1795 SER A N   
541 C CA  . SER A 77 ? 0.2214 0.1870 0.1819 -0.0134 0.0014  -0.0088 1795 SER A CA  
542 C C   . SER A 77 ? 0.2849 0.2229 0.2456 -0.0186 -0.0208 -0.0034 1795 SER A C   
543 O O   . SER A 77 ? 0.3815 0.2784 0.3011 -0.0148 -0.0377 0.0285  1795 SER A O   
544 C CB  . SER A 77 ? 0.2425 0.1726 0.2387 0.0107  0.0047  0.0022  1795 SER A CB  
545 O OG  . SER A 77 ? 0.2138 0.1939 0.2742 -0.0165 -0.0246 0.0154  1795 SER A OG  
546 N N   . LEU A 78 ? 0.2214 0.2076 0.2644 -0.0279 -0.0311 0.0196  1796 LEU A N   
547 C CA  . LEU A 78 ? 0.2448 0.2037 0.2642 -0.0541 -0.0011 -0.0099 1796 LEU A CA  
548 C C   . LEU A 78 ? 0.1973 0.2714 0.2710 -0.0561 0.0274  0.0197  1796 LEU A C   
549 O O   . LEU A 78 ? 0.2823 0.2673 0.3252 0.0044  -0.0797 0.0148  1796 LEU A O   
550 C CB  . LEU A 78 ? 0.2740 0.2474 0.2405 -0.0797 0.0088  -0.0603 1796 LEU A CB  
551 C CG  . LEU A 78 ? 0.3354 0.3826 0.3245 0.0272  0.0280  0.0192  1796 LEU A CG  
552 C CD1 . LEU A 78 ? 0.2817 0.3016 0.3622 -0.0867 0.0222  -0.0221 1796 LEU A CD1 
553 C CD2 . LEU A 78 ? 0.4378 0.3712 0.3551 -0.0383 -0.0237 -0.0705 1796 LEU A CD2 
554 N N   . GLY A 79 ? 0.2585 0.2572 0.3263 -0.0548 -0.0075 -0.0286 1797 GLY A N   
555 C CA  . GLY A 79 ? 0.2265 0.2111 0.3582 -0.0635 -0.0137 0.0433  1797 GLY A CA  
556 C C   . GLY A 79 ? 0.2329 0.2965 0.3331 -0.0314 -0.0064 0.0649  1797 GLY A C   
557 O O   . GLY A 79 ? 0.2814 0.2552 0.3164 -0.0323 0.0125  0.0375  1797 GLY A O   
558 N N   . THR A 80 ? 0.2660 0.3145 0.3084 0.0168  -0.0142 0.1107  1798 THR A N   
559 C CA  . THR A 80 ? 0.2062 0.3279 0.3481 0.0088  0.0017  0.0865  1798 THR A CA  
560 C C   . THR A 80 ? 0.2774 0.3008 0.3188 0.0114  0.0072  0.0413  1798 THR A C   
561 O O   . THR A 80 ? 0.2777 0.3069 0.3168 -0.1078 -0.0280 0.0568  1798 THR A O   
562 C CB  . THR A 80 ? 0.2746 0.3302 0.4013 0.0026  0.0071  0.1033  1798 THR A CB  
563 O OG1 . THR A 80 ? 0.4650 0.3606 0.4667 -0.0089 0.0425  0.1263  1798 THR A OG1 
564 C CG2 . THR A 80 ? 0.3068 0.3059 0.3687 0.0531  0.0491  0.0563  1798 THR A CG2 
565 N N   . VAL A 81 ? 0.1852 0.1971 0.2767 -0.0061 -0.0263 0.0229  1799 VAL A N   
566 C CA  . VAL A 81 ? 0.1753 0.1932 0.2607 -0.0336 0.0503  0.0550  1799 VAL A CA  
567 C C   . VAL A 81 ? 0.2061 0.1991 0.2330 -0.0109 0.0250  0.0395  1799 VAL A C   
568 O O   . VAL A 81 ? 0.2170 0.1991 0.2509 -0.0304 -0.0322 0.0110  1799 VAL A O   
569 C CB  . VAL A 81 ? 0.1895 0.2749 0.2707 0.0244  -0.0142 0.0506  1799 VAL A CB  
570 C CG1 . VAL A 81 ? 0.2676 0.2017 0.2800 -0.0011 0.0631  0.0137  1799 VAL A CG1 
571 C CG2 . VAL A 81 ? 0.2156 0.1950 0.2898 -0.0106 -0.0029 0.0269  1799 VAL A CG2 
572 N N   . THR A 82 ? 0.1937 0.2146 0.2479 -0.0043 0.0282  -0.0254 1800 THR A N   
573 C CA  . THR A 82 ? 0.1631 0.2355 0.2907 -0.0294 0.0318  0.0123  1800 THR A CA  
574 C C   . THR A 82 ? 0.1492 0.1840 0.1964 -0.0100 -0.0011 -0.0055 1800 THR A C   
575 O O   . THR A 82 ? 0.2347 0.1877 0.2196 -0.0351 0.0240  -0.0202 1800 THR A O   
576 C CB  . THR A 82 ? 0.2224 0.2708 0.2709 0.0152  0.0325  0.0357  1800 THR A CB  
577 O OG1 . THR A 82 ? 0.2558 0.2474 0.2953 -0.0247 0.0098  0.0181  1800 THR A OG1 
578 C CG2 . THR A 82 ? 0.1575 0.2267 0.3756 -0.0535 -0.0248 0.0344  1800 THR A CG2 
579 N N   . LEU A 83 ? 0.1873 0.2135 0.2091 0.0269  0.0125  0.0229  1801 LEU A N   
580 C CA  . LEU A 83 ? 0.1622 0.1793 0.3118 -0.0087 -0.0338 0.0171  1801 LEU A CA  
581 C C   . LEU A 83 ? 0.1263 0.1659 0.1951 -0.0139 -0.0054 -0.0058 1801 LEU A C   
582 O O   . LEU A 83 ? 0.1953 0.2009 0.2436 0.0063  -0.0286 -0.0260 1801 LEU A O   
583 C CB  . LEU A 83 ? 0.2073 0.1664 0.2448 0.0069  -0.0090 0.0296  1801 LEU A CB  
584 C CG  . LEU A 83 ? 0.2266 0.2870 0.2834 -0.0089 -0.0062 -0.0382 1801 LEU A CG  
585 C CD1 . LEU A 83 ? 0.2341 0.3030 0.2756 -0.0056 -0.0506 0.0045  1801 LEU A CD1 
586 C CD2 . LEU A 83 ? 0.1497 0.2483 0.2385 0.0021  0.0310  -0.0335 1801 LEU A CD2 
587 N N   . GLU A 84 ? 0.1467 0.1254 0.1312 -0.0388 0.0019  0.0045  1802 GLU A N   
588 C CA  A GLU A 84 ? 0.1713 0.2322 0.2465 0.0246  -0.0023 0.0281  1802 GLU A CA  
589 C CA  B GLU A 84 ? 0.1779 0.2402 0.2428 0.0224  -0.0019 0.0319  1802 GLU A CA  
590 C C   . GLU A 84 ? 0.1177 0.1855 0.1537 0.0138  0.0215  0.0045  1802 GLU A C   
591 O O   . GLU A 84 ? 0.1729 0.1838 0.1430 0.0297  0.0166  0.0078  1802 GLU A O   
592 C CB  A GLU A 84 ? 0.1421 0.2048 0.2211 -0.0087 0.0022  0.0328  1802 GLU A CB  
593 C CB  B GLU A 84 ? 0.1715 0.1994 0.1875 -0.0036 0.0295  0.0317  1802 GLU A CB  
594 C CG  A GLU A 84 ? 0.1621 0.2279 0.2140 -0.0005 0.0091  0.0365  1802 GLU A CG  
595 C CG  B GLU A 84 ? 0.2563 0.1960 0.2138 0.0237  -0.0005 0.0706  1802 GLU A CG  
596 C CD  A GLU A 84 ? 0.1696 0.2241 0.3087 -0.0260 0.0139  -0.0117 1802 GLU A CD  
597 C CD  B GLU A 84 ? 0.3244 0.2371 0.2839 -0.0168 0.0282  0.0201  1802 GLU A CD  
598 O OE1 A GLU A 84 ? 0.1767 0.2475 0.1448 -0.0238 0.0100  -0.0269 1802 GLU A OE1 
599 O OE1 B GLU A 84 ? 0.3012 0.2086 0.2053 -0.0321 -0.0432 -0.0371 1802 GLU A OE1 
600 O OE2 A GLU A 84 ? 0.1590 0.1614 0.2346 -0.0353 0.0006  -0.0230 1802 GLU A OE2 
601 O OE2 B GLU A 84 ? 0.2020 0.2659 0.2740 0.0397  -0.0530 -0.0392 1802 GLU A OE2 
602 N N   . VAL A 85 ? 0.1256 0.1760 0.1549 0.0188  0.0252  0.0147  1803 VAL A N   
603 C CA  . VAL A 85 ? 0.1737 0.2027 0.2199 0.0169  0.0314  0.0020  1803 VAL A CA  
604 C C   . VAL A 85 ? 0.1519 0.1700 0.2218 -0.0013 0.0029  0.0251  1803 VAL A C   
605 O O   . VAL A 85 ? 0.1729 0.2166 0.2163 0.0440  0.0483  0.0396  1803 VAL A O   
606 C CB  . VAL A 85 ? 0.1591 0.2397 0.2014 -0.0206 0.0381  0.0380  1803 VAL A CB  
607 C CG1 . VAL A 85 ? 0.1791 0.2419 0.2859 -0.0095 0.0422  0.0175  1803 VAL A CG1 
608 C CG2 . VAL A 85 ? 0.2326 0.2013 0.2043 0.0377  -0.0038 -0.0081 1803 VAL A CG2 
609 N N   . GLY A 86 ? 0.1700 0.1808 0.2158 0.0450  0.0082  0.0439  1804 GLY A N   
610 C CA  . GLY A 86 ? 0.1290 0.1942 0.1731 0.0325  0.0263  0.0253  1804 GLY A CA  
611 C C   . GLY A 86 ? 0.1802 0.1999 0.2125 -0.0076 -0.0256 -0.0026 1804 GLY A C   
612 O O   . GLY A 86 ? 0.1566 0.2633 0.1868 0.0287  0.0183  0.0360  1804 GLY A O   
613 N N   . ARG A 87 ? 0.1449 0.1902 0.1494 0.0062  -0.0130 0.0023  1805 ARG A N   
614 C CA  . ARG A 87 ? 0.1300 0.2169 0.2006 -0.0347 -0.0184 0.0022  1805 ARG A CA  
615 C C   . ARG A 87 ? 0.1364 0.1988 0.1508 -0.0377 0.0173  0.0086  1805 ARG A C   
616 O O   . ARG A 87 ? 0.1486 0.2504 0.1792 -0.0123 -0.0312 0.0299  1805 ARG A O   
617 C CB  . ARG A 87 ? 0.2417 0.1961 0.1971 -0.0118 -0.0425 0.0238  1805 ARG A CB  
618 C CG  . ARG A 87 ? 0.2317 0.3167 0.3641 -0.0911 -0.0070 -0.0335 1805 ARG A CG  
619 C CD  . ARG A 87 ? 0.3978 0.2768 0.2476 0.0364  0.0027  0.0262  1805 ARG A CD  
620 N NE  . ARG A 87 ? 0.3896 0.4319 0.3548 -0.0142 0.0817  0.0073  1805 ARG A NE  
621 C CZ  . ARG A 87 ? 0.3315 0.2664 0.3624 0.0165  0.0305  0.0021  1805 ARG A CZ  
622 N NH1 . ARG A 87 ? 0.3458 0.2221 0.2603 0.0120  -0.0632 -0.0888 1805 ARG A NH1 
623 N NH2 . ARG A 87 ? 0.2337 0.2119 0.3147 0.0064  0.0075  -0.0335 1805 ARG A NH2 
624 N N   . ILE A 88 ? 0.1671 0.1855 0.1681 0.0090  0.0340  0.0032  1806 ILE A N   
625 C CA  . ILE A 88 ? 0.1419 0.1916 0.1734 -0.0263 0.0215  -0.0201 1806 ILE A CA  
626 C C   . ILE A 88 ? 0.1543 0.1431 0.1912 -0.0190 0.0149  0.0437  1806 ILE A C   
627 O O   . ILE A 88 ? 0.1795 0.2448 0.1597 -0.0246 0.0307  -0.0182 1806 ILE A O   
628 C CB  . ILE A 88 ? 0.2003 0.2277 0.2089 -0.0330 0.0227  -0.0312 1806 ILE A CB  
629 C CG1 . ILE A 88 ? 0.1443 0.1690 0.2014 0.0184  0.0096  0.0265  1806 ILE A CG1 
630 C CG2 . ILE A 88 ? 0.2397 0.1592 0.2031 0.0032  0.0291  -0.0124 1806 ILE A CG2 
631 C CD1 . ILE A 88 ? 0.1973 0.2787 0.1967 0.0269  0.0202  -0.0301 1806 ILE A CD1 
632 N N   . SER A 89 ? 0.1448 0.2013 0.1434 0.0054  0.0404  -0.0095 1807 SER A N   
633 C CA  A SER A 89 ? 0.1580 0.1601 0.1050 0.0031  0.0387  -0.0060 1807 SER A CA  
634 C CA  B SER A 89 ? 0.1786 0.1735 0.1173 0.0014  0.0441  -0.0028 1807 SER A CA  
635 C C   . SER A 89 ? 0.1792 0.1666 0.1938 -0.0006 0.0411  0.0079  1807 SER A C   
636 O O   . SER A 89 ? 0.2164 0.1845 0.1833 0.0102  0.0509  -0.0212 1807 SER A O   
637 C CB  A SER A 89 ? 0.1511 0.1849 0.1682 0.0353  0.0060  -0.0029 1807 SER A CB  
638 C CB  B SER A 89 ? 0.1990 0.2174 0.2429 0.0257  -0.0019 -0.0025 1807 SER A CB  
639 O OG  A SER A 89 ? 0.1648 0.2135 0.1216 -0.0120 0.0101  0.0071  1807 SER A OG  
640 O OG  B SER A 89 ? 0.2230 0.2291 0.1512 0.0024  -0.0015 0.0537  1807 SER A OG  
641 N N   . THR A 90 ? 0.1696 0.1377 0.1686 0.0106  0.0442  -0.0273 1808 THR A N   
642 C CA  . THR A 90 ? 0.1755 0.1362 0.2150 0.0250  0.0107  0.0121  1808 THR A CA  
643 C C   . THR A 90 ? 0.1826 0.1815 0.1662 -0.0025 -0.0105 -0.0060 1808 THR A C   
644 O O   . THR A 90 ? 0.1787 0.1795 0.1796 -0.0034 0.0323  -0.0299 1808 THR A O   
645 C CB  . THR A 90 ? 0.1931 0.1840 0.2063 0.0238  0.0419  0.0441  1808 THR A CB  
646 O OG1 . THR A 90 ? 0.1830 0.1807 0.2251 0.0006  0.0545  0.0217  1808 THR A OG1 
647 C CG2 . THR A 90 ? 0.2493 0.1520 0.1377 0.0152  0.0329  0.0417  1808 THR A CG2 
648 N N   . TYR A 91 ? 0.2025 0.1665 0.1347 -0.0057 -0.0101 -0.0149 1809 TYR A N   
649 C CA  . TYR A 91 ? 0.2355 0.1638 0.2226 -0.0080 -0.0328 -0.0344 1809 TYR A CA  
650 C C   . TYR A 91 ? 0.1912 0.1681 0.1980 -0.0009 -0.0052 -0.0294 1809 TYR A C   
651 O O   . TYR A 91 ? 0.1877 0.2090 0.2872 0.0058  0.0210  -0.0160 1809 TYR A O   
652 C CB  . TYR A 91 ? 0.2772 0.2080 0.2331 0.0179  -0.0224 -0.0514 1809 TYR A CB  
653 C CG  . TYR A 91 ? 0.2884 0.2067 0.2189 0.0232  -0.0146 -0.0755 1809 TYR A CG  
654 C CD1 . TYR A 91 ? 0.2512 0.2179 0.2656 -0.0014 -0.0225 -0.0573 1809 TYR A CD1 
655 C CD2 . TYR A 91 ? 0.2727 0.1668 0.2242 -0.0216 -0.0038 -0.0344 1809 TYR A CD2 
656 C CE1 . TYR A 91 ? 0.3033 0.2809 0.2293 -0.0087 0.0054  -0.1140 1809 TYR A CE1 
657 C CE2 . TYR A 91 ? 0.3195 0.2147 0.2191 -0.0132 -0.0748 -0.0209 1809 TYR A CE2 
658 C CZ  . TYR A 91 ? 0.3902 0.3336 0.2517 0.0482  -0.0155 -0.0575 1809 TYR A CZ  
659 O OH  . TYR A 91 ? 0.4347 0.2981 0.2102 0.0100  -0.0198 -0.0660 1809 TYR A OH  
660 N N   . VAL A 92 ? 0.2528 0.1882 0.1758 -0.0026 -0.0098 -0.0395 1810 VAL A N   
661 C CA  . VAL A 92 ? 0.1470 0.1579 0.2180 -0.0277 -0.0310 0.0282  1810 VAL A CA  
662 C C   . VAL A 92 ? 0.1976 0.2660 0.2848 -0.0213 -0.0357 0.0429  1810 VAL A C   
663 O O   . VAL A 92 ? 0.2493 0.2355 0.3040 0.0038  -0.0259 0.0242  1810 VAL A O   
664 C CB  . VAL A 92 ? 0.2000 0.2236 0.2489 -0.0691 -0.0041 -0.0008 1810 VAL A CB  
665 C CG1 . VAL A 92 ? 0.2243 0.3001 0.2868 -0.0763 0.0515  0.0554  1810 VAL A CG1 
666 C CG2 . VAL A 92 ? 0.2369 0.2424 0.3002 -0.0350 0.0095  -0.0594 1810 VAL A CG2 
667 O OXT . VAL A 92 ? 0.2106 0.2243 0.3419 -0.0632 -0.0324 0.0398  1810 VAL A OXT 
668 C C1  A EDO B .  ? 0.3275 0.3547 0.3187 -0.0029 -0.0048 0.0129  1    EDO A C1  
669 C C1  B EDO B .  ? 0.1713 0.1760 0.2800 -0.0200 0.0081  -0.0175 1    EDO A C1  
670 O O1  A EDO B .  ? 0.2726 0.3291 0.3267 0.0339  0.0772  0.0178  1    EDO A O1  
671 O O1  B EDO B .  ? 0.3056 0.3342 0.4199 -0.0428 -0.0162 0.0360  1    EDO A O1  
672 C C2  A EDO B .  ? 0.2427 0.1462 0.1241 0.0700  0.0696  -0.0573 1    EDO A C2  
673 C C2  B EDO B .  ? 0.2493 0.3117 0.2449 0.0123  -0.0136 0.0334  1    EDO A C2  
674 O O2  A EDO B .  ? 0.2958 0.1421 0.3120 -0.0141 -0.0041 0.0612  1    EDO A O2  
675 O O2  B EDO B .  ? 0.4376 0.3471 0.4019 0.0057  -0.0271 0.0257  1    EDO A O2  
676 C C1  A EDO C .  ? 0.3118 0.2565 0.2904 -0.0431 -0.0163 -0.0170 2    EDO A C1  
677 C C1  B EDO C .  ? 0.2783 0.2518 0.2103 0.0022  -0.0676 0.0054  2    EDO A C1  
678 O O1  A EDO C .  ? 0.2623 0.2049 0.2558 0.0328  0.0288  -0.0398 2    EDO A O1  
679 O O1  B EDO C .  ? 0.1035 0.1682 0.1289 -0.0172 0.0493  -0.0373 2    EDO A O1  
680 C C2  A EDO C .  ? 0.3355 0.3414 0.3157 0.0147  0.0192  -0.0150 2    EDO A C2  
681 C C2  B EDO C .  ? 0.1756 0.2392 0.3261 -0.0271 0.0089  -0.0319 2    EDO A C2  
682 O O2  A EDO C .  ? 0.3190 0.1686 0.3649 -0.0642 0.0354  -0.0229 2    EDO A O2  
683 O O2  B EDO C .  ? 0.2298 0.1998 0.1514 -0.0037 0.0512  0.0135  2    EDO A O2  
684 O O   . HOH D .  ? 0.1872 0.1509 0.1517 -0.0007 -0.0294 0.0232  3    HOH A O   
685 O O   . HOH D .  ? 0.2559 0.3134 0.2895 -0.0224 0.0219  0.0423  4    HOH A O   
686 O O   . HOH D .  ? 0.3416 0.3242 0.2931 -0.0075 0.0903  -0.0065 5    HOH A O   
687 O O   . HOH D .  ? 0.2653 0.1447 0.2265 -0.0338 -0.0424 -0.0002 6    HOH A O   
688 O O   . HOH D .  ? 0.2468 0.1892 0.3354 -0.0420 0.0531  -0.0754 7    HOH A O   
689 O O   . HOH D .  ? 0.2696 0.2440 0.2329 -0.0106 0.0096  0.0713  8    HOH A O   
690 O O   . HOH D .  ? 0.3209 0.2869 0.2336 -0.0281 0.0134  0.0076  9    HOH A O   
691 O O   . HOH D .  ? 0.3051 0.2611 0.2628 0.0461  -0.0318 0.0273  10   HOH A O   
692 O O   . HOH D .  ? 0.2492 0.1811 0.1657 -0.0272 -0.0018 0.0052  11   HOH A O   
693 O O   . HOH D .  ? 0.2485 0.2855 0.5002 -0.0529 -0.1316 0.0872  16   HOH A O   
694 O O   . HOH D .  ? 0.2585 0.2028 0.2418 0.0005  0.0137  0.0422  17   HOH A O   
695 O O   . HOH D .  ? 0.3745 0.2901 0.3041 0.0337  0.0748  -0.0137 19   HOH A O   
696 O O   . HOH D .  ? 0.2512 0.4794 0.2910 -0.0508 0.0085  0.0016  20   HOH A O   
697 O O   . HOH D .  ? 0.2912 0.2794 0.2473 0.0111  -0.0115 0.0273  22   HOH A O   
698 O O   . HOH D .  ? 0.2359 0.3095 0.3282 -0.0422 -0.0527 -0.0201 23   HOH A O   
699 O O   . HOH D .  ? 0.1982 0.3983 0.2141 0.0512  0.0585  -0.0107 25   HOH A O   
700 O O   . HOH D .  ? 0.2898 0.2669 0.2489 0.0534  -0.0050 0.0402  26   HOH A O   
701 O O   . HOH D .  ? 0.3770 0.3424 0.3830 -0.0386 -0.0384 -0.0422 28   HOH A O   
702 O O   . HOH D .  ? 0.4726 0.4202 0.3038 -0.0264 0.0359  -0.0439 29   HOH A O   
703 O O   . HOH D .  ? 0.2995 0.3127 0.3235 -0.0907 0.0723  0.0012  30   HOH A O   
704 O O   . HOH D .  ? 0.2767 0.3032 0.3382 -0.1083 -0.0043 -0.0279 32   HOH A O   
705 O O   . HOH D .  ? 0.4118 0.4321 0.3774 0.0601  -0.0177 0.1335  33   HOH A O   
706 O O   . HOH D .  ? 0.4448 0.4618 0.4485 0.0733  0.0081  0.1150  34   HOH A O   
707 O O   . HOH D .  ? 0.3773 0.3804 0.2303 -0.0578 0.0413  -0.0078 35   HOH A O   
708 O O   . HOH D .  ? 0.3374 0.2726 0.2821 0.0428  -0.0220 -0.0250 38   HOH A O   
709 O O   . HOH D .  ? 0.3414 0.4593 0.2302 0.0294  0.0793  0.1140  40   HOH A O   
710 O O   . HOH D .  ? 0.2704 0.3062 0.2144 0.0115  0.0165  -0.0129 42   HOH A O   
711 O O   . HOH D .  ? 0.4147 0.4088 0.4406 -0.0368 -0.0227 -0.0154 45   HOH A O   
712 O O   . HOH D .  ? 0.3119 0.2323 0.3224 -0.0665 -0.0155 -0.1143 48   HOH A O   
713 O O   . HOH D .  ? 0.4162 0.4551 0.3255 -0.0033 0.0152  0.0538  52   HOH A O   
714 O O   . HOH D .  ? 0.3278 0.3038 0.3200 0.0252  0.0238  -0.0384 53   HOH A O   
715 O O   . HOH D .  ? 0.2573 0.2319 0.3108 -0.0864 0.0479  -0.0783 55   HOH A O   
716 O O   . HOH D .  ? 0.3043 0.4179 0.4072 -0.0474 0.1318  -0.0890 56   HOH A O   
717 O O   . HOH D .  ? 0.4934 0.3840 0.3411 -0.0741 -0.0455 -0.0672 57   HOH A O   
718 O O   . HOH D .  ? 0.4144 0.4281 0.5842 -0.0668 -0.0048 0.0061  60   HOH A O   
719 O O   . HOH D .  ? 0.2819 0.3598 0.3571 0.0585  0.0540  -0.0037 63   HOH A O   
720 O O   . HOH D .  ? 0.3919 0.3551 0.4592 -0.0847 0.0177  -0.1006 64   HOH A O   
721 O O   . HOH D .  ? 0.2840 0.2848 0.2455 0.0080  -0.0112 0.0555  65   HOH A O   
722 O O   . HOH D .  ? 0.4694 0.5401 0.3134 -0.0060 -0.0050 0.0863  66   HOH A O   
723 O O   . HOH D .  ? 0.3499 0.2731 0.4653 -0.0908 -0.0433 -0.0892 68   HOH A O   
724 O O   . HOH D .  ? 0.5527 0.5557 0.5515 0.0412  0.0659  0.0152  70   HOH A O   
725 O O   . HOH D .  ? 0.5264 0.5271 0.6606 -0.0679 -0.0246 -0.0167 71   HOH A O   
726 O O   . HOH D .  ? 0.3264 0.2309 0.4339 -0.0516 0.1136  -0.0540 75   HOH A O   
727 O O   . HOH D .  ? 0.2797 0.3833 0.3325 0.0596  0.0855  -0.0532 76   HOH A O   
728 O O   . HOH D .  ? 0.4138 0.2533 0.4744 -0.0043 -0.0063 -0.0692 81   HOH A O   
729 O O   . HOH D .  ? 0.5570 0.4119 0.6321 -0.0024 -0.0206 -0.0140 82   HOH A O   
730 O O   . HOH D .  ? 0.3616 0.3732 0.3630 -0.0259 -0.0376 -0.0759 83   HOH A O   
731 O O   . HOH D .  ? 0.3740 0.4332 0.3757 0.0402  -0.0796 -0.0066 84   HOH A O   
732 O O   . HOH D .  ? 0.2598 0.3318 0.4114 -0.0778 0.0058  -0.0600 86   HOH A O   
733 O O   . HOH D .  ? 0.4931 0.4820 0.4632 0.1389  0.1371  0.0377  91   HOH A O   
734 O O   . HOH D .  ? 0.3422 0.3438 0.2500 0.0637  -0.0313 0.0433  96   HOH A O   
735 O O   . HOH D .  ? 0.4641 0.4878 0.4198 -0.0910 -0.0452 -0.0379 97   HOH A O   
736 O O   . HOH D .  ? 0.6744 0.6099 0.7138 -0.0169 -0.0079 0.0079  99   HOH A O   
737 O O   . HOH D .  ? 0.3446 0.3733 0.2877 0.0158  -0.0768 0.1068  101  HOH A O   
738 O O   . HOH D .  ? 0.3276 0.3996 0.3960 -0.1249 -0.0120 -0.0232 103  HOH A O   
739 O O   . HOH D .  ? 0.2952 0.2745 0.3513 -0.0254 0.0021  0.0916  104  HOH A O   
740 O O   . HOH D .  ? 0.3533 0.3762 0.3977 -0.0252 0.0180  -0.0462 106  HOH A O   
741 O O   . HOH D .  ? 0.4373 0.4494 0.4437 0.0247  -0.0339 -0.0779 110  HOH A O   
742 O O   . HOH D .  ? 0.5677 0.6015 0.5968 -0.0034 -0.0265 -0.0282 111  HOH A O   
743 O O   A HOH D .  ? 0.2919 0.2991 0.2693 0.0023  -0.0231 0.0317  112  HOH A O   
744 O O   B HOH D .  ? 0.2628 0.2776 0.3684 -0.0451 -0.0526 -0.0316 112  HOH A O   
745 O O   . HOH D .  ? 0.3227 0.2578 0.3200 -0.0845 0.0431  -0.0074 113  HOH A O   
746 O O   . HOH D .  ? 0.3578 0.4231 0.4032 -0.0095 -0.0115 -0.0766 114  HOH A O   
747 O O   . HOH D .  ? 0.2994 0.3028 0.4407 0.0200  -0.0149 0.0114  115  HOH A O   
748 O O   . HOH D .  ? 0.4945 0.4525 0.4372 0.0165  0.0698  -0.0289 116  HOH A O   
749 O O   . HOH D .  ? 0.3541 0.3811 0.4681 -0.0954 0.0095  -0.0598 117  HOH A O   
750 O O   . HOH D .  ? 0.3953 0.4487 0.4409 -0.0643 0.1472  -0.0051 118  HOH A O   
751 O O   . HOH D .  ? 0.4044 0.4198 0.3973 -0.0629 0.0450  -0.1374 119  HOH A O   
752 O O   . HOH D .  ? 0.5105 0.3937 0.5619 -0.0952 -0.0777 -0.0796 120  HOH A O   
753 O O   . HOH D .  ? 0.5393 0.5815 0.3059 -0.0079 0.0006  0.0587  121  HOH A O   
754 O O   . HOH D .  ? 0.2664 0.3899 0.3628 -0.0792 -0.0571 0.0275  122  HOH A O   
755 O O   . HOH D .  ? 0.3371 0.4346 0.4082 -0.0325 0.0824  -0.0472 123  HOH A O   
756 O O   . HOH D .  ? 0.3963 0.4942 0.5141 -0.0960 -0.0134 0.0224  124  HOH A O   
757 O O   . HOH D .  ? 0.3211 0.3929 0.3800 -0.1071 -0.1257 0.0552  126  HOH A O   
758 O O   . HOH D .  ? 0.4681 0.3123 0.3926 -0.1246 -0.0439 -0.0052 127  HOH A O   
759 O O   . HOH D .  ? 0.5095 0.5916 0.5716 0.0217  0.0415  -0.0294 128  HOH A O   
760 O O   . HOH D .  ? 0.5388 0.4574 0.5301 -0.1270 -0.0331 -0.0727 129  HOH A O   
761 O O   . HOH D .  ? 0.5041 0.4739 0.4380 0.0438  -0.0234 -0.0535 130  HOH A O   
762 O O   . HOH D .  ? 0.4288 0.4806 0.4922 -0.0069 -0.0791 -0.0165 132  HOH A O   
763 O O   . HOH D .  ? 0.4442 0.4764 0.2968 0.0099  -0.0552 -0.0182 133  HOH A O   
764 O O   . HOH D .  ? 0.4548 0.4842 0.4140 0.0490  0.0211  -0.0761 134  HOH A O   
765 O O   . HOH D .  ? 0.5809 0.5802 0.5186 -0.0232 -0.0086 0.0383  135  HOH A O   
766 O O   . HOH D .  ? 0.4309 0.4887 0.4877 0.0805  0.0513  -0.0514 136  HOH A O   
767 O O   . HOH D .  ? 0.4251 0.3797 0.5636 -0.0539 0.0097  -0.0590 137  HOH A O   
768 O O   . HOH D .  ? 0.4521 0.3554 0.4509 -0.0176 -0.0221 -0.1159 138  HOH A O   
769 O O   . HOH D .  ? 0.3978 0.4076 0.4805 0.0845  0.0561  -0.0110 139  HOH A O   
770 O O   . HOH D .  ? 0.3468 0.3558 0.4971 -0.1511 -0.0966 0.0292  140  HOH A O   
771 O O   . HOH D .  ? 0.4815 0.3932 0.6144 0.0636  0.0338  -0.0320 141  HOH A O   
772 O O   . HOH D .  ? 0.6412 0.7241 0.6633 -0.0216 0.0419  0.0243  142  HOH A O   
773 O O   . HOH D .  ? 0.4019 0.5508 0.3180 -0.0122 0.0150  -0.1097 143  HOH A O   
774 O O   . HOH D .  ? 0.4233 0.3068 0.6143 -0.0578 -0.0414 -0.1214 144  HOH A O   
775 O O   . HOH D .  ? 0.5305 0.4107 0.3456 -0.0633 0.0436  0.0936  145  HOH A O   
776 O O   . HOH D .  ? 0.4994 0.4766 0.4754 0.0304  -0.0295 -0.0185 146  HOH A O   
777 O O   . HOH D .  ? 0.4268 0.3611 0.5675 0.0103  -0.0768 -0.1078 147  HOH A O   
778 O O   . HOH D .  ? 0.4704 0.5441 0.4565 0.0294  0.0845  -0.0355 148  HOH A O   
779 O O   . HOH D .  ? 0.4842 0.5482 0.3593 0.0082  -0.0211 -0.0202 149  HOH A O   
780 O O   . HOH D .  ? 0.4066 0.3820 0.3745 -0.0768 0.0295  -0.0023 150  HOH A O   
781 O O   . HOH D .  ? 0.4963 0.5320 0.4674 0.0314  0.0457  0.0157  151  HOH A O   
782 O O   . HOH D .  ? 0.4276 0.5249 0.4261 -0.0626 -0.0482 0.0682  152  HOH A O   
783 O O   . HOH D .  ? 0.4574 0.4475 0.4422 0.0105  -0.0289 0.0372  153  HOH A O   
784 O O   . HOH D .  ? 0.4841 0.4770 0.4873 -0.0385 -0.0433 0.0184  154  HOH A O   
785 O O   . HOH D .  ? 0.5640 0.3921 0.5061 -0.0916 -0.1145 0.0057  155  HOH A O   
786 O O   . HOH D .  ? 0.4109 0.3750 0.5188 -0.0037 0.0302  -0.0313 156  HOH A O   
787 O O   . HOH D .  ? 0.4321 0.4902 0.5695 0.0071  0.0115  -0.0743 157  HOH A O   
788 O O   . HOH D .  ? 0.5676 0.4750 0.5539 -0.1779 0.0259  0.0171  158  HOH A O   
789 O O   . HOH D .  ? 0.5832 0.5815 0.5035 -0.0077 0.0298  0.0161  159  HOH A O   
790 O O   . HOH D .  ? 0.5208 0.5664 0.6688 -0.0152 0.0035  0.0666  160  HOH A O   
791 O O   . HOH D .  ? 0.4223 0.5627 0.5539 -0.0191 -0.0546 -0.0149 161  HOH A O   
792 O O   . HOH D .  ? 0.5558 0.5327 0.6016 -0.0592 -0.0695 -0.0425 162  HOH A O   
793 O O   . HOH D .  ? 0.5427 0.5768 0.6503 -0.0211 0.0119  -0.0016 163  HOH A O   
794 O O   . HOH D .  ? 0.6405 0.5548 0.6803 -0.0276 0.0248  0.0082  164  HOH A O   
795 O O   . HOH D .  ? 0.5303 0.5730 0.5187 -0.0373 -0.0185 0.0070  165  HOH A O   
796 O O   . HOH D .  ? 0.5920 0.3928 0.6043 -0.1228 -0.0320 -0.0482 166  HOH A O   
797 O O   . HOH D .  ? 0.5674 0.5516 0.5059 -0.0428 -0.0296 0.0271  167  HOH A O   
798 O O   . HOH D .  ? 0.5832 0.5976 0.4135 -0.0307 0.0183  -0.0188 169  HOH A O   
799 O O   . HOH D .  ? 0.4832 0.5547 0.5065 -0.1023 0.0025  -0.0371 170  HOH A O   
800 O O   . HOH D .  ? 0.4590 0.5353 0.4253 0.0177  -0.0387 -0.0783 171  HOH A O   
801 O O   . HOH D .  ? 0.3650 0.4647 0.3921 0.0874  0.0258  0.0876  172  HOH A O   
802 O O   . HOH D .  ? 0.5637 0.5666 0.3503 0.0212  -0.0142 0.0574  173  HOH A O   
803 O O   . HOH D .  ? 0.5659 0.5663 0.4959 -0.0714 -0.0130 -0.0478 174  HOH A O   
804 O O   . HOH D .  ? 0.4999 0.5115 0.5857 0.0147  0.0353  0.0433  175  HOH A O   
# 
loop_
_pdbx_poly_seq_scheme.asym_id 
_pdbx_poly_seq_scheme.entity_id 
_pdbx_poly_seq_scheme.seq_id 
_pdbx_poly_seq_scheme.mon_id 
_pdbx_poly_seq_scheme.ndb_seq_num 
_pdbx_poly_seq_scheme.pdb_seq_num 
_pdbx_poly_seq_scheme.auth_seq_num 
_pdbx_poly_seq_scheme.pdb_mon_id 
_pdbx_poly_seq_scheme.auth_mon_id 
_pdbx_poly_seq_scheme.pdb_strand_id 
_pdbx_poly_seq_scheme.pdb_ins_code 
_pdbx_poly_seq_scheme.hetero 
A 1 1  SER 1  1719 ?    ?   ?   A . n 
A 1 2  MET 2  1720 ?    ?   ?   A . n 
A 1 3  SER 3  1721 ?    ?   ?   A . n 
A 1 4  ASP 4  1722 1722 ASP ASP A . n 
A 1 5  THR 5  1723 1723 THR THR A . n 
A 1 6  LEU 6  1724 1724 LEU LEU A . n 
A 1 7  THR 7  1725 1725 THR THR A . n 
A 1 8  ILE 8  1726 1726 ILE ILE A . n 
A 1 9  GLY 9  1727 1727 GLY GLY A . n 
A 1 10 LEU 10 1728 1728 LEU LEU A . n 
A 1 11 GLN 11 1729 1729 GLN GLN A . n 
A 1 12 LYS 12 1730 1730 LYS LYS A . n 
A 1 13 LYS 13 1731 1731 LYS LYS A . n 
A 1 14 PRO 14 1732 1732 PRO PRO A . n 
A 1 15 GLY 15 1733 1733 GLY GLY A . n 
A 1 16 LYS 16 1734 1734 LYS LYS A . n 
A 1 17 GLY 17 1735 1735 GLY GLY A . n 
A 1 18 LEU 18 1736 1736 LEU LEU A . n 
A 1 19 GLY 19 1737 1737 GLY GLY A . n 
A 1 20 LEU 20 1738 1738 LEU LEU A . n 
A 1 21 SER 21 1739 1739 SER SER A . n 
A 1 22 ILE 22 1740 1740 ILE ILE A . n 
A 1 23 VAL 23 1741 1741 VAL VAL A . n 
A 1 24 GLY 24 1742 1742 GLY GLY A . n 
A 1 25 LYS 25 1743 1743 LYS LYS A . n 
A 1 26 ARG 26 1744 1744 ARG ARG A . n 
A 1 27 ASN 27 1745 1745 ASN ASN A . n 
A 1 28 ASP 28 1746 1746 ASP ASP A . n 
A 1 29 THR 29 1747 1747 THR THR A . n 
A 1 30 GLY 30 1748 1748 GLY GLY A . n 
A 1 31 VAL 31 1749 1749 VAL VAL A . n 
A 1 32 PHE 32 1750 1750 PHE PHE A . n 
A 1 33 VAL 33 1751 1751 VAL VAL A . n 
A 1 34 SER 34 1752 1752 SER SER A . n 
A 1 35 ASP 35 1753 1753 ASP ASP A . n 
A 1 36 ILE 36 1754 1754 ILE ILE A . n 
A 1 37 VAL 37 1755 1755 VAL VAL A . n 
A 1 38 LYS 38 1756 1756 LYS LYS A . n 
A 1 39 GLY 39 1757 1757 GLY GLY A . n 
A 1 40 GLY 40 1758 1758 GLY GLY A . n 
A 1 41 ILE 41 1759 1759 ILE ILE A . n 
A 1 42 ALA 42 1760 1760 ALA ALA A . n 
A 1 43 ASP 43 1761 1761 ASP ASP A . n 
A 1 44 ALA 44 1762 1762 ALA ALA A . n 
A 1 45 ASP 45 1763 1763 ASP ASP A . n 
A 1 46 GLY 46 1764 1764 GLY GLY A . n 
A 1 47 ARG 47 1765 1765 ARG ARG A . n 
A 1 48 LEU 48 1766 1766 LEU LEU A . n 
A 1 49 MET 49 1767 1767 MET MET A . n 
A 1 50 GLN 50 1768 1768 GLN GLN A . n 
A 1 51 GLY 51 1769 1769 GLY GLY A . n 
A 1 52 ASP 52 1770 1770 ASP ASP A . n 
A 1 53 GLN 53 1771 1771 GLN GLN A . n 
A 1 54 ILE 54 1772 1772 ILE ILE A . n 
A 1 55 LEU 55 1773 1773 LEU LEU A . n 
A 1 56 MET 56 1774 1774 MET MET A . n 
A 1 57 VAL 57 1775 1775 VAL VAL A . n 
A 1 58 ASN 58 1776 1776 ASN ASN A . n 
A 1 59 GLY 59 1777 1777 GLY GLY A . n 
A 1 60 GLU 60 1778 1778 GLU GLU A . n 
A 1 61 ASP 61 1779 1779 ASP ASP A . n 
A 1 62 VAL 62 1780 1780 VAL VAL A . n 
A 1 63 ARG 63 1781 1781 ARG ARG A . n 
A 1 64 ASN 64 1782 1782 ASN ASN A . n 
A 1 65 ALA 65 1783 1783 ALA ALA A . n 
A 1 66 THR 66 1784 1784 THR THR A . n 
A 1 67 GLN 67 1785 1785 GLN GLN A . n 
A 1 68 GLU 68 1786 1786 GLU GLU A . n 
A 1 69 ALA 69 1787 1787 ALA ALA A . n 
A 1 70 VAL 70 1788 1788 VAL VAL A . n 
A 1 71 ALA 71 1789 1789 ALA ALA A . n 
A 1 72 ALA 72 1790 1790 ALA ALA A . n 
A 1 73 LEU 73 1791 1791 LEU LEU A . n 
A 1 74 LEU 74 1792 1792 LEU LEU A . n 
A 1 75 LYS 75 1793 1793 LYS LYS A . n 
A 1 76 CYS 76 1794 1794 CYS CYS A . n 
A 1 77 SER 77 1795 1795 SER SER A . n 
A 1 78 LEU 78 1796 1796 LEU LEU A . n 
A 1 79 GLY 79 1797 1797 GLY GLY A . n 
A 1 80 THR 80 1798 1798 THR THR A . n 
A 1 81 VAL 81 1799 1799 VAL VAL A . n 
A 1 82 THR 82 1800 1800 THR THR A . n 
A 1 83 LEU 83 1801 1801 LEU LEU A . n 
A 1 84 GLU 84 1802 1802 GLU GLU A . n 
A 1 85 VAL 85 1803 1803 VAL VAL A . n 
A 1 86 GLY 86 1804 1804 GLY GLY A . n 
A 1 87 ARG 87 1805 1805 ARG ARG A . n 
A 1 88 ILE 88 1806 1806 ILE ILE A . n 
A 1 89 SER 89 1807 1807 SER SER A . n 
A 1 90 THR 90 1808 1808 THR THR A . n 
A 1 91 TYR 91 1809 1809 TYR TYR A . n 
A 1 92 VAL 92 1810 1810 VAL VAL A . n 
# 
_pdbx_SG_project.id                    1 
_pdbx_SG_project.project_name          ? 
_pdbx_SG_project.full_name_of_center   'Structural Genomics Consortium' 
_pdbx_SG_project.initial_of_center     SGC 
# 
loop_
_pdbx_nonpoly_scheme.asym_id 
_pdbx_nonpoly_scheme.entity_id 
_pdbx_nonpoly_scheme.mon_id 
_pdbx_nonpoly_scheme.ndb_seq_num 
_pdbx_nonpoly_scheme.pdb_seq_num 
_pdbx_nonpoly_scheme.auth_seq_num 
_pdbx_nonpoly_scheme.pdb_mon_id 
_pdbx_nonpoly_scheme.auth_mon_id 
_pdbx_nonpoly_scheme.pdb_strand_id 
_pdbx_nonpoly_scheme.pdb_ins_code 
B 2 EDO 1   1   1   EDO EDO A . 
C 2 EDO 1   2   2   EDO EDO A . 
D 3 HOH 1   3   1   HOH HOH A . 
D 3 HOH 2   4   2   HOH HOH A . 
D 3 HOH 3   5   3   HOH HOH A . 
D 3 HOH 4   6   4   HOH HOH A . 
D 3 HOH 5   7   6   HOH HOH A . 
D 3 HOH 6   8   7   HOH HOH A . 
D 3 HOH 7   9   8   HOH HOH A . 
D 3 HOH 8   10  10  HOH HOH A . 
D 3 HOH 9   11  11  HOH HOH A . 
D 3 HOH 10  16  16  HOH HOH A . 
D 3 HOH 11  17  17  HOH HOH A . 
D 3 HOH 12  19  19  HOH HOH A . 
D 3 HOH 13  20  20  HOH HOH A . 
D 3 HOH 14  22  22  HOH HOH A . 
D 3 HOH 15  23  23  HOH HOH A . 
D 3 HOH 16  25  25  HOH HOH A . 
D 3 HOH 17  26  26  HOH HOH A . 
D 3 HOH 18  28  28  HOH HOH A . 
D 3 HOH 19  29  29  HOH HOH A . 
D 3 HOH 20  30  30  HOH HOH A . 
D 3 HOH 21  32  32  HOH HOH A . 
D 3 HOH 22  33  33  HOH HOH A . 
D 3 HOH 23  34  34  HOH HOH A . 
D 3 HOH 24  35  35  HOH HOH A . 
D 3 HOH 25  38  38  HOH HOH A . 
D 3 HOH 26  40  40  HOH HOH A . 
D 3 HOH 27  42  42  HOH HOH A . 
D 3 HOH 28  45  45  HOH HOH A . 
D 3 HOH 29  48  48  HOH HOH A . 
D 3 HOH 30  52  52  HOH HOH A . 
D 3 HOH 31  53  53  HOH HOH A . 
D 3 HOH 32  55  55  HOH HOH A . 
D 3 HOH 33  56  56  HOH HOH A . 
D 3 HOH 34  57  57  HOH HOH A . 
D 3 HOH 35  60  60  HOH HOH A . 
D 3 HOH 36  63  63  HOH HOH A . 
D 3 HOH 37  64  64  HOH HOH A . 
D 3 HOH 38  65  65  HOH HOH A . 
D 3 HOH 39  66  66  HOH HOH A . 
D 3 HOH 40  68  68  HOH HOH A . 
D 3 HOH 41  70  70  HOH HOH A . 
D 3 HOH 42  71  71  HOH HOH A . 
D 3 HOH 43  75  75  HOH HOH A . 
D 3 HOH 44  76  76  HOH HOH A . 
D 3 HOH 45  81  81  HOH HOH A . 
D 3 HOH 46  82  82  HOH HOH A . 
D 3 HOH 47  83  83  HOH HOH A . 
D 3 HOH 48  84  84  HOH HOH A . 
D 3 HOH 49  86  86  HOH HOH A . 
D 3 HOH 50  91  91  HOH HOH A . 
D 3 HOH 51  96  96  HOH HOH A . 
D 3 HOH 52  97  97  HOH HOH A . 
D 3 HOH 53  99  99  HOH HOH A . 
D 3 HOH 54  101 101 HOH HOH A . 
D 3 HOH 55  103 103 HOH HOH A . 
D 3 HOH 56  104 104 HOH HOH A . 
D 3 HOH 57  106 106 HOH HOH A . 
D 3 HOH 58  110 110 HOH HOH A . 
D 3 HOH 59  111 111 HOH HOH A . 
D 3 HOH 60  112 112 HOH HOH A . 
D 3 HOH 61  113 113 HOH HOH A . 
D 3 HOH 62  114 114 HOH HOH A . 
D 3 HOH 63  115 115 HOH HOH A . 
D 3 HOH 64  116 116 HOH HOH A . 
D 3 HOH 65  117 117 HOH HOH A . 
D 3 HOH 66  118 118 HOH HOH A . 
D 3 HOH 67  119 119 HOH HOH A . 
D 3 HOH 68  120 120 HOH HOH A . 
D 3 HOH 69  121 121 HOH HOH A . 
D 3 HOH 70  122 122 HOH HOH A . 
D 3 HOH 71  123 123 HOH HOH A . 
D 3 HOH 72  124 124 HOH HOH A . 
D 3 HOH 73  126 126 HOH HOH A . 
D 3 HOH 74  127 127 HOH HOH A . 
D 3 HOH 75  128 128 HOH HOH A . 
D 3 HOH 76  129 129 HOH HOH A . 
D 3 HOH 77  130 130 HOH HOH A . 
D 3 HOH 78  132 132 HOH HOH A . 
D 3 HOH 79  133 133 HOH HOH A . 
D 3 HOH 80  134 134 HOH HOH A . 
D 3 HOH 81  135 135 HOH HOH A . 
D 3 HOH 82  136 136 HOH HOH A . 
D 3 HOH 83  137 137 HOH HOH A . 
D 3 HOH 84  138 138 HOH HOH A . 
D 3 HOH 85  139 139 HOH HOH A . 
D 3 HOH 86  140 140 HOH HOH A . 
D 3 HOH 87  141 141 HOH HOH A . 
D 3 HOH 88  142 142 HOH HOH A . 
D 3 HOH 89  143 143 HOH HOH A . 
D 3 HOH 90  144 144 HOH HOH A . 
D 3 HOH 91  145 145 HOH HOH A . 
D 3 HOH 92  146 146 HOH HOH A . 
D 3 HOH 93  147 147 HOH HOH A . 
D 3 HOH 94  148 148 HOH HOH A . 
D 3 HOH 95  149 149 HOH HOH A . 
D 3 HOH 96  150 150 HOH HOH A . 
D 3 HOH 97  151 151 HOH HOH A . 
D 3 HOH 98  152 152 HOH HOH A . 
D 3 HOH 99  153 153 HOH HOH A . 
D 3 HOH 100 154 154 HOH HOH A . 
D 3 HOH 101 155 155 HOH HOH A . 
D 3 HOH 102 156 156 HOH HOH A . 
D 3 HOH 103 157 157 HOH HOH A . 
D 3 HOH 104 158 158 HOH HOH A . 
D 3 HOH 105 159 159 HOH HOH A . 
D 3 HOH 106 160 160 HOH HOH A . 
D 3 HOH 107 161 161 HOH HOH A . 
D 3 HOH 108 162 162 HOH HOH A . 
D 3 HOH 109 163 163 HOH HOH A . 
D 3 HOH 110 164 164 HOH HOH A . 
D 3 HOH 111 165 165 HOH HOH A . 
D 3 HOH 112 166 166 HOH HOH A . 
D 3 HOH 113 167 167 HOH HOH A . 
D 3 HOH 114 169 169 HOH HOH A . 
D 3 HOH 115 170 170 HOH HOH A . 
D 3 HOH 116 171 171 HOH HOH A . 
D 3 HOH 117 172 172 HOH HOH A . 
D 3 HOH 118 173 173 HOH HOH A . 
D 3 HOH 119 174 174 HOH HOH A . 
D 3 HOH 120 175 175 HOH HOH A . 
# 
_pdbx_struct_assembly.id                   1 
_pdbx_struct_assembly.details              author_defined_assembly 
_pdbx_struct_assembly.method_details       ? 
_pdbx_struct_assembly.oligomeric_details   monomeric 
_pdbx_struct_assembly.oligomeric_count     1 
# 
_pdbx_struct_assembly_gen.assembly_id       1 
_pdbx_struct_assembly_gen.oper_expression   1 
_pdbx_struct_assembly_gen.asym_id_list      A,B,C,D 
# 
_pdbx_struct_oper_list.id                   1 
_pdbx_struct_oper_list.type                 'identity operation' 
_pdbx_struct_oper_list.name                 1_555 
_pdbx_struct_oper_list.symmetry_operation   x,y,z 
_pdbx_struct_oper_list.matrix[1][1]         1.0000000000 
_pdbx_struct_oper_list.matrix[1][2]         0.0000000000 
_pdbx_struct_oper_list.matrix[1][3]         0.0000000000 
_pdbx_struct_oper_list.vector[1]            0.0000000000 
_pdbx_struct_oper_list.matrix[2][1]         0.0000000000 
_pdbx_struct_oper_list.matrix[2][2]         1.0000000000 
_pdbx_struct_oper_list.matrix[2][3]         0.0000000000 
_pdbx_struct_oper_list.vector[2]            0.0000000000 
_pdbx_struct_oper_list.matrix[3][1]         0.0000000000 
_pdbx_struct_oper_list.matrix[3][2]         0.0000000000 
_pdbx_struct_oper_list.matrix[3][3]         1.0000000000 
_pdbx_struct_oper_list.vector[3]            0.0000000000 
# 
loop_
_pdbx_audit_revision_history.ordinal 
_pdbx_audit_revision_history.data_content_type 
_pdbx_audit_revision_history.major_revision 
_pdbx_audit_revision_history.minor_revision 
_pdbx_audit_revision_history.revision_date 
1 'Structure model' 1 0 2007-07-24 
2 'Structure model' 1 1 2008-05-01 
3 'Structure model' 1 2 2011-07-13 
4 'Structure model' 1 3 2017-10-18 
5 'Structure model' 1 4 2021-10-20 
6 'Structure model' 1 5 2023-08-30 
# 
_pdbx_audit_revision_details.ordinal             1 
_pdbx_audit_revision_details.revision_ordinal    1 
_pdbx_audit_revision_details.data_content_type   'Structure model' 
_pdbx_audit_revision_details.provider            repository 
_pdbx_audit_revision_details.type                'Initial release' 
_pdbx_audit_revision_details.description         ? 
_pdbx_audit_revision_details.details             ? 
# 
loop_
_pdbx_audit_revision_group.ordinal 
_pdbx_audit_revision_group.revision_ordinal 
_pdbx_audit_revision_group.data_content_type 
_pdbx_audit_revision_group.group 
1 2 'Structure model' 'Version format compliance' 
2 3 'Structure model' 'Version format compliance' 
3 4 'Structure model' 'Refinement description'    
4 5 'Structure model' 'Database references'       
5 5 'Structure model' 'Derived calculations'      
6 6 'Structure model' 'Data collection'           
7 6 'Structure model' 'Refinement description'    
# 
loop_
_pdbx_audit_revision_category.ordinal 
_pdbx_audit_revision_category.revision_ordinal 
_pdbx_audit_revision_category.data_content_type 
_pdbx_audit_revision_category.category 
1 4 'Structure model' software                      
2 5 'Structure model' database_2                    
3 5 'Structure model' struct_ref_seq_dif            
4 5 'Structure model' struct_site                   
5 6 'Structure model' chem_comp_atom                
6 6 'Structure model' chem_comp_bond                
7 6 'Structure model' pdbx_initial_refinement_model 
# 
loop_
_pdbx_audit_revision_item.ordinal 
_pdbx_audit_revision_item.revision_ordinal 
_pdbx_audit_revision_item.data_content_type 
_pdbx_audit_revision_item.item 
1 4 'Structure model' '_software.name'                      
2 5 'Structure model' '_database_2.pdbx_DOI'                
3 5 'Structure model' '_database_2.pdbx_database_accession' 
4 5 'Structure model' '_struct_ref_seq_dif.details'         
5 5 'Structure model' '_struct_site.pdbx_auth_asym_id'      
6 5 'Structure model' '_struct_site.pdbx_auth_comp_id'      
7 5 'Structure model' '_struct_site.pdbx_auth_seq_id'       
# 
loop_
_software.name 
_software.classification 
_software.version 
_software.citation_id 
_software.pdbx_ordinal 
REFMAC refinement        5.3.0037 ? 1 
MAR345 'data collection' CCD      ? 2 
MOSFLM 'data reduction'  .        ? 3 
SCALA  'data scaling'    .        ? 4 
PHASER phasing           .        ? 5 
# 
_pdbx_validate_close_contact.id               1 
_pdbx_validate_close_contact.PDB_model_num    1 
_pdbx_validate_close_contact.auth_atom_id_1   O 
_pdbx_validate_close_contact.auth_asym_id_1   A 
_pdbx_validate_close_contact.auth_comp_id_1   HOH 
_pdbx_validate_close_contact.auth_seq_id_1    38 
_pdbx_validate_close_contact.PDB_ins_code_1   ? 
_pdbx_validate_close_contact.label_alt_id_1   ? 
_pdbx_validate_close_contact.auth_atom_id_2   O 
_pdbx_validate_close_contact.auth_asym_id_2   A 
_pdbx_validate_close_contact.auth_comp_id_2   HOH 
_pdbx_validate_close_contact.auth_seq_id_2    145 
_pdbx_validate_close_contact.PDB_ins_code_2   ? 
_pdbx_validate_close_contact.label_alt_id_2   ? 
_pdbx_validate_close_contact.dist             1.96 
# 
_pdbx_validate_symm_contact.id                1 
_pdbx_validate_symm_contact.PDB_model_num     1 
_pdbx_validate_symm_contact.auth_atom_id_1    O 
_pdbx_validate_symm_contact.auth_asym_id_1    A 
_pdbx_validate_symm_contact.auth_comp_id_1    HOH 
_pdbx_validate_symm_contact.auth_seq_id_1     28 
_pdbx_validate_symm_contact.PDB_ins_code_1    ? 
_pdbx_validate_symm_contact.label_alt_id_1    ? 
_pdbx_validate_symm_contact.site_symmetry_1   1_555 
_pdbx_validate_symm_contact.auth_atom_id_2    O 
_pdbx_validate_symm_contact.auth_asym_id_2    A 
_pdbx_validate_symm_contact.auth_comp_id_2    HOH 
_pdbx_validate_symm_contact.auth_seq_id_2     150 
_pdbx_validate_symm_contact.PDB_ins_code_2    ? 
_pdbx_validate_symm_contact.label_alt_id_2    ? 
_pdbx_validate_symm_contact.site_symmetry_2   2_565 
_pdbx_validate_symm_contact.dist              2.09 
# 
loop_
_pdbx_unobs_or_zero_occ_atoms.id 
_pdbx_unobs_or_zero_occ_atoms.PDB_model_num 
_pdbx_unobs_or_zero_occ_atoms.polymer_flag 
_pdbx_unobs_or_zero_occ_atoms.occupancy_flag 
_pdbx_unobs_or_zero_occ_atoms.auth_asym_id 
_pdbx_unobs_or_zero_occ_atoms.auth_comp_id 
_pdbx_unobs_or_zero_occ_atoms.auth_seq_id 
_pdbx_unobs_or_zero_occ_atoms.PDB_ins_code 
_pdbx_unobs_or_zero_occ_atoms.auth_atom_id 
_pdbx_unobs_or_zero_occ_atoms.label_alt_id 
_pdbx_unobs_or_zero_occ_atoms.label_asym_id 
_pdbx_unobs_or_zero_occ_atoms.label_comp_id 
_pdbx_unobs_or_zero_occ_atoms.label_seq_id 
_pdbx_unobs_or_zero_occ_atoms.label_atom_id 
1  1 Y 1 A GLN 1729 ? OE1 ? A GLN 11 OE1 
2  1 Y 1 A GLN 1729 ? NE2 ? A GLN 11 NE2 
3  1 Y 1 A LYS 1734 ? CG  ? A LYS 16 CG  
4  1 Y 1 A LYS 1734 ? CD  ? A LYS 16 CD  
5  1 Y 1 A LYS 1734 ? CE  ? A LYS 16 CE  
6  1 Y 1 A LYS 1734 ? NZ  ? A LYS 16 NZ  
7  1 Y 1 A LYS 1756 ? CD  ? A LYS 38 CD  
8  1 Y 1 A LYS 1756 ? CE  ? A LYS 38 CE  
9  1 Y 1 A LYS 1756 ? NZ  ? A LYS 38 NZ  
10 1 Y 1 A GLU 1786 ? CD  ? A GLU 68 CD  
11 1 Y 1 A GLU 1786 ? OE1 ? A GLU 68 OE1 
12 1 Y 1 A GLU 1786 ? OE2 ? A GLU 68 OE2 
# 
loop_
_pdbx_unobs_or_zero_occ_residues.id 
_pdbx_unobs_or_zero_occ_residues.PDB_model_num 
_pdbx_unobs_or_zero_occ_residues.polymer_flag 
_pdbx_unobs_or_zero_occ_residues.occupancy_flag 
_pdbx_unobs_or_zero_occ_residues.auth_asym_id 
_pdbx_unobs_or_zero_occ_residues.auth_comp_id 
_pdbx_unobs_or_zero_occ_residues.auth_seq_id 
_pdbx_unobs_or_zero_occ_residues.PDB_ins_code 
_pdbx_unobs_or_zero_occ_residues.label_asym_id 
_pdbx_unobs_or_zero_occ_residues.label_comp_id 
_pdbx_unobs_or_zero_occ_residues.label_seq_id 
1 1 Y 1 A SER 1719 ? A SER 1 
2 1 Y 1 A MET 1720 ? A MET 2 
3 1 Y 1 A SER 1721 ? A SER 3 
# 
loop_
_chem_comp_atom.comp_id 
_chem_comp_atom.atom_id 
_chem_comp_atom.type_symbol 
_chem_comp_atom.pdbx_aromatic_flag 
_chem_comp_atom.pdbx_stereo_config 
_chem_comp_atom.pdbx_ordinal 
ALA N    N N N 1   
ALA CA   C N S 2   
ALA C    C N N 3   
ALA O    O N N 4   
ALA CB   C N N 5   
ALA OXT  O N N 6   
ALA H    H N N 7   
ALA H2   H N N 8   
ALA HA   H N N 9   
ALA HB1  H N N 10  
ALA HB2  H N N 11  
ALA HB3  H N N 12  
ALA HXT  H N N 13  
ARG N    N N N 14  
ARG CA   C N S 15  
ARG C    C N N 16  
ARG O    O N N 17  
ARG CB   C N N 18  
ARG CG   C N N 19  
ARG CD   C N N 20  
ARG NE   N N N 21  
ARG CZ   C N N 22  
ARG NH1  N N N 23  
ARG NH2  N N N 24  
ARG OXT  O N N 25  
ARG H    H N N 26  
ARG H2   H N N 27  
ARG HA   H N N 28  
ARG HB2  H N N 29  
ARG HB3  H N N 30  
ARG HG2  H N N 31  
ARG HG3  H N N 32  
ARG HD2  H N N 33  
ARG HD3  H N N 34  
ARG HE   H N N 35  
ARG HH11 H N N 36  
ARG HH12 H N N 37  
ARG HH21 H N N 38  
ARG HH22 H N N 39  
ARG HXT  H N N 40  
ASN N    N N N 41  
ASN CA   C N S 42  
ASN C    C N N 43  
ASN O    O N N 44  
ASN CB   C N N 45  
ASN CG   C N N 46  
ASN OD1  O N N 47  
ASN ND2  N N N 48  
ASN OXT  O N N 49  
ASN H    H N N 50  
ASN H2   H N N 51  
ASN HA   H N N 52  
ASN HB2  H N N 53  
ASN HB3  H N N 54  
ASN HD21 H N N 55  
ASN HD22 H N N 56  
ASN HXT  H N N 57  
ASP N    N N N 58  
ASP CA   C N S 59  
ASP C    C N N 60  
ASP O    O N N 61  
ASP CB   C N N 62  
ASP CG   C N N 63  
ASP OD1  O N N 64  
ASP OD2  O N N 65  
ASP OXT  O N N 66  
ASP H    H N N 67  
ASP H2   H N N 68  
ASP HA   H N N 69  
ASP HB2  H N N 70  
ASP HB3  H N N 71  
ASP HD2  H N N 72  
ASP HXT  H N N 73  
CYS N    N N N 74  
CYS CA   C N R 75  
CYS C    C N N 76  
CYS O    O N N 77  
CYS CB   C N N 78  
CYS SG   S N N 79  
CYS OXT  O N N 80  
CYS H    H N N 81  
CYS H2   H N N 82  
CYS HA   H N N 83  
CYS HB2  H N N 84  
CYS HB3  H N N 85  
CYS HG   H N N 86  
CYS HXT  H N N 87  
EDO C1   C N N 88  
EDO O1   O N N 89  
EDO C2   C N N 90  
EDO O2   O N N 91  
EDO H11  H N N 92  
EDO H12  H N N 93  
EDO HO1  H N N 94  
EDO H21  H N N 95  
EDO H22  H N N 96  
EDO HO2  H N N 97  
GLN N    N N N 98  
GLN CA   C N S 99  
GLN C    C N N 100 
GLN O    O N N 101 
GLN CB   C N N 102 
GLN CG   C N N 103 
GLN CD   C N N 104 
GLN OE1  O N N 105 
GLN NE2  N N N 106 
GLN OXT  O N N 107 
GLN H    H N N 108 
GLN H2   H N N 109 
GLN HA   H N N 110 
GLN HB2  H N N 111 
GLN HB3  H N N 112 
GLN HG2  H N N 113 
GLN HG3  H N N 114 
GLN HE21 H N N 115 
GLN HE22 H N N 116 
GLN HXT  H N N 117 
GLU N    N N N 118 
GLU CA   C N S 119 
GLU C    C N N 120 
GLU O    O N N 121 
GLU CB   C N N 122 
GLU CG   C N N 123 
GLU CD   C N N 124 
GLU OE1  O N N 125 
GLU OE2  O N N 126 
GLU OXT  O N N 127 
GLU H    H N N 128 
GLU H2   H N N 129 
GLU HA   H N N 130 
GLU HB2  H N N 131 
GLU HB3  H N N 132 
GLU HG2  H N N 133 
GLU HG3  H N N 134 
GLU HE2  H N N 135 
GLU HXT  H N N 136 
GLY N    N N N 137 
GLY CA   C N N 138 
GLY C    C N N 139 
GLY O    O N N 140 
GLY OXT  O N N 141 
GLY H    H N N 142 
GLY H2   H N N 143 
GLY HA2  H N N 144 
GLY HA3  H N N 145 
GLY HXT  H N N 146 
HOH O    O N N 147 
HOH H1   H N N 148 
HOH H2   H N N 149 
ILE N    N N N 150 
ILE CA   C N S 151 
ILE C    C N N 152 
ILE O    O N N 153 
ILE CB   C N S 154 
ILE CG1  C N N 155 
ILE CG2  C N N 156 
ILE CD1  C N N 157 
ILE OXT  O N N 158 
ILE H    H N N 159 
ILE H2   H N N 160 
ILE HA   H N N 161 
ILE HB   H N N 162 
ILE HG12 H N N 163 
ILE HG13 H N N 164 
ILE HG21 H N N 165 
ILE HG22 H N N 166 
ILE HG23 H N N 167 
ILE HD11 H N N 168 
ILE HD12 H N N 169 
ILE HD13 H N N 170 
ILE HXT  H N N 171 
LEU N    N N N 172 
LEU CA   C N S 173 
LEU C    C N N 174 
LEU O    O N N 175 
LEU CB   C N N 176 
LEU CG   C N N 177 
LEU CD1  C N N 178 
LEU CD2  C N N 179 
LEU OXT  O N N 180 
LEU H    H N N 181 
LEU H2   H N N 182 
LEU HA   H N N 183 
LEU HB2  H N N 184 
LEU HB3  H N N 185 
LEU HG   H N N 186 
LEU HD11 H N N 187 
LEU HD12 H N N 188 
LEU HD13 H N N 189 
LEU HD21 H N N 190 
LEU HD22 H N N 191 
LEU HD23 H N N 192 
LEU HXT  H N N 193 
LYS N    N N N 194 
LYS CA   C N S 195 
LYS C    C N N 196 
LYS O    O N N 197 
LYS CB   C N N 198 
LYS CG   C N N 199 
LYS CD   C N N 200 
LYS CE   C N N 201 
LYS NZ   N N N 202 
LYS OXT  O N N 203 
LYS H    H N N 204 
LYS H2   H N N 205 
LYS HA   H N N 206 
LYS HB2  H N N 207 
LYS HB3  H N N 208 
LYS HG2  H N N 209 
LYS HG3  H N N 210 
LYS HD2  H N N 211 
LYS HD3  H N N 212 
LYS HE2  H N N 213 
LYS HE3  H N N 214 
LYS HZ1  H N N 215 
LYS HZ2  H N N 216 
LYS HZ3  H N N 217 
LYS HXT  H N N 218 
MET N    N N N 219 
MET CA   C N S 220 
MET C    C N N 221 
MET O    O N N 222 
MET CB   C N N 223 
MET CG   C N N 224 
MET SD   S N N 225 
MET CE   C N N 226 
MET OXT  O N N 227 
MET H    H N N 228 
MET H2   H N N 229 
MET HA   H N N 230 
MET HB2  H N N 231 
MET HB3  H N N 232 
MET HG2  H N N 233 
MET HG3  H N N 234 
MET HE1  H N N 235 
MET HE2  H N N 236 
MET HE3  H N N 237 
MET HXT  H N N 238 
PHE N    N N N 239 
PHE CA   C N S 240 
PHE C    C N N 241 
PHE O    O N N 242 
PHE CB   C N N 243 
PHE CG   C Y N 244 
PHE CD1  C Y N 245 
PHE CD2  C Y N 246 
PHE CE1  C Y N 247 
PHE CE2  C Y N 248 
PHE CZ   C Y N 249 
PHE OXT  O N N 250 
PHE H    H N N 251 
PHE H2   H N N 252 
PHE HA   H N N 253 
PHE HB2  H N N 254 
PHE HB3  H N N 255 
PHE HD1  H N N 256 
PHE HD2  H N N 257 
PHE HE1  H N N 258 
PHE HE2  H N N 259 
PHE HZ   H N N 260 
PHE HXT  H N N 261 
PRO N    N N N 262 
PRO CA   C N S 263 
PRO C    C N N 264 
PRO O    O N N 265 
PRO CB   C N N 266 
PRO CG   C N N 267 
PRO CD   C N N 268 
PRO OXT  O N N 269 
PRO H    H N N 270 
PRO HA   H N N 271 
PRO HB2  H N N 272 
PRO HB3  H N N 273 
PRO HG2  H N N 274 
PRO HG3  H N N 275 
PRO HD2  H N N 276 
PRO HD3  H N N 277 
PRO HXT  H N N 278 
SER N    N N N 279 
SER CA   C N S 280 
SER C    C N N 281 
SER O    O N N 282 
SER CB   C N N 283 
SER OG   O N N 284 
SER OXT  O N N 285 
SER H    H N N 286 
SER H2   H N N 287 
SER HA   H N N 288 
SER HB2  H N N 289 
SER HB3  H N N 290 
SER HG   H N N 291 
SER HXT  H N N 292 
THR N    N N N 293 
THR CA   C N S 294 
THR C    C N N 295 
THR O    O N N 296 
THR CB   C N R 297 
THR OG1  O N N 298 
THR CG2  C N N 299 
THR OXT  O N N 300 
THR H    H N N 301 
THR H2   H N N 302 
THR HA   H N N 303 
THR HB   H N N 304 
THR HG1  H N N 305 
THR HG21 H N N 306 
THR HG22 H N N 307 
THR HG23 H N N 308 
THR HXT  H N N 309 
TYR N    N N N 310 
TYR CA   C N S 311 
TYR C    C N N 312 
TYR O    O N N 313 
TYR CB   C N N 314 
TYR CG   C Y N 315 
TYR CD1  C Y N 316 
TYR CD2  C Y N 317 
TYR CE1  C Y N 318 
TYR CE2  C Y N 319 
TYR CZ   C Y N 320 
TYR OH   O N N 321 
TYR OXT  O N N 322 
TYR H    H N N 323 
TYR H2   H N N 324 
TYR HA   H N N 325 
TYR HB2  H N N 326 
TYR HB3  H N N 327 
TYR HD1  H N N 328 
TYR HD2  H N N 329 
TYR HE1  H N N 330 
TYR HE2  H N N 331 
TYR HH   H N N 332 
TYR HXT  H N N 333 
VAL N    N N N 334 
VAL CA   C N S 335 
VAL C    C N N 336 
VAL O    O N N 337 
VAL CB   C N N 338 
VAL CG1  C N N 339 
VAL CG2  C N N 340 
VAL OXT  O N N 341 
VAL H    H N N 342 
VAL H2   H N N 343 
VAL HA   H N N 344 
VAL HB   H N N 345 
VAL HG11 H N N 346 
VAL HG12 H N N 347 
VAL HG13 H N N 348 
VAL HG21 H N N 349 
VAL HG22 H N N 350 
VAL HG23 H N N 351 
VAL HXT  H N N 352 
# 
loop_
_chem_comp_bond.comp_id 
_chem_comp_bond.atom_id_1 
_chem_comp_bond.atom_id_2 
_chem_comp_bond.value_order 
_chem_comp_bond.pdbx_aromatic_flag 
_chem_comp_bond.pdbx_stereo_config 
_chem_comp_bond.pdbx_ordinal 
ALA N   CA   sing N N 1   
ALA N   H    sing N N 2   
ALA N   H2   sing N N 3   
ALA CA  C    sing N N 4   
ALA CA  CB   sing N N 5   
ALA CA  HA   sing N N 6   
ALA C   O    doub N N 7   
ALA C   OXT  sing N N 8   
ALA CB  HB1  sing N N 9   
ALA CB  HB2  sing N N 10  
ALA CB  HB3  sing N N 11  
ALA OXT HXT  sing N N 12  
ARG N   CA   sing N N 13  
ARG N   H    sing N N 14  
ARG N   H2   sing N N 15  
ARG CA  C    sing N N 16  
ARG CA  CB   sing N N 17  
ARG CA  HA   sing N N 18  
ARG C   O    doub N N 19  
ARG C   OXT  sing N N 20  
ARG CB  CG   sing N N 21  
ARG CB  HB2  sing N N 22  
ARG CB  HB3  sing N N 23  
ARG CG  CD   sing N N 24  
ARG CG  HG2  sing N N 25  
ARG CG  HG3  sing N N 26  
ARG CD  NE   sing N N 27  
ARG CD  HD2  sing N N 28  
ARG CD  HD3  sing N N 29  
ARG NE  CZ   sing N N 30  
ARG NE  HE   sing N N 31  
ARG CZ  NH1  sing N N 32  
ARG CZ  NH2  doub N N 33  
ARG NH1 HH11 sing N N 34  
ARG NH1 HH12 sing N N 35  
ARG NH2 HH21 sing N N 36  
ARG NH2 HH22 sing N N 37  
ARG OXT HXT  sing N N 38  
ASN N   CA   sing N N 39  
ASN N   H    sing N N 40  
ASN N   H2   sing N N 41  
ASN CA  C    sing N N 42  
ASN CA  CB   sing N N 43  
ASN CA  HA   sing N N 44  
ASN C   O    doub N N 45  
ASN C   OXT  sing N N 46  
ASN CB  CG   sing N N 47  
ASN CB  HB2  sing N N 48  
ASN CB  HB3  sing N N 49  
ASN CG  OD1  doub N N 50  
ASN CG  ND2  sing N N 51  
ASN ND2 HD21 sing N N 52  
ASN ND2 HD22 sing N N 53  
ASN OXT HXT  sing N N 54  
ASP N   CA   sing N N 55  
ASP N   H    sing N N 56  
ASP N   H2   sing N N 57  
ASP CA  C    sing N N 58  
ASP CA  CB   sing N N 59  
ASP CA  HA   sing N N 60  
ASP C   O    doub N N 61  
ASP C   OXT  sing N N 62  
ASP CB  CG   sing N N 63  
ASP CB  HB2  sing N N 64  
ASP CB  HB3  sing N N 65  
ASP CG  OD1  doub N N 66  
ASP CG  OD2  sing N N 67  
ASP OD2 HD2  sing N N 68  
ASP OXT HXT  sing N N 69  
CYS N   CA   sing N N 70  
CYS N   H    sing N N 71  
CYS N   H2   sing N N 72  
CYS CA  C    sing N N 73  
CYS CA  CB   sing N N 74  
CYS CA  HA   sing N N 75  
CYS C   O    doub N N 76  
CYS C   OXT  sing N N 77  
CYS CB  SG   sing N N 78  
CYS CB  HB2  sing N N 79  
CYS CB  HB3  sing N N 80  
CYS SG  HG   sing N N 81  
CYS OXT HXT  sing N N 82  
EDO C1  O1   sing N N 83  
EDO C1  C2   sing N N 84  
EDO C1  H11  sing N N 85  
EDO C1  H12  sing N N 86  
EDO O1  HO1  sing N N 87  
EDO C2  O2   sing N N 88  
EDO C2  H21  sing N N 89  
EDO C2  H22  sing N N 90  
EDO O2  HO2  sing N N 91  
GLN N   CA   sing N N 92  
GLN N   H    sing N N 93  
GLN N   H2   sing N N 94  
GLN CA  C    sing N N 95  
GLN CA  CB   sing N N 96  
GLN CA  HA   sing N N 97  
GLN C   O    doub N N 98  
GLN C   OXT  sing N N 99  
GLN CB  CG   sing N N 100 
GLN CB  HB2  sing N N 101 
GLN CB  HB3  sing N N 102 
GLN CG  CD   sing N N 103 
GLN CG  HG2  sing N N 104 
GLN CG  HG3  sing N N 105 
GLN CD  OE1  doub N N 106 
GLN CD  NE2  sing N N 107 
GLN NE2 HE21 sing N N 108 
GLN NE2 HE22 sing N N 109 
GLN OXT HXT  sing N N 110 
GLU N   CA   sing N N 111 
GLU N   H    sing N N 112 
GLU N   H2   sing N N 113 
GLU CA  C    sing N N 114 
GLU CA  CB   sing N N 115 
GLU CA  HA   sing N N 116 
GLU C   O    doub N N 117 
GLU C   OXT  sing N N 118 
GLU CB  CG   sing N N 119 
GLU CB  HB2  sing N N 120 
GLU CB  HB3  sing N N 121 
GLU CG  CD   sing N N 122 
GLU CG  HG2  sing N N 123 
GLU CG  HG3  sing N N 124 
GLU CD  OE1  doub N N 125 
GLU CD  OE2  sing N N 126 
GLU OE2 HE2  sing N N 127 
GLU OXT HXT  sing N N 128 
GLY N   CA   sing N N 129 
GLY N   H    sing N N 130 
GLY N   H2   sing N N 131 
GLY CA  C    sing N N 132 
GLY CA  HA2  sing N N 133 
GLY CA  HA3  sing N N 134 
GLY C   O    doub N N 135 
GLY C   OXT  sing N N 136 
GLY OXT HXT  sing N N 137 
HOH O   H1   sing N N 138 
HOH O   H2   sing N N 139 
ILE N   CA   sing N N 140 
ILE N   H    sing N N 141 
ILE N   H2   sing N N 142 
ILE CA  C    sing N N 143 
ILE CA  CB   sing N N 144 
ILE CA  HA   sing N N 145 
ILE C   O    doub N N 146 
ILE C   OXT  sing N N 147 
ILE CB  CG1  sing N N 148 
ILE CB  CG2  sing N N 149 
ILE CB  HB   sing N N 150 
ILE CG1 CD1  sing N N 151 
ILE CG1 HG12 sing N N 152 
ILE CG1 HG13 sing N N 153 
ILE CG2 HG21 sing N N 154 
ILE CG2 HG22 sing N N 155 
ILE CG2 HG23 sing N N 156 
ILE CD1 HD11 sing N N 157 
ILE CD1 HD12 sing N N 158 
ILE CD1 HD13 sing N N 159 
ILE OXT HXT  sing N N 160 
LEU N   CA   sing N N 161 
LEU N   H    sing N N 162 
LEU N   H2   sing N N 163 
LEU CA  C    sing N N 164 
LEU CA  CB   sing N N 165 
LEU CA  HA   sing N N 166 
LEU C   O    doub N N 167 
LEU C   OXT  sing N N 168 
LEU CB  CG   sing N N 169 
LEU CB  HB2  sing N N 170 
LEU CB  HB3  sing N N 171 
LEU CG  CD1  sing N N 172 
LEU CG  CD2  sing N N 173 
LEU CG  HG   sing N N 174 
LEU CD1 HD11 sing N N 175 
LEU CD1 HD12 sing N N 176 
LEU CD1 HD13 sing N N 177 
LEU CD2 HD21 sing N N 178 
LEU CD2 HD22 sing N N 179 
LEU CD2 HD23 sing N N 180 
LEU OXT HXT  sing N N 181 
LYS N   CA   sing N N 182 
LYS N   H    sing N N 183 
LYS N   H2   sing N N 184 
LYS CA  C    sing N N 185 
LYS CA  CB   sing N N 186 
LYS CA  HA   sing N N 187 
LYS C   O    doub N N 188 
LYS C   OXT  sing N N 189 
LYS CB  CG   sing N N 190 
LYS CB  HB2  sing N N 191 
LYS CB  HB3  sing N N 192 
LYS CG  CD   sing N N 193 
LYS CG  HG2  sing N N 194 
LYS CG  HG3  sing N N 195 
LYS CD  CE   sing N N 196 
LYS CD  HD2  sing N N 197 
LYS CD  HD3  sing N N 198 
LYS CE  NZ   sing N N 199 
LYS CE  HE2  sing N N 200 
LYS CE  HE3  sing N N 201 
LYS NZ  HZ1  sing N N 202 
LYS NZ  HZ2  sing N N 203 
LYS NZ  HZ3  sing N N 204 
LYS OXT HXT  sing N N 205 
MET N   CA   sing N N 206 
MET N   H    sing N N 207 
MET N   H2   sing N N 208 
MET CA  C    sing N N 209 
MET CA  CB   sing N N 210 
MET CA  HA   sing N N 211 
MET C   O    doub N N 212 
MET C   OXT  sing N N 213 
MET CB  CG   sing N N 214 
MET CB  HB2  sing N N 215 
MET CB  HB3  sing N N 216 
MET CG  SD   sing N N 217 
MET CG  HG2  sing N N 218 
MET CG  HG3  sing N N 219 
MET SD  CE   sing N N 220 
MET CE  HE1  sing N N 221 
MET CE  HE2  sing N N 222 
MET CE  HE3  sing N N 223 
MET OXT HXT  sing N N 224 
PHE N   CA   sing N N 225 
PHE N   H    sing N N 226 
PHE N   H2   sing N N 227 
PHE CA  C    sing N N 228 
PHE CA  CB   sing N N 229 
PHE CA  HA   sing N N 230 
PHE C   O    doub N N 231 
PHE C   OXT  sing N N 232 
PHE CB  CG   sing N N 233 
PHE CB  HB2  sing N N 234 
PHE CB  HB3  sing N N 235 
PHE CG  CD1  doub Y N 236 
PHE CG  CD2  sing Y N 237 
PHE CD1 CE1  sing Y N 238 
PHE CD1 HD1  sing N N 239 
PHE CD2 CE2  doub Y N 240 
PHE CD2 HD2  sing N N 241 
PHE CE1 CZ   doub Y N 242 
PHE CE1 HE1  sing N N 243 
PHE CE2 CZ   sing Y N 244 
PHE CE2 HE2  sing N N 245 
PHE CZ  HZ   sing N N 246 
PHE OXT HXT  sing N N 247 
PRO N   CA   sing N N 248 
PRO N   CD   sing N N 249 
PRO N   H    sing N N 250 
PRO CA  C    sing N N 251 
PRO CA  CB   sing N N 252 
PRO CA  HA   sing N N 253 
PRO C   O    doub N N 254 
PRO C   OXT  sing N N 255 
PRO CB  CG   sing N N 256 
PRO CB  HB2  sing N N 257 
PRO CB  HB3  sing N N 258 
PRO CG  CD   sing N N 259 
PRO CG  HG2  sing N N 260 
PRO CG  HG3  sing N N 261 
PRO CD  HD2  sing N N 262 
PRO CD  HD3  sing N N 263 
PRO OXT HXT  sing N N 264 
SER N   CA   sing N N 265 
SER N   H    sing N N 266 
SER N   H2   sing N N 267 
SER CA  C    sing N N 268 
SER CA  CB   sing N N 269 
SER CA  HA   sing N N 270 
SER C   O    doub N N 271 
SER C   OXT  sing N N 272 
SER CB  OG   sing N N 273 
SER CB  HB2  sing N N 274 
SER CB  HB3  sing N N 275 
SER OG  HG   sing N N 276 
SER OXT HXT  sing N N 277 
THR N   CA   sing N N 278 
THR N   H    sing N N 279 
THR N   H2   sing N N 280 
THR CA  C    sing N N 281 
THR CA  CB   sing N N 282 
THR CA  HA   sing N N 283 
THR C   O    doub N N 284 
THR C   OXT  sing N N 285 
THR CB  OG1  sing N N 286 
THR CB  CG2  sing N N 287 
THR CB  HB   sing N N 288 
THR OG1 HG1  sing N N 289 
THR CG2 HG21 sing N N 290 
THR CG2 HG22 sing N N 291 
THR CG2 HG23 sing N N 292 
THR OXT HXT  sing N N 293 
TYR N   CA   sing N N 294 
TYR N   H    sing N N 295 
TYR N   H2   sing N N 296 
TYR CA  C    sing N N 297 
TYR CA  CB   sing N N 298 
TYR CA  HA   sing N N 299 
TYR C   O    doub N N 300 
TYR C   OXT  sing N N 301 
TYR CB  CG   sing N N 302 
TYR CB  HB2  sing N N 303 
TYR CB  HB3  sing N N 304 
TYR CG  CD1  doub Y N 305 
TYR CG  CD2  sing Y N 306 
TYR CD1 CE1  sing Y N 307 
TYR CD1 HD1  sing N N 308 
TYR CD2 CE2  doub Y N 309 
TYR CD2 HD2  sing N N 310 
TYR CE1 CZ   doub Y N 311 
TYR CE1 HE1  sing N N 312 
TYR CE2 CZ   sing Y N 313 
TYR CE2 HE2  sing N N 314 
TYR CZ  OH   sing N N 315 
TYR OH  HH   sing N N 316 
TYR OXT HXT  sing N N 317 
VAL N   CA   sing N N 318 
VAL N   H    sing N N 319 
VAL N   H2   sing N N 320 
VAL CA  C    sing N N 321 
VAL CA  CB   sing N N 322 
VAL CA  HA   sing N N 323 
VAL C   O    doub N N 324 
VAL C   OXT  sing N N 325 
VAL CB  CG1  sing N N 326 
VAL CB  CG2  sing N N 327 
VAL CB  HB   sing N N 328 
VAL CG1 HG11 sing N N 329 
VAL CG1 HG12 sing N N 330 
VAL CG1 HG13 sing N N 331 
VAL CG2 HG21 sing N N 332 
VAL CG2 HG22 sing N N 333 
VAL CG2 HG23 sing N N 334 
VAL OXT HXT  sing N N 335 
# 
loop_
_pdbx_entity_nonpoly.entity_id 
_pdbx_entity_nonpoly.name 
_pdbx_entity_nonpoly.comp_id 
2 1,2-ETHANEDIOL EDO 
3 water          HOH 
# 
loop_
_pdbx_initial_refinement_model.id 
_pdbx_initial_refinement_model.entity_id_list 
_pdbx_initial_refinement_model.type 
_pdbx_initial_refinement_model.source_name 
_pdbx_initial_refinement_model.accession_code 
_pdbx_initial_refinement_model.details 
1 ? 'experimental model' PDB 2HE2 'PDB entries 2HE2, 1TP3' 
2 ? 'experimental model' PDB 1TP3 'PDB entries 2HE2, 1TP3' 
# 
